data_4NPX
# 
_entry.id   4NPX 
# 
_audit_conform.dict_name       mmcif_pdbx.dic 
_audit_conform.dict_version    5.399 
_audit_conform.dict_location   http://mmcif.pdb.org/dictionaries/ascii/mmcif_pdbx.dic 
# 
loop_
_database_2.database_id 
_database_2.database_code 
_database_2.pdbx_database_accession 
_database_2.pdbx_DOI 
PDB   4NPX         pdb_00004npx 10.2210/pdb4npx/pdb 
RCSB  RCSB083508   ?            ?                   
WWPDB D_1000083508 ?            ?                   
# 
loop_
_pdbx_audit_revision_history.ordinal 
_pdbx_audit_revision_history.data_content_type 
_pdbx_audit_revision_history.major_revision 
_pdbx_audit_revision_history.minor_revision 
_pdbx_audit_revision_history.revision_date 
1 'Structure model' 1 0 2014-01-01 
2 'Structure model' 1 1 2014-05-07 
3 'Structure model' 1 2 2014-08-13 
4 'Structure model' 1 3 2017-11-22 
5 'Structure model' 1 4 2018-01-24 
6 'Structure model' 1 5 2024-11-20 
# 
_pdbx_audit_revision_details.ordinal             1 
_pdbx_audit_revision_details.revision_ordinal    1 
_pdbx_audit_revision_details.data_content_type   'Structure model' 
_pdbx_audit_revision_details.provider            repository 
_pdbx_audit_revision_details.type                'Initial release' 
_pdbx_audit_revision_details.description         ? 
_pdbx_audit_revision_details.details             ? 
# 
loop_
_pdbx_audit_revision_group.ordinal 
_pdbx_audit_revision_group.revision_ordinal 
_pdbx_audit_revision_group.data_content_type 
_pdbx_audit_revision_group.group 
1 2 'Structure model' 'Structure summary'      
2 3 'Structure model' 'Structure summary'      
3 4 'Structure model' 'Refinement description' 
4 5 'Structure model' 'Database references'    
5 6 'Structure model' 'Data collection'        
6 6 'Structure model' 'Database references'    
7 6 'Structure model' 'Derived calculations'   
8 6 'Structure model' 'Structure summary'      
# 
loop_
_pdbx_audit_revision_category.ordinal 
_pdbx_audit_revision_category.revision_ordinal 
_pdbx_audit_revision_category.data_content_type 
_pdbx_audit_revision_category.category 
1 4 'Structure model' software                  
2 5 'Structure model' citation_author           
3 6 'Structure model' chem_comp_atom            
4 6 'Structure model' chem_comp_bond            
5 6 'Structure model' database_2                
6 6 'Structure model' pdbx_entry_details        
7 6 'Structure model' pdbx_modification_feature 
8 6 'Structure model' struct_conn               
9 6 'Structure model' struct_ref_seq_dif        
# 
loop_
_pdbx_audit_revision_item.ordinal 
_pdbx_audit_revision_item.revision_ordinal 
_pdbx_audit_revision_item.data_content_type 
_pdbx_audit_revision_item.item 
1 4 'Structure model' '_software.name'                      
2 5 'Structure model' '_citation_author.name'               
3 6 'Structure model' '_database_2.pdbx_DOI'                
4 6 'Structure model' '_database_2.pdbx_database_accession' 
5 6 'Structure model' '_struct_conn.pdbx_leaving_atom_flag' 
6 6 'Structure model' '_struct_ref_seq_dif.details'         
# 
_pdbx_database_status.status_code                     REL 
_pdbx_database_status.entry_id                        4NPX 
_pdbx_database_status.recvd_initial_deposition_date   2013-11-22 
_pdbx_database_status.deposit_site                    RCSB 
_pdbx_database_status.process_site                    RCSB 
_pdbx_database_status.status_code_sf                  REL 
_pdbx_database_status.status_code_mr                  ? 
_pdbx_database_status.SG_entry                        Y 
_pdbx_database_status.status_code_cs                  ? 
_pdbx_database_status.methods_development_category    ? 
_pdbx_database_status.pdb_format_compatible           Y 
_pdbx_database_status.status_code_nmr_data            ? 
# 
_pdbx_database_related.db_name        TargetTrack 
_pdbx_database_related.db_id          MCSG-APC102504 
_pdbx_database_related.details        . 
_pdbx_database_related.content_type   unspecified 
# 
loop_
_audit_author.name 
_audit_author.pdbx_ordinal 
'Filippova, E.V.'                                                        1  
'Minasov, G.'                                                            2  
'Shuvalova, L.'                                                          3  
'Kiryukhina, O.'                                                         4  
'Adkins, J.N.'                                                           5  
'Endres, M.'                                                             6  
'Nissen, M.'                                                             7  
'Konkel, M.'                                                             8  
'Joachimiak, A.'                                                         9  
'Anderson, W.F.'                                                         10 
'Midwest Center for Structural Genomics (MCSG)'                          11 
'Program for the Characterization of Secreted Effector Proteins (PCSEP)' 12 
# 
_citation.id                        primary 
_citation.title                     'Structure of hypothetical protein Cj0539 from Campylobacter jejuni' 
_citation.journal_abbrev            'To be Published' 
_citation.journal_volume            ? 
_citation.page_first                ? 
_citation.page_last                 ? 
_citation.year                      ? 
_citation.journal_id_ASTM           ? 
_citation.country                   ? 
_citation.journal_id_ISSN           ? 
_citation.journal_id_CSD            0353 
_citation.book_publisher            ? 
_citation.pdbx_database_id_PubMed   ? 
_citation.pdbx_database_id_DOI      ? 
# 
loop_
_citation_author.citation_id 
_citation_author.name 
_citation_author.ordinal 
_citation_author.identifier_ORCID 
primary 'Filippova, E.V.'                                                        1  ? 
primary 'Minasov, G.'                                                            2  ? 
primary 'Shuvalova, L.'                                                          3  ? 
primary 'Kiryukhina, O.'                                                         4  ? 
primary 'Adkins, J.N.'                                                           5  ? 
primary 'Endres, M.'                                                             6  ? 
primary 'Nissen, M.'                                                             7  ? 
primary 'Konkel, M.'                                                             8  ? 
primary 'Joachimiak, A.'                                                         9  ? 
primary 'Anderson, W.F.'                                                         10 ? 
primary 'Midwest Center for Structural Genomics (MCSG)'                          11 ? 
primary 'Program for the Characterization of Secreted Effector Proteins (PCSEP)' 12 ? 
# 
loop_
_entity.id 
_entity.type 
_entity.src_method 
_entity.pdbx_description 
_entity.formula_weight 
_entity.pdbx_number_of_molecules 
_entity.pdbx_ec 
_entity.pdbx_mutation 
_entity.pdbx_fragment 
_entity.details 
1 polymer man 'Putative uncharacterized protein' 13572.496 1  ? ? ? ? 
2 water   nat water                              18.015    38 ? ? ? ? 
# 
_entity_poly.entity_id                      1 
_entity_poly.type                           'polypeptide(L)' 
_entity_poly.nstd_linkage                   no 
_entity_poly.nstd_monomer                   yes 
_entity_poly.pdbx_seq_one_letter_code       
;(MSE)HHHHHHSSGVDLWSHPQFEKGTENLYFQSNADE(MSE)FNKTPKEKFIEIIQNGNLGALEKVFEEFFADHIA
(MSE)VELLEKQGLTE(MSE)DVKNFILENGDFIEERQNDIYIELGAKILGHEG
;
_entity_poly.pdbx_seq_one_letter_code_can   
;MHHHHHHSSGVDLWSHPQFEKGTENLYFQSNADEMFNKTPKEKFIEIIQNGNLGALEKVFEEFFADHIAMVELLEKQGLT
EMDVKNFILENGDFIEERQNDIYIELGAKILGHEG
;
_entity_poly.pdbx_strand_id                 A 
_entity_poly.pdbx_target_identifier         MCSG-APC102504 
# 
_pdbx_entity_nonpoly.entity_id   2 
_pdbx_entity_nonpoly.name        water 
_pdbx_entity_nonpoly.comp_id     HOH 
# 
loop_
_entity_poly_seq.entity_id 
_entity_poly_seq.num 
_entity_poly_seq.mon_id 
_entity_poly_seq.hetero 
1 1   MSE n 
1 2   HIS n 
1 3   HIS n 
1 4   HIS n 
1 5   HIS n 
1 6   HIS n 
1 7   HIS n 
1 8   SER n 
1 9   SER n 
1 10  GLY n 
1 11  VAL n 
1 12  ASP n 
1 13  LEU n 
1 14  TRP n 
1 15  SER n 
1 16  HIS n 
1 17  PRO n 
1 18  GLN n 
1 19  PHE n 
1 20  GLU n 
1 21  LYS n 
1 22  GLY n 
1 23  THR n 
1 24  GLU n 
1 25  ASN n 
1 26  LEU n 
1 27  TYR n 
1 28  PHE n 
1 29  GLN n 
1 30  SER n 
1 31  ASN n 
1 32  ALA n 
1 33  ASP n 
1 34  GLU n 
1 35  MSE n 
1 36  PHE n 
1 37  ASN n 
1 38  LYS n 
1 39  THR n 
1 40  PRO n 
1 41  LYS n 
1 42  GLU n 
1 43  LYS n 
1 44  PHE n 
1 45  ILE n 
1 46  GLU n 
1 47  ILE n 
1 48  ILE n 
1 49  GLN n 
1 50  ASN n 
1 51  GLY n 
1 52  ASN n 
1 53  LEU n 
1 54  GLY n 
1 55  ALA n 
1 56  LEU n 
1 57  GLU n 
1 58  LYS n 
1 59  VAL n 
1 60  PHE n 
1 61  GLU n 
1 62  GLU n 
1 63  PHE n 
1 64  PHE n 
1 65  ALA n 
1 66  ASP n 
1 67  HIS n 
1 68  ILE n 
1 69  ALA n 
1 70  MSE n 
1 71  VAL n 
1 72  GLU n 
1 73  LEU n 
1 74  LEU n 
1 75  GLU n 
1 76  LYS n 
1 77  GLN n 
1 78  GLY n 
1 79  LEU n 
1 80  THR n 
1 81  GLU n 
1 82  MSE n 
1 83  ASP n 
1 84  VAL n 
1 85  LYS n 
1 86  ASN n 
1 87  PHE n 
1 88  ILE n 
1 89  LEU n 
1 90  GLU n 
1 91  ASN n 
1 92  GLY n 
1 93  ASP n 
1 94  PHE n 
1 95  ILE n 
1 96  GLU n 
1 97  GLU n 
1 98  ARG n 
1 99  GLN n 
1 100 ASN n 
1 101 ASP n 
1 102 ILE n 
1 103 TYR n 
1 104 ILE n 
1 105 GLU n 
1 106 LEU n 
1 107 GLY n 
1 108 ALA n 
1 109 LYS n 
1 110 ILE n 
1 111 LEU n 
1 112 GLY n 
1 113 HIS n 
1 114 GLU n 
1 115 GLY n 
# 
_entity_src_gen.entity_id                          1 
_entity_src_gen.pdbx_src_id                        1 
_entity_src_gen.pdbx_alt_source_flag               sample 
_entity_src_gen.pdbx_seq_type                      ? 
_entity_src_gen.pdbx_beg_seq_num                   ? 
_entity_src_gen.pdbx_end_seq_num                   ? 
_entity_src_gen.gene_src_common_name               ? 
_entity_src_gen.gene_src_genus                     ? 
_entity_src_gen.pdbx_gene_src_gene                 Cj0539 
_entity_src_gen.gene_src_species                   ? 
_entity_src_gen.gene_src_strain                    'NCTC 11168' 
_entity_src_gen.gene_src_tissue                    ? 
_entity_src_gen.gene_src_tissue_fraction           ? 
_entity_src_gen.gene_src_details                   ? 
_entity_src_gen.pdbx_gene_src_fragment             ? 
_entity_src_gen.pdbx_gene_src_scientific_name      'Campylobacter jejuni subsp. jejuni' 
_entity_src_gen.pdbx_gene_src_ncbi_taxonomy_id     192222 
_entity_src_gen.pdbx_gene_src_variant              ? 
_entity_src_gen.pdbx_gene_src_cell_line            ? 
_entity_src_gen.pdbx_gene_src_atcc                 ? 
_entity_src_gen.pdbx_gene_src_organ                ? 
_entity_src_gen.pdbx_gene_src_organelle            ? 
_entity_src_gen.pdbx_gene_src_cell                 ? 
_entity_src_gen.pdbx_gene_src_cellular_location    ? 
_entity_src_gen.host_org_common_name               ? 
_entity_src_gen.pdbx_host_org_scientific_name      'Escherichia coli' 
_entity_src_gen.pdbx_host_org_ncbi_taxonomy_id     469008 
_entity_src_gen.host_org_genus                     ? 
_entity_src_gen.pdbx_host_org_gene                 ? 
_entity_src_gen.pdbx_host_org_organ                ? 
_entity_src_gen.host_org_species                   ? 
_entity_src_gen.pdbx_host_org_tissue               ? 
_entity_src_gen.pdbx_host_org_tissue_fraction      ? 
_entity_src_gen.pdbx_host_org_strain               'BL21(DE3) Magic' 
_entity_src_gen.pdbx_host_org_variant              ? 
_entity_src_gen.pdbx_host_org_cell_line            ? 
_entity_src_gen.pdbx_host_org_atcc                 ? 
_entity_src_gen.pdbx_host_org_culture_collection   ? 
_entity_src_gen.pdbx_host_org_cell                 ? 
_entity_src_gen.pdbx_host_org_organelle            ? 
_entity_src_gen.pdbx_host_org_cellular_location    ? 
_entity_src_gen.pdbx_host_org_vector_type          plasmid 
_entity_src_gen.pdbx_host_org_vector               ? 
_entity_src_gen.host_org_details                   ? 
_entity_src_gen.expression_system_id               ? 
_entity_src_gen.plasmid_name                       pMCSG68 
_entity_src_gen.plasmid_details                    ? 
_entity_src_gen.pdbx_description                   ? 
# 
loop_
_chem_comp.id 
_chem_comp.type 
_chem_comp.mon_nstd_flag 
_chem_comp.name 
_chem_comp.pdbx_synonyms 
_chem_comp.formula 
_chem_comp.formula_weight 
ALA 'L-peptide linking' y ALANINE          ? 'C3 H7 N O2'     89.093  
ARG 'L-peptide linking' y ARGININE         ? 'C6 H15 N4 O2 1' 175.209 
ASN 'L-peptide linking' y ASPARAGINE       ? 'C4 H8 N2 O3'    132.118 
ASP 'L-peptide linking' y 'ASPARTIC ACID'  ? 'C4 H7 N O4'     133.103 
GLN 'L-peptide linking' y GLUTAMINE        ? 'C5 H10 N2 O3'   146.144 
GLU 'L-peptide linking' y 'GLUTAMIC ACID'  ? 'C5 H9 N O4'     147.129 
GLY 'peptide linking'   y GLYCINE          ? 'C2 H5 N O2'     75.067  
HIS 'L-peptide linking' y HISTIDINE        ? 'C6 H10 N3 O2 1' 156.162 
HOH non-polymer         . WATER            ? 'H2 O'           18.015  
ILE 'L-peptide linking' y ISOLEUCINE       ? 'C6 H13 N O2'    131.173 
LEU 'L-peptide linking' y LEUCINE          ? 'C6 H13 N O2'    131.173 
LYS 'L-peptide linking' y LYSINE           ? 'C6 H15 N2 O2 1' 147.195 
MSE 'L-peptide linking' n SELENOMETHIONINE ? 'C5 H11 N O2 Se' 196.106 
PHE 'L-peptide linking' y PHENYLALANINE    ? 'C9 H11 N O2'    165.189 
PRO 'L-peptide linking' y PROLINE          ? 'C5 H9 N O2'     115.130 
SER 'L-peptide linking' y SERINE           ? 'C3 H7 N O3'     105.093 
THR 'L-peptide linking' y THREONINE        ? 'C4 H9 N O3'     119.119 
TRP 'L-peptide linking' y TRYPTOPHAN       ? 'C11 H12 N2 O2'  204.225 
TYR 'L-peptide linking' y TYROSINE         ? 'C9 H11 N O3'    181.189 
VAL 'L-peptide linking' y VALINE           ? 'C5 H11 N O2'    117.146 
# 
loop_
_pdbx_poly_seq_scheme.asym_id 
_pdbx_poly_seq_scheme.entity_id 
_pdbx_poly_seq_scheme.seq_id 
_pdbx_poly_seq_scheme.mon_id 
_pdbx_poly_seq_scheme.ndb_seq_num 
_pdbx_poly_seq_scheme.pdb_seq_num 
_pdbx_poly_seq_scheme.auth_seq_num 
_pdbx_poly_seq_scheme.pdb_mon_id 
_pdbx_poly_seq_scheme.auth_mon_id 
_pdbx_poly_seq_scheme.pdb_strand_id 
_pdbx_poly_seq_scheme.pdb_ins_code 
_pdbx_poly_seq_scheme.hetero 
A 1 1   MSE 1   -27 ?  ?   ?   A . n 
A 1 2   HIS 2   -26 ?  ?   ?   A . n 
A 1 3   HIS 3   -25 ?  ?   ?   A . n 
A 1 4   HIS 4   -24 ?  ?   ?   A . n 
A 1 5   HIS 5   -23 ?  ?   ?   A . n 
A 1 6   HIS 6   -22 ?  ?   ?   A . n 
A 1 7   HIS 7   -21 ?  ?   ?   A . n 
A 1 8   SER 8   -20 ?  ?   ?   A . n 
A 1 9   SER 9   -19 ?  ?   ?   A . n 
A 1 10  GLY 10  -18 ?  ?   ?   A . n 
A 1 11  VAL 11  -17 ?  ?   ?   A . n 
A 1 12  ASP 12  -16 ?  ?   ?   A . n 
A 1 13  LEU 13  -15 ?  ?   ?   A . n 
A 1 14  TRP 14  -14 ?  ?   ?   A . n 
A 1 15  SER 15  -13 ?  ?   ?   A . n 
A 1 16  HIS 16  -12 ?  ?   ?   A . n 
A 1 17  PRO 17  -11 ?  ?   ?   A . n 
A 1 18  GLN 18  -10 ?  ?   ?   A . n 
A 1 19  PHE 19  -9  ?  ?   ?   A . n 
A 1 20  GLU 20  -8  ?  ?   ?   A . n 
A 1 21  LYS 21  -7  ?  ?   ?   A . n 
A 1 22  GLY 22  -6  ?  ?   ?   A . n 
A 1 23  THR 23  -5  ?  ?   ?   A . n 
A 1 24  GLU 24  -4  ?  ?   ?   A . n 
A 1 25  ASN 25  -3  ?  ?   ?   A . n 
A 1 26  LEU 26  -2  ?  ?   ?   A . n 
A 1 27  TYR 27  -1  ?  ?   ?   A . n 
A 1 28  PHE 28  0   ?  ?   ?   A . n 
A 1 29  GLN 29  1   ?  ?   ?   A . n 
A 1 30  SER 30  2   ?  ?   ?   A . n 
A 1 31  ASN 31  3   ?  ?   ?   A . n 
A 1 32  ALA 32  4   ?  ?   ?   A . n 
A 1 33  ASP 33  5   ?  ?   ?   A . n 
A 1 34  GLU 34  6   ?  ?   ?   A . n 
A 1 35  MSE 35  7   ?  ?   ?   A . n 
A 1 36  PHE 36  8   8  PHE PHE A . n 
A 1 37  ASN 37  9   9  ASN ASN A . n 
A 1 38  LYS 38  10  10 LYS LYS A . n 
A 1 39  THR 39  11  11 THR THR A . n 
A 1 40  PRO 40  12  12 PRO PRO A . n 
A 1 41  LYS 41  13  13 LYS LYS A . n 
A 1 42  GLU 42  14  14 GLU GLU A . n 
A 1 43  LYS 43  15  15 LYS LYS A . n 
A 1 44  PHE 44  16  16 PHE PHE A . n 
A 1 45  ILE 45  17  17 ILE ILE A . n 
A 1 46  GLU 46  18  18 GLU GLU A . n 
A 1 47  ILE 47  19  19 ILE ILE A . n 
A 1 48  ILE 48  20  20 ILE ILE A . n 
A 1 49  GLN 49  21  21 GLN GLN A . n 
A 1 50  ASN 50  22  22 ASN ASN A . n 
A 1 51  GLY 51  23  23 GLY GLY A . n 
A 1 52  ASN 52  24  24 ASN ASN A . n 
A 1 53  LEU 53  25  25 LEU LEU A . n 
A 1 54  GLY 54  26  26 GLY GLY A . n 
A 1 55  ALA 55  27  27 ALA ALA A . n 
A 1 56  LEU 56  28  28 LEU LEU A . n 
A 1 57  GLU 57  29  29 GLU GLU A . n 
A 1 58  LYS 58  30  30 LYS LYS A . n 
A 1 59  VAL 59  31  31 VAL VAL A . n 
A 1 60  PHE 60  32  32 PHE PHE A . n 
A 1 61  GLU 61  33  33 GLU GLU A . n 
A 1 62  GLU 62  34  34 GLU GLU A . n 
A 1 63  PHE 63  35  35 PHE PHE A . n 
A 1 64  PHE 64  36  36 PHE PHE A . n 
A 1 65  ALA 65  37  37 ALA ALA A . n 
A 1 66  ASP 66  38  38 ASP ASP A . n 
A 1 67  HIS 67  39  39 HIS HIS A . n 
A 1 68  ILE 68  40  40 ILE ILE A . n 
A 1 69  ALA 69  41  41 ALA ALA A . n 
A 1 70  MSE 70  42  42 MSE MSE A . n 
A 1 71  VAL 71  43  43 VAL VAL A . n 
A 1 72  GLU 72  44  44 GLU GLU A . n 
A 1 73  LEU 73  45  45 LEU LEU A . n 
A 1 74  LEU 74  46  46 LEU LEU A . n 
A 1 75  GLU 75  47  47 GLU GLU A . n 
A 1 76  LYS 76  48  48 LYS LYS A . n 
A 1 77  GLN 77  49  49 GLN GLN A . n 
A 1 78  GLY 78  50  50 GLY GLY A . n 
A 1 79  LEU 79  51  51 LEU LEU A . n 
A 1 80  THR 80  52  52 THR THR A . n 
A 1 81  GLU 81  53  53 GLU GLU A . n 
A 1 82  MSE 82  54  54 MSE MSE A . n 
A 1 83  ASP 83  55  55 ASP ASP A . n 
A 1 84  VAL 84  56  56 VAL VAL A . n 
A 1 85  LYS 85  57  57 LYS LYS A . n 
A 1 86  ASN 86  58  58 ASN ASN A . n 
A 1 87  PHE 87  59  59 PHE PHE A . n 
A 1 88  ILE 88  60  60 ILE ILE A . n 
A 1 89  LEU 89  61  61 LEU LEU A . n 
A 1 90  GLU 90  62  62 GLU GLU A . n 
A 1 91  ASN 91  63  63 ASN ASN A . n 
A 1 92  GLY 92  64  64 GLY GLY A . n 
A 1 93  ASP 93  65  65 ASP ASP A . n 
A 1 94  PHE 94  66  66 PHE PHE A . n 
A 1 95  ILE 95  67  67 ILE ILE A . n 
A 1 96  GLU 96  68  68 GLU GLU A . n 
A 1 97  GLU 97  69  69 GLU GLU A . n 
A 1 98  ARG 98  70  70 ARG ARG A . n 
A 1 99  GLN 99  71  71 GLN GLN A . n 
A 1 100 ASN 100 72  72 ASN ASN A . n 
A 1 101 ASP 101 73  73 ASP ASP A . n 
A 1 102 ILE 102 74  74 ILE ILE A . n 
A 1 103 TYR 103 75  75 TYR TYR A . n 
A 1 104 ILE 104 76  76 ILE ILE A . n 
A 1 105 GLU 105 77  77 GLU GLU A . n 
A 1 106 LEU 106 78  78 LEU LEU A . n 
A 1 107 GLY 107 79  79 GLY GLY A . n 
A 1 108 ALA 108 80  80 ALA ALA A . n 
A 1 109 LYS 109 81  81 LYS LYS A . n 
A 1 110 ILE 110 82  82 ILE ILE A . n 
A 1 111 LEU 111 83  83 LEU LEU A . n 
A 1 112 GLY 112 84  84 GLY GLY A . n 
A 1 113 HIS 113 85  85 HIS HIS A . n 
A 1 114 GLU 114 86  86 GLU GLU A . n 
A 1 115 GLY 115 87  87 GLY GLY A . n 
# 
loop_
_pdbx_nonpoly_scheme.asym_id 
_pdbx_nonpoly_scheme.entity_id 
_pdbx_nonpoly_scheme.mon_id 
_pdbx_nonpoly_scheme.ndb_seq_num 
_pdbx_nonpoly_scheme.pdb_seq_num 
_pdbx_nonpoly_scheme.auth_seq_num 
_pdbx_nonpoly_scheme.pdb_mon_id 
_pdbx_nonpoly_scheme.auth_mon_id 
_pdbx_nonpoly_scheme.pdb_strand_id 
_pdbx_nonpoly_scheme.pdb_ins_code 
B 2 HOH 1  101 101 HOH HOH A . 
B 2 HOH 2  102 102 HOH HOH A . 
B 2 HOH 3  103 103 HOH HOH A . 
B 2 HOH 4  104 104 HOH HOH A . 
B 2 HOH 5  105 105 HOH HOH A . 
B 2 HOH 6  106 106 HOH HOH A . 
B 2 HOH 7  107 107 HOH HOH A . 
B 2 HOH 8  108 108 HOH HOH A . 
B 2 HOH 9  109 109 HOH HOH A . 
B 2 HOH 10 110 110 HOH HOH A . 
B 2 HOH 11 111 111 HOH HOH A . 
B 2 HOH 12 112 112 HOH HOH A . 
B 2 HOH 13 113 113 HOH HOH A . 
B 2 HOH 14 114 114 HOH HOH A . 
B 2 HOH 15 115 115 HOH HOH A . 
B 2 HOH 16 116 116 HOH HOH A . 
B 2 HOH 17 117 117 HOH HOH A . 
B 2 HOH 18 118 118 HOH HOH A . 
B 2 HOH 19 119 119 HOH HOH A . 
B 2 HOH 20 120 120 HOH HOH A . 
B 2 HOH 21 121 121 HOH HOH A . 
B 2 HOH 22 122 122 HOH HOH A . 
B 2 HOH 23 123 123 HOH HOH A . 
B 2 HOH 24 124 124 HOH HOH A . 
B 2 HOH 25 125 125 HOH HOH A . 
B 2 HOH 26 126 126 HOH HOH A . 
B 2 HOH 27 127 127 HOH HOH A . 
B 2 HOH 28 128 128 HOH HOH A . 
B 2 HOH 29 129 129 HOH HOH A . 
B 2 HOH 30 130 130 HOH HOH A . 
B 2 HOH 31 131 131 HOH HOH A . 
B 2 HOH 32 132 132 HOH HOH A . 
B 2 HOH 33 133 133 HOH HOH A . 
B 2 HOH 34 134 134 HOH HOH A . 
B 2 HOH 35 135 135 HOH HOH A . 
B 2 HOH 36 136 136 HOH HOH A . 
B 2 HOH 37 137 137 HOH HOH A . 
B 2 HOH 38 138 138 HOH HOH A . 
# 
loop_
_pdbx_unobs_or_zero_occ_atoms.id 
_pdbx_unobs_or_zero_occ_atoms.PDB_model_num 
_pdbx_unobs_or_zero_occ_atoms.polymer_flag 
_pdbx_unobs_or_zero_occ_atoms.occupancy_flag 
_pdbx_unobs_or_zero_occ_atoms.auth_asym_id 
_pdbx_unobs_or_zero_occ_atoms.auth_comp_id 
_pdbx_unobs_or_zero_occ_atoms.auth_seq_id 
_pdbx_unobs_or_zero_occ_atoms.PDB_ins_code 
_pdbx_unobs_or_zero_occ_atoms.auth_atom_id 
_pdbx_unobs_or_zero_occ_atoms.label_alt_id 
_pdbx_unobs_or_zero_occ_atoms.label_asym_id 
_pdbx_unobs_or_zero_occ_atoms.label_comp_id 
_pdbx_unobs_or_zero_occ_atoms.label_seq_id 
_pdbx_unobs_or_zero_occ_atoms.label_atom_id 
1  1 Y 1 A PHE 8  ? CG  ? A PHE 36  CG  
2  1 Y 1 A PHE 8  ? CD1 ? A PHE 36  CD1 
3  1 Y 1 A PHE 8  ? CD2 ? A PHE 36  CD2 
4  1 Y 1 A PHE 8  ? CE1 ? A PHE 36  CE1 
5  1 Y 1 A PHE 8  ? CE2 ? A PHE 36  CE2 
6  1 Y 1 A PHE 8  ? CZ  ? A PHE 36  CZ  
7  1 Y 1 A LYS 30 ? CD  ? A LYS 58  CD  
8  1 Y 1 A LYS 30 ? CE  ? A LYS 58  CE  
9  1 Y 1 A LYS 30 ? NZ  ? A LYS 58  NZ  
10 1 Y 1 A GLU 86 ? CG  ? A GLU 114 CG  
11 1 Y 1 A GLU 86 ? CD  ? A GLU 114 CD  
12 1 Y 1 A GLU 86 ? OE1 ? A GLU 114 OE1 
13 1 Y 1 A GLU 86 ? OE2 ? A GLU 114 OE2 
# 
loop_
_software.name 
_software.classification 
_software.version 
_software.citation_id 
_software.pdbx_ordinal 
Blu-Ice  'data collection' Max      ? 1 
HKL-3000 phasing           .        ? 2 
REFMAC   refinement        5.7.0032 ? 3 
HKL-3000 'data reduction'  .        ? 4 
HKL-3000 'data scaling'    .        ? 5 
# 
_cell.entry_id           4NPX 
_cell.length_a           58.606 
_cell.length_b           58.606 
_cell.length_c           49.808 
_cell.angle_alpha        90.00 
_cell.angle_beta         90.00 
_cell.angle_gamma        90.00 
_cell.Z_PDB              8 
_cell.pdbx_unique_axis   ? 
_cell.length_a_esd       ? 
_cell.length_b_esd       ? 
_cell.length_c_esd       ? 
_cell.angle_alpha_esd    ? 
_cell.angle_beta_esd     ? 
_cell.angle_gamma_esd    ? 
# 
_symmetry.entry_id                         4NPX 
_symmetry.space_group_name_H-M             'P 41 21 2' 
_symmetry.pdbx_full_space_group_name_H-M   ? 
_symmetry.cell_setting                     ? 
_symmetry.Int_Tables_number                92 
_symmetry.space_group_name_Hall            ? 
# 
_exptl.entry_id          4NPX 
_exptl.method            'X-RAY DIFFRACTION' 
_exptl.crystals_number   1 
# 
_exptl_crystal.id                    1 
_exptl_crystal.density_meas          ? 
_exptl_crystal.density_Matthews      ? 
_exptl_crystal.density_percent_sol   ? 
_exptl_crystal.description           ? 
_exptl_crystal.F_000                 ? 
_exptl_crystal.preparation           ? 
# 
_exptl_crystal_grow.crystal_id      1 
_exptl_crystal_grow.method          'VAPOR DIFFUSION, SITTING DROP' 
_exptl_crystal_grow.temp            ? 
_exptl_crystal_grow.temp_details    ? 
_exptl_crystal_grow.pH              ? 
_exptl_crystal_grow.pdbx_pH_range   ? 
_exptl_crystal_grow.pdbx_details    
'0.05 M Potassium Chloride, 0.01 M  Magnesium Chloride, 15 % PEG 6000, VAPOR DIFFUSION, SITTING DROP' 
# 
_diffrn.id                     1 
_diffrn.ambient_temp           100 
_diffrn.ambient_temp_details   ? 
_diffrn.crystal_id             1 
# 
_diffrn_detector.diffrn_id              1 
_diffrn_detector.detector               CCD 
_diffrn_detector.type                   'MARMOSAIC 300 mm CCD' 
_diffrn_detector.pdbx_collection_date   2013-10-14 
_diffrn_detector.details                MIRROR 
# 
_diffrn_radiation.diffrn_id                        1 
_diffrn_radiation.wavelength_id                    1 
_diffrn_radiation.pdbx_monochromatic_or_laue_m_l   M 
_diffrn_radiation.monochromator                    'C(111)' 
_diffrn_radiation.pdbx_diffrn_protocol             'SINGLE WAVELENGTH' 
_diffrn_radiation.pdbx_scattering_type             x-ray 
# 
_diffrn_radiation_wavelength.id           1 
_diffrn_radiation_wavelength.wavelength   0.97856 
_diffrn_radiation_wavelength.wt           1.0 
# 
_diffrn_source.diffrn_id                   1 
_diffrn_source.source                      SYNCHROTRON 
_diffrn_source.type                        'APS BEAMLINE 21-ID-G' 
_diffrn_source.pdbx_synchrotron_site       APS 
_diffrn_source.pdbx_synchrotron_beamline   21-ID-G 
_diffrn_source.pdbx_wavelength             ? 
_diffrn_source.pdbx_wavelength_list        0.97856 
# 
_reflns.pdbx_diffrn_id               1 
_reflns.pdbx_ordinal                 1 
_reflns.entry_id                     4NPX 
_reflns.observed_criterion_sigma_I   -3.000 
_reflns.observed_criterion_sigma_F   ? 
_reflns.d_resolution_low             30.00 
_reflns.d_resolution_high            1.93 
_reflns.number_obs                   6872 
_reflns.number_all                   6872 
_reflns.percent_possible_obs         99.0 
_reflns.pdbx_Rmerge_I_obs            0.05 
_reflns.pdbx_Rsym_value              ? 
_reflns.pdbx_netI_over_sigmaI        39.5 
_reflns.B_iso_Wilson_estimate        ? 
_reflns.pdbx_redundancy              4.5 
_reflns.R_free_details               ? 
_reflns.limit_h_max                  ? 
_reflns.limit_h_min                  ? 
_reflns.limit_k_max                  ? 
_reflns.limit_k_min                  ? 
_reflns.limit_l_max                  ? 
_reflns.limit_l_min                  ? 
_reflns.observed_criterion_F_max     ? 
_reflns.observed_criterion_F_min     ? 
_reflns.pdbx_chi_squared             ? 
_reflns.pdbx_scaling_rejects         ? 
# 
_reflns_shell.pdbx_diffrn_id         1 
_reflns_shell.pdbx_ordinal           1 
_reflns_shell.d_res_high             1.93 
_reflns_shell.d_res_low              1.96 
_reflns_shell.percent_possible_all   100 
_reflns_shell.Rmerge_I_obs           0.65 
_reflns_shell.pdbx_Rsym_value        ? 
_reflns_shell.meanI_over_sigI_obs    2.0 
_reflns_shell.pdbx_redundancy        4.7 
_reflns_shell.percent_possible_obs   ? 
_reflns_shell.number_unique_all      ? 
_reflns_shell.number_measured_all    ? 
_reflns_shell.number_measured_obs    ? 
_reflns_shell.number_unique_obs      ? 
_reflns_shell.pdbx_chi_squared       ? 
# 
_refine.pdbx_refine_id                           'X-RAY DIFFRACTION' 
_refine.entry_id                                 4NPX 
_refine.pdbx_diffrn_id                           1 
_refine.pdbx_TLS_residual_ADP_flag               ? 
_refine.ls_number_reflns_obs                     6530 
_refine.ls_number_reflns_all                     6530 
_refine.pdbx_ls_sigma_I                          ? 
_refine.pdbx_ls_sigma_F                          . 
_refine.pdbx_data_cutoff_high_absF               ? 
_refine.pdbx_data_cutoff_low_absF                ? 
_refine.pdbx_data_cutoff_high_rms_absF           ? 
_refine.ls_d_res_low                             25.27 
_refine.ls_d_res_high                            1.93 
_refine.ls_percent_reflns_obs                    98.97 
_refine.ls_R_factor_obs                          0.19099 
_refine.ls_R_factor_all                          ? 
_refine.ls_R_factor_R_work                       0.18738 
_refine.ls_R_factor_R_free                       0.27020 
_refine.ls_R_factor_R_free_error                 ? 
_refine.ls_R_factor_R_free_error_details         ? 
_refine.ls_percent_reflns_R_free                 4.7 
_refine.ls_number_reflns_R_free                  324 
_refine.ls_number_parameters                     ? 
_refine.ls_number_restraints                     ? 
_refine.occupancy_min                            ? 
_refine.occupancy_max                            ? 
_refine.correlation_coeff_Fo_to_Fc               0.967 
_refine.correlation_coeff_Fo_to_Fc_free          0.932 
_refine.B_iso_mean                               48.579 
_refine.aniso_B[1][1]                            0.28 
_refine.aniso_B[2][2]                            0.28 
_refine.aniso_B[3][3]                            -0.55 
_refine.aniso_B[1][2]                            -0.00 
_refine.aniso_B[1][3]                            0.00 
_refine.aniso_B[2][3]                            -0.00 
_refine.solvent_model_details                    MASK 
_refine.solvent_model_param_ksol                 ? 
_refine.solvent_model_param_bsol                 ? 
_refine.pdbx_solvent_vdw_probe_radii             1.20 
_refine.pdbx_solvent_ion_probe_radii             0.80 
_refine.pdbx_solvent_shrinkage_radii             0.80 
_refine.pdbx_ls_cross_valid_method               THROUGHOUT 
_refine.details                                  'HYDROGENS HAVE BEEN ADDED IN THE RIDING POSITIONS' 
_refine.pdbx_starting_model                      ? 
_refine.pdbx_method_to_determine_struct          SAD 
_refine.pdbx_isotropic_thermal_model             ISOTROPIC 
_refine.pdbx_stereochemistry_target_values       'MAXIMUM LIKELIHOOD' 
_refine.pdbx_stereochem_target_val_spec_case     ? 
_refine.pdbx_R_Free_selection_details            RANDOM 
_refine.pdbx_overall_ESU_R                       0.155 
_refine.pdbx_overall_ESU_R_Free                  0.171 
_refine.overall_SU_ML                            0.125 
_refine.pdbx_overall_phase_error                 ? 
_refine.overall_SU_B                             8.999 
_refine.overall_SU_R_Cruickshank_DPI             ? 
_refine.pdbx_overall_SU_R_free_Cruickshank_DPI   ? 
_refine.pdbx_overall_SU_R_Blow_DPI               ? 
_refine.pdbx_overall_SU_R_free_Blow_DPI          ? 
_refine.ls_redundancy_reflns_obs                 ? 
_refine.B_iso_min                                ? 
_refine.B_iso_max                                ? 
_refine.overall_SU_R_free                        ? 
_refine.ls_wR_factor_R_free                      ? 
_refine.ls_wR_factor_R_work                      ? 
_refine.overall_FOM_free_R_set                   ? 
_refine.overall_FOM_work_R_set                   ? 
# 
_refine_hist.pdbx_refine_id                   'X-RAY DIFFRACTION' 
_refine_hist.cycle_id                         LAST 
_refine_hist.pdbx_number_atoms_protein        636 
_refine_hist.pdbx_number_atoms_nucleic_acid   0 
_refine_hist.pdbx_number_atoms_ligand         0 
_refine_hist.number_atoms_solvent             38 
_refine_hist.number_atoms_total               674 
_refine_hist.d_res_high                       1.93 
_refine_hist.d_res_low                        25.27 
# 
loop_
_refine_ls_restr.type 
_refine_ls_restr.dev_ideal 
_refine_ls_restr.dev_ideal_target 
_refine_ls_restr.weight 
_refine_ls_restr.number 
_refine_ls_restr.pdbx_refine_id 
_refine_ls_restr.pdbx_restraint_function 
r_bond_refined_d             0.021  0.019  ? 645  'X-RAY DIFFRACTION' ? 
r_bond_other_d               0.001  0.020  ? 622  'X-RAY DIFFRACTION' ? 
r_angle_refined_deg          1.969  1.973  ? 865  'X-RAY DIFFRACTION' ? 
r_angle_other_deg            0.935  3.000  ? 1433 'X-RAY DIFFRACTION' ? 
r_dihedral_angle_1_deg       3.045  5.000  ? 79   'X-RAY DIFFRACTION' ? 
r_dihedral_angle_2_deg       35.166 26.857 ? 35   'X-RAY DIFFRACTION' ? 
r_dihedral_angle_3_deg       12.618 15.000 ? 116  'X-RAY DIFFRACTION' ? 
r_dihedral_angle_4_deg       10.077 15.000 ? 1    'X-RAY DIFFRACTION' ? 
r_chiral_restr               0.134  0.200  ? 95   'X-RAY DIFFRACTION' ? 
r_gen_planes_refined         0.010  0.020  ? 739  'X-RAY DIFFRACTION' ? 
r_gen_planes_other           0.001  0.020  ? 142  'X-RAY DIFFRACTION' ? 
r_nbd_refined                ?      ?      ? ?    'X-RAY DIFFRACTION' ? 
r_nbd_other                  ?      ?      ? ?    'X-RAY DIFFRACTION' ? 
r_nbtor_refined              ?      ?      ? ?    'X-RAY DIFFRACTION' ? 
r_nbtor_other                ?      ?      ? ?    'X-RAY DIFFRACTION' ? 
r_xyhbond_nbd_refined        ?      ?      ? ?    'X-RAY DIFFRACTION' ? 
r_xyhbond_nbd_other          ?      ?      ? ?    'X-RAY DIFFRACTION' ? 
r_metal_ion_refined          ?      ?      ? ?    'X-RAY DIFFRACTION' ? 
r_metal_ion_other            ?      ?      ? ?    'X-RAY DIFFRACTION' ? 
r_symmetry_vdw_refined       ?      ?      ? ?    'X-RAY DIFFRACTION' ? 
r_symmetry_vdw_other         ?      ?      ? ?    'X-RAY DIFFRACTION' ? 
r_symmetry_hbond_refined     ?      ?      ? ?    'X-RAY DIFFRACTION' ? 
r_symmetry_hbond_other       ?      ?      ? ?    'X-RAY DIFFRACTION' ? 
r_symmetry_metal_ion_refined ?      ?      ? ?    'X-RAY DIFFRACTION' ? 
r_symmetry_metal_ion_other   ?      ?      ? ?    'X-RAY DIFFRACTION' ? 
r_mcbond_it                  4.106  2.030  ? 319  'X-RAY DIFFRACTION' ? 
r_mcbond_other               3.977  2.017  ? 318  'X-RAY DIFFRACTION' ? 
r_mcangle_it                 6.445  2.980  ? 397  'X-RAY DIFFRACTION' ? 
r_mcangle_other              6.445  3.006  ? 398  'X-RAY DIFFRACTION' ? 
r_scbond_it                  5.055  2.355  ? 326  'X-RAY DIFFRACTION' ? 
r_scbond_other               5.047  2.374  ? 327  'X-RAY DIFFRACTION' ? 
r_scangle_it                 ?      ?      ? ?    'X-RAY DIFFRACTION' ? 
r_scangle_other              7.263  3.376  ? 469  'X-RAY DIFFRACTION' ? 
r_long_range_B_refined       11.534 9.222  ? 747  'X-RAY DIFFRACTION' ? 
r_long_range_B_other         11.522 9.070  ? 738  'X-RAY DIFFRACTION' ? 
r_rigid_bond_restr           ?      ?      ? ?    'X-RAY DIFFRACTION' ? 
r_sphericity_free            ?      ?      ? ?    'X-RAY DIFFRACTION' ? 
r_sphericity_bonded          ?      ?      ? ?    'X-RAY DIFFRACTION' ? 
# 
_refine_ls_shell.pdbx_refine_id                   'X-RAY DIFFRACTION' 
_refine_ls_shell.pdbx_total_number_of_bins_used   20 
_refine_ls_shell.d_res_high                       1.930 
_refine_ls_shell.d_res_low                        1.980 
_refine_ls_shell.number_reflns_R_work             461 
_refine_ls_shell.R_factor_R_work                  0.248 
_refine_ls_shell.percent_reflns_obs               97.19 
_refine_ls_shell.R_factor_R_free                  0.436 
_refine_ls_shell.R_factor_R_free_error            ? 
_refine_ls_shell.percent_reflns_R_free            ? 
_refine_ls_shell.number_reflns_R_free             23 
_refine_ls_shell.number_reflns_all                ? 
_refine_ls_shell.R_factor_all                     ? 
_refine_ls_shell.redundancy_reflns_obs            ? 
_refine_ls_shell.number_reflns_obs                ? 
# 
_struct.entry_id                  4NPX 
_struct.title                     'Structure of hypothetical protein Cj0539 from Campylobacter jejuni' 
_struct.pdbx_model_details        ? 
_struct.pdbx_CASP_flag            ? 
_struct.pdbx_model_type_details   ? 
# 
_struct_keywords.entry_id        4NPX 
_struct_keywords.pdbx_keywords   'UNKNOWN FUNCTION' 
_struct_keywords.text            
;Structural Genomics, PSI-Biology, Midwest Center for Structural Genomics, MCSG, UNKNOWN FUNCTION, Program for the Characterization of Secreted Effector Proteins, PCSEP
;
# 
loop_
_struct_asym.id 
_struct_asym.pdbx_blank_PDB_chainid_flag 
_struct_asym.pdbx_modified 
_struct_asym.entity_id 
_struct_asym.details 
A N N 1 ? 
B N N 2 ? 
# 
_struct_ref.id                         1 
_struct_ref.db_name                    UNP 
_struct_ref.db_code                    Q0PAX7_CAMJE 
_struct_ref.pdbx_db_accession          Q0PAX7 
_struct_ref.entity_id                  1 
_struct_ref.pdbx_seq_one_letter_code   
;DEMFNKTPKEKFIEIIQNGNLGALEKVFEEFFADHIAMVELLEKQGLTEMDVKNFILENGDFIEERQNDIYIELGAKILG
HEG
;
_struct_ref.pdbx_align_begin           5 
_struct_ref.pdbx_db_isoform            ? 
# 
_struct_ref_seq.align_id                      1 
_struct_ref_seq.ref_id                        1 
_struct_ref_seq.pdbx_PDB_id_code              4NPX 
_struct_ref_seq.pdbx_strand_id                A 
_struct_ref_seq.seq_align_beg                 33 
_struct_ref_seq.pdbx_seq_align_beg_ins_code   ? 
_struct_ref_seq.seq_align_end                 115 
_struct_ref_seq.pdbx_seq_align_end_ins_code   ? 
_struct_ref_seq.pdbx_db_accession             Q0PAX7 
_struct_ref_seq.db_align_beg                  5 
_struct_ref_seq.pdbx_db_align_beg_ins_code    ? 
_struct_ref_seq.db_align_end                  87 
_struct_ref_seq.pdbx_db_align_end_ins_code    ? 
_struct_ref_seq.pdbx_auth_seq_align_beg       5 
_struct_ref_seq.pdbx_auth_seq_align_end       87 
# 
loop_
_struct_ref_seq_dif.align_id 
_struct_ref_seq_dif.pdbx_pdb_id_code 
_struct_ref_seq_dif.mon_id 
_struct_ref_seq_dif.pdbx_pdb_strand_id 
_struct_ref_seq_dif.seq_num 
_struct_ref_seq_dif.pdbx_pdb_ins_code 
_struct_ref_seq_dif.pdbx_seq_db_name 
_struct_ref_seq_dif.pdbx_seq_db_accession_code 
_struct_ref_seq_dif.db_mon_id 
_struct_ref_seq_dif.pdbx_seq_db_seq_num 
_struct_ref_seq_dif.details 
_struct_ref_seq_dif.pdbx_auth_seq_num 
_struct_ref_seq_dif.pdbx_ordinal 
1 4NPX MSE A 1  ? UNP Q0PAX7 ? ? 'expression tag' -27 1  
1 4NPX HIS A 2  ? UNP Q0PAX7 ? ? 'expression tag' -26 2  
1 4NPX HIS A 3  ? UNP Q0PAX7 ? ? 'expression tag' -25 3  
1 4NPX HIS A 4  ? UNP Q0PAX7 ? ? 'expression tag' -24 4  
1 4NPX HIS A 5  ? UNP Q0PAX7 ? ? 'expression tag' -23 5  
1 4NPX HIS A 6  ? UNP Q0PAX7 ? ? 'expression tag' -22 6  
1 4NPX HIS A 7  ? UNP Q0PAX7 ? ? 'expression tag' -21 7  
1 4NPX SER A 8  ? UNP Q0PAX7 ? ? 'expression tag' -20 8  
1 4NPX SER A 9  ? UNP Q0PAX7 ? ? 'expression tag' -19 9  
1 4NPX GLY A 10 ? UNP Q0PAX7 ? ? 'expression tag' -18 10 
1 4NPX VAL A 11 ? UNP Q0PAX7 ? ? 'expression tag' -17 11 
1 4NPX ASP A 12 ? UNP Q0PAX7 ? ? 'expression tag' -16 12 
1 4NPX LEU A 13 ? UNP Q0PAX7 ? ? 'expression tag' -15 13 
1 4NPX TRP A 14 ? UNP Q0PAX7 ? ? 'expression tag' -14 14 
1 4NPX SER A 15 ? UNP Q0PAX7 ? ? 'expression tag' -13 15 
1 4NPX HIS A 16 ? UNP Q0PAX7 ? ? 'expression tag' -12 16 
1 4NPX PRO A 17 ? UNP Q0PAX7 ? ? 'expression tag' -11 17 
1 4NPX GLN A 18 ? UNP Q0PAX7 ? ? 'expression tag' -10 18 
1 4NPX PHE A 19 ? UNP Q0PAX7 ? ? 'expression tag' -9  19 
1 4NPX GLU A 20 ? UNP Q0PAX7 ? ? 'expression tag' -8  20 
1 4NPX LYS A 21 ? UNP Q0PAX7 ? ? 'expression tag' -7  21 
1 4NPX GLY A 22 ? UNP Q0PAX7 ? ? 'expression tag' -6  22 
1 4NPX THR A 23 ? UNP Q0PAX7 ? ? 'expression tag' -5  23 
1 4NPX GLU A 24 ? UNP Q0PAX7 ? ? 'expression tag' -4  24 
1 4NPX ASN A 25 ? UNP Q0PAX7 ? ? 'expression tag' -3  25 
1 4NPX LEU A 26 ? UNP Q0PAX7 ? ? 'expression tag' -2  26 
1 4NPX TYR A 27 ? UNP Q0PAX7 ? ? 'expression tag' -1  27 
1 4NPX PHE A 28 ? UNP Q0PAX7 ? ? 'expression tag' 0   28 
1 4NPX GLN A 29 ? UNP Q0PAX7 ? ? 'expression tag' 1   29 
1 4NPX SER A 30 ? UNP Q0PAX7 ? ? 'expression tag' 2   30 
1 4NPX ASN A 31 ? UNP Q0PAX7 ? ? 'expression tag' 3   31 
1 4NPX ALA A 32 ? UNP Q0PAX7 ? ? 'expression tag' 4   32 
# 
_pdbx_struct_assembly.id                   1 
_pdbx_struct_assembly.details              author_and_software_defined_assembly 
_pdbx_struct_assembly.method_details       PISA 
_pdbx_struct_assembly.oligomeric_details   dimeric 
_pdbx_struct_assembly.oligomeric_count     2 
# 
loop_
_pdbx_struct_assembly_prop.biol_id 
_pdbx_struct_assembly_prop.type 
_pdbx_struct_assembly_prop.value 
_pdbx_struct_assembly_prop.details 
1 'ABSA (A^2)' 3970 ? 
1 MORE         -39  ? 
1 'SSA (A^2)'  8580 ? 
# 
_pdbx_struct_assembly_gen.assembly_id       1 
_pdbx_struct_assembly_gen.oper_expression   1,2 
_pdbx_struct_assembly_gen.asym_id_list      A,B 
# 
loop_
_pdbx_struct_oper_list.id 
_pdbx_struct_oper_list.type 
_pdbx_struct_oper_list.name 
_pdbx_struct_oper_list.symmetry_operation 
_pdbx_struct_oper_list.matrix[1][1] 
_pdbx_struct_oper_list.matrix[1][2] 
_pdbx_struct_oper_list.matrix[1][3] 
_pdbx_struct_oper_list.vector[1] 
_pdbx_struct_oper_list.matrix[2][1] 
_pdbx_struct_oper_list.matrix[2][2] 
_pdbx_struct_oper_list.matrix[2][3] 
_pdbx_struct_oper_list.vector[2] 
_pdbx_struct_oper_list.matrix[3][1] 
_pdbx_struct_oper_list.matrix[3][2] 
_pdbx_struct_oper_list.matrix[3][3] 
_pdbx_struct_oper_list.vector[3] 
1 'identity operation'         1_555 x,y,z  1.0000000000  0.0000000000 0.0000000000 0.0000000000  0.0000000000 1.0000000000  0.0000000000 0.0000000000 0.0000000000 0.0000000000 1.0000000000  0.0000000000 
2 'crystal symmetry operation' 7_555 y,x,-z -0.1707077004 0.7461979000 0.6434652865 -6.1666826340 0.7461979000 -0.3285705097 0.5789905993 3.8809857312 0.6434652865 0.5789905993 -0.5007217899 3.4469598688 
# 
_struct_biol.id        1 
_struct_biol.details   ? 
# 
loop_
_struct_conf.conf_type_id 
_struct_conf.id 
_struct_conf.pdbx_PDB_helix_id 
_struct_conf.beg_label_comp_id 
_struct_conf.beg_label_asym_id 
_struct_conf.beg_label_seq_id 
_struct_conf.pdbx_beg_PDB_ins_code 
_struct_conf.end_label_comp_id 
_struct_conf.end_label_asym_id 
_struct_conf.end_label_seq_id 
_struct_conf.pdbx_end_PDB_ins_code 
_struct_conf.beg_auth_comp_id 
_struct_conf.beg_auth_asym_id 
_struct_conf.beg_auth_seq_id 
_struct_conf.end_auth_comp_id 
_struct_conf.end_auth_asym_id 
_struct_conf.end_auth_seq_id 
_struct_conf.pdbx_PDB_helix_class 
_struct_conf.details 
_struct_conf.pdbx_PDB_helix_length 
HELX_P HELX_P1 1 THR A 39 ? ASN A 50  ? THR A 11 ASN A 22 1 ? 12 
HELX_P HELX_P2 2 ASN A 52 ? GLN A 77  ? ASN A 24 GLN A 49 1 ? 26 
HELX_P HELX_P3 3 THR A 80 ? ASN A 91  ? THR A 52 ASN A 63 1 ? 12 
HELX_P HELX_P4 4 ASN A 91 ? GLY A 112 ? ASN A 63 GLY A 84 1 ? 22 
# 
_struct_conf_type.id          HELX_P 
_struct_conf_type.criteria    ? 
_struct_conf_type.reference   ? 
# 
loop_
_struct_conn.id 
_struct_conn.conn_type_id 
_struct_conn.pdbx_leaving_atom_flag 
_struct_conn.pdbx_PDB_id 
_struct_conn.ptnr1_label_asym_id 
_struct_conn.ptnr1_label_comp_id 
_struct_conn.ptnr1_label_seq_id 
_struct_conn.ptnr1_label_atom_id 
_struct_conn.pdbx_ptnr1_label_alt_id 
_struct_conn.pdbx_ptnr1_PDB_ins_code 
_struct_conn.pdbx_ptnr1_standard_comp_id 
_struct_conn.ptnr1_symmetry 
_struct_conn.ptnr2_label_asym_id 
_struct_conn.ptnr2_label_comp_id 
_struct_conn.ptnr2_label_seq_id 
_struct_conn.ptnr2_label_atom_id 
_struct_conn.pdbx_ptnr2_label_alt_id 
_struct_conn.pdbx_ptnr2_PDB_ins_code 
_struct_conn.ptnr1_auth_asym_id 
_struct_conn.ptnr1_auth_comp_id 
_struct_conn.ptnr1_auth_seq_id 
_struct_conn.ptnr2_auth_asym_id 
_struct_conn.ptnr2_auth_comp_id 
_struct_conn.ptnr2_auth_seq_id 
_struct_conn.ptnr2_symmetry 
_struct_conn.pdbx_ptnr3_label_atom_id 
_struct_conn.pdbx_ptnr3_label_seq_id 
_struct_conn.pdbx_ptnr3_label_comp_id 
_struct_conn.pdbx_ptnr3_label_asym_id 
_struct_conn.pdbx_ptnr3_label_alt_id 
_struct_conn.pdbx_ptnr3_PDB_ins_code 
_struct_conn.details 
_struct_conn.pdbx_dist_value 
_struct_conn.pdbx_value_order 
_struct_conn.pdbx_role 
covale1 covale both ? A ALA 69 C ? ? ? 1_555 A MSE 70 N ? ? A ALA 41 A MSE 42 1_555 ? ? ? ? ? ? ? 1.316 ? ? 
covale2 covale both ? A MSE 70 C ? ? ? 1_555 A VAL 71 N ? ? A MSE 42 A VAL 43 1_555 ? ? ? ? ? ? ? 1.312 ? ? 
covale3 covale both ? A GLU 81 C ? ? ? 1_555 A MSE 82 N ? ? A GLU 53 A MSE 54 1_555 ? ? ? ? ? ? ? 1.320 ? ? 
covale4 covale both ? A MSE 82 C ? ? ? 1_555 A ASP 83 N ? ? A MSE 54 A ASP 55 1_555 ? ? ? ? ? ? ? 1.319 ? ? 
# 
_struct_conn_type.id          covale 
_struct_conn_type.criteria    ? 
_struct_conn_type.reference   ? 
# 
loop_
_pdbx_modification_feature.ordinal 
_pdbx_modification_feature.label_comp_id 
_pdbx_modification_feature.label_asym_id 
_pdbx_modification_feature.label_seq_id 
_pdbx_modification_feature.label_alt_id 
_pdbx_modification_feature.modified_residue_label_comp_id 
_pdbx_modification_feature.modified_residue_label_asym_id 
_pdbx_modification_feature.modified_residue_label_seq_id 
_pdbx_modification_feature.modified_residue_label_alt_id 
_pdbx_modification_feature.auth_comp_id 
_pdbx_modification_feature.auth_asym_id 
_pdbx_modification_feature.auth_seq_id 
_pdbx_modification_feature.PDB_ins_code 
_pdbx_modification_feature.symmetry 
_pdbx_modification_feature.modified_residue_auth_comp_id 
_pdbx_modification_feature.modified_residue_auth_asym_id 
_pdbx_modification_feature.modified_residue_auth_seq_id 
_pdbx_modification_feature.modified_residue_PDB_ins_code 
_pdbx_modification_feature.modified_residue_symmetry 
_pdbx_modification_feature.comp_id_linking_atom 
_pdbx_modification_feature.modified_residue_id_linking_atom 
_pdbx_modification_feature.modified_residue_id 
_pdbx_modification_feature.ref_pcm_id 
_pdbx_modification_feature.ref_comp_id 
_pdbx_modification_feature.type 
_pdbx_modification_feature.category 
1 MSE A 70 ? . . . . MSE A 42 ? 1_555 . . . . . . . MET 1 MSE Selenomethionine 'Named protein modification' 
2 MSE A 82 ? . . . . MSE A 54 ? 1_555 . . . . . . . MET 1 MSE Selenomethionine 'Named protein modification' 
# 
_pdbx_entry_details.entry_id                   4NPX 
_pdbx_entry_details.compound_details           ? 
_pdbx_entry_details.source_details             ? 
_pdbx_entry_details.nonpolymer_details         ? 
_pdbx_entry_details.sequence_details           ? 
_pdbx_entry_details.has_ligand_of_interest     ? 
_pdbx_entry_details.has_protein_modification   Y 
# 
_pdbx_validate_torsion.id              1 
_pdbx_validate_torsion.PDB_model_num   1 
_pdbx_validate_torsion.auth_comp_id    GLU 
_pdbx_validate_torsion.auth_asym_id    A 
_pdbx_validate_torsion.auth_seq_id     86 
_pdbx_validate_torsion.PDB_ins_code    ? 
_pdbx_validate_torsion.label_alt_id    ? 
_pdbx_validate_torsion.phi             -66.19 
_pdbx_validate_torsion.psi             -162.22 
# 
loop_
_pdbx_SG_project.id 
_pdbx_SG_project.project_name 
_pdbx_SG_project.full_name_of_center 
_pdbx_SG_project.initial_of_center 
1 PSI:Biology 'Midwest Center for Structural Genomics'                         MCSG  
2 PSI:Biology 'Program for the Characterization of Secreted Effector Proteins' PCSEP 
# 
loop_
_pdbx_struct_mod_residue.id 
_pdbx_struct_mod_residue.label_asym_id 
_pdbx_struct_mod_residue.label_comp_id 
_pdbx_struct_mod_residue.label_seq_id 
_pdbx_struct_mod_residue.auth_asym_id 
_pdbx_struct_mod_residue.auth_comp_id 
_pdbx_struct_mod_residue.auth_seq_id 
_pdbx_struct_mod_residue.PDB_ins_code 
_pdbx_struct_mod_residue.parent_comp_id 
_pdbx_struct_mod_residue.details 
1 A MSE 70 A MSE 42 ? MET SELENOMETHIONINE 
2 A MSE 82 A MSE 54 ? MET SELENOMETHIONINE 
# 
_pdbx_struct_special_symmetry.id              1 
_pdbx_struct_special_symmetry.PDB_model_num   1 
_pdbx_struct_special_symmetry.auth_asym_id    A 
_pdbx_struct_special_symmetry.auth_comp_id    HOH 
_pdbx_struct_special_symmetry.auth_seq_id     103 
_pdbx_struct_special_symmetry.PDB_ins_code    ? 
_pdbx_struct_special_symmetry.label_asym_id   B 
_pdbx_struct_special_symmetry.label_comp_id   HOH 
_pdbx_struct_special_symmetry.label_seq_id    . 
# 
loop_
_pdbx_refine_tls.pdbx_refine_id 
_pdbx_refine_tls.id 
_pdbx_refine_tls.details 
_pdbx_refine_tls.method 
_pdbx_refine_tls.origin_x 
_pdbx_refine_tls.origin_y 
_pdbx_refine_tls.origin_z 
_pdbx_refine_tls.T[1][1] 
_pdbx_refine_tls.T[2][2] 
_pdbx_refine_tls.T[3][3] 
_pdbx_refine_tls.T[1][2] 
_pdbx_refine_tls.T[1][3] 
_pdbx_refine_tls.T[2][3] 
_pdbx_refine_tls.L[1][1] 
_pdbx_refine_tls.L[2][2] 
_pdbx_refine_tls.L[3][3] 
_pdbx_refine_tls.L[1][2] 
_pdbx_refine_tls.L[1][3] 
_pdbx_refine_tls.L[2][3] 
_pdbx_refine_tls.S[1][1] 
_pdbx_refine_tls.S[1][2] 
_pdbx_refine_tls.S[1][3] 
_pdbx_refine_tls.S[2][1] 
_pdbx_refine_tls.S[2][2] 
_pdbx_refine_tls.S[2][3] 
_pdbx_refine_tls.S[3][1] 
_pdbx_refine_tls.S[3][2] 
_pdbx_refine_tls.S[3][3] 
'X-RAY DIFFRACTION' 1 ? refined 0.6611   4.8323  1.2810  0.2475 0.2779 0.2670 -0.0414 0.0065  0.0554  6.0633  2.0365 1.7576  0.0072  0.4783  1.8683  -0.0090 -0.0063 0.2392  -0.0143 0.0735 -0.0855 -0.0046 0.1093  -0.0646 
'X-RAY DIFFRACTION' 2 ? refined -15.3451 -9.0166 0.2997  0.1385 0.0571 0.3802 -0.0487 0.1489  -0.0344 18.9536 9.4765 18.4621 -6.2434 11.6727 -7.4121 -0.0253 -0.4103 -1.0103 0.0697  0.3097 1.3249  0.2099  -0.5490 -0.2844 
'X-RAY DIFFRACTION' 3 ? refined 2.9709   -4.7524 -0.8234 0.2796 0.3205 0.1970 0.0015  -0.0140 0.0076  3.7078  6.7263 0.7504  0.7552  -0.2561 2.0285  -0.1387 0.1103  -0.0990 0.1367  0.2001 -0.2549 0.1159  0.1897  -0.0615 
# 
loop_
_pdbx_refine_tls_group.pdbx_refine_id 
_pdbx_refine_tls_group.id 
_pdbx_refine_tls_group.refine_tls_id 
_pdbx_refine_tls_group.beg_auth_asym_id 
_pdbx_refine_tls_group.beg_auth_seq_id 
_pdbx_refine_tls_group.beg_label_asym_id 
_pdbx_refine_tls_group.beg_label_seq_id 
_pdbx_refine_tls_group.end_auth_asym_id 
_pdbx_refine_tls_group.end_auth_seq_id 
_pdbx_refine_tls_group.end_label_asym_id 
_pdbx_refine_tls_group.end_label_seq_id 
_pdbx_refine_tls_group.selection 
_pdbx_refine_tls_group.selection_details 
'X-RAY DIFFRACTION' 1 1 A 10 ? ? A 47 ? ? ? ? 
'X-RAY DIFFRACTION' 2 2 A 48 ? ? A 57 ? ? ? ? 
'X-RAY DIFFRACTION' 3 3 A 58 ? ? A 85 ? ? ? ? 
# 
loop_
_pdbx_unobs_or_zero_occ_residues.id 
_pdbx_unobs_or_zero_occ_residues.PDB_model_num 
_pdbx_unobs_or_zero_occ_residues.polymer_flag 
_pdbx_unobs_or_zero_occ_residues.occupancy_flag 
_pdbx_unobs_or_zero_occ_residues.auth_asym_id 
_pdbx_unobs_or_zero_occ_residues.auth_comp_id 
_pdbx_unobs_or_zero_occ_residues.auth_seq_id 
_pdbx_unobs_or_zero_occ_residues.PDB_ins_code 
_pdbx_unobs_or_zero_occ_residues.label_asym_id 
_pdbx_unobs_or_zero_occ_residues.label_comp_id 
_pdbx_unobs_or_zero_occ_residues.label_seq_id 
1  1 Y 1 A MSE -27 ? A MSE 1  
2  1 Y 1 A HIS -26 ? A HIS 2  
3  1 Y 1 A HIS -25 ? A HIS 3  
4  1 Y 1 A HIS -24 ? A HIS 4  
5  1 Y 1 A HIS -23 ? A HIS 5  
6  1 Y 1 A HIS -22 ? A HIS 6  
7  1 Y 1 A HIS -21 ? A HIS 7  
8  1 Y 1 A SER -20 ? A SER 8  
9  1 Y 1 A SER -19 ? A SER 9  
10 1 Y 1 A GLY -18 ? A GLY 10 
11 1 Y 1 A VAL -17 ? A VAL 11 
12 1 Y 1 A ASP -16 ? A ASP 12 
13 1 Y 1 A LEU -15 ? A LEU 13 
14 1 Y 1 A TRP -14 ? A TRP 14 
15 1 Y 1 A SER -13 ? A SER 15 
16 1 Y 1 A HIS -12 ? A HIS 16 
17 1 Y 1 A PRO -11 ? A PRO 17 
18 1 Y 1 A GLN -10 ? A GLN 18 
19 1 Y 1 A PHE -9  ? A PHE 19 
20 1 Y 1 A GLU -8  ? A GLU 20 
21 1 Y 1 A LYS -7  ? A LYS 21 
22 1 Y 1 A GLY -6  ? A GLY 22 
23 1 Y 1 A THR -5  ? A THR 23 
24 1 Y 1 A GLU -4  ? A GLU 24 
25 1 Y 1 A ASN -3  ? A ASN 25 
26 1 Y 1 A LEU -2  ? A LEU 26 
27 1 Y 1 A TYR -1  ? A TYR 27 
28 1 Y 1 A PHE 0   ? A PHE 28 
29 1 Y 1 A GLN 1   ? A GLN 29 
30 1 Y 1 A SER 2   ? A SER 30 
31 1 Y 1 A ASN 3   ? A ASN 31 
32 1 Y 1 A ALA 4   ? A ALA 32 
33 1 Y 1 A ASP 5   ? A ASP 33 
34 1 Y 1 A GLU 6   ? A GLU 34 
35 1 Y 1 A MSE 7   ? A MSE 35 
# 
loop_
_chem_comp_atom.comp_id 
_chem_comp_atom.atom_id 
_chem_comp_atom.type_symbol 
_chem_comp_atom.pdbx_aromatic_flag 
_chem_comp_atom.pdbx_stereo_config 
_chem_comp_atom.pdbx_ordinal 
ALA N    N  N N 1   
ALA CA   C  N S 2   
ALA C    C  N N 3   
ALA O    O  N N 4   
ALA CB   C  N N 5   
ALA OXT  O  N N 6   
ALA H    H  N N 7   
ALA H2   H  N N 8   
ALA HA   H  N N 9   
ALA HB1  H  N N 10  
ALA HB2  H  N N 11  
ALA HB3  H  N N 12  
ALA HXT  H  N N 13  
ARG N    N  N N 14  
ARG CA   C  N S 15  
ARG C    C  N N 16  
ARG O    O  N N 17  
ARG CB   C  N N 18  
ARG CG   C  N N 19  
ARG CD   C  N N 20  
ARG NE   N  N N 21  
ARG CZ   C  N N 22  
ARG NH1  N  N N 23  
ARG NH2  N  N N 24  
ARG OXT  O  N N 25  
ARG H    H  N N 26  
ARG H2   H  N N 27  
ARG HA   H  N N 28  
ARG HB2  H  N N 29  
ARG HB3  H  N N 30  
ARG HG2  H  N N 31  
ARG HG3  H  N N 32  
ARG HD2  H  N N 33  
ARG HD3  H  N N 34  
ARG HE   H  N N 35  
ARG HH11 H  N N 36  
ARG HH12 H  N N 37  
ARG HH21 H  N N 38  
ARG HH22 H  N N 39  
ARG HXT  H  N N 40  
ASN N    N  N N 41  
ASN CA   C  N S 42  
ASN C    C  N N 43  
ASN O    O  N N 44  
ASN CB   C  N N 45  
ASN CG   C  N N 46  
ASN OD1  O  N N 47  
ASN ND2  N  N N 48  
ASN OXT  O  N N 49  
ASN H    H  N N 50  
ASN H2   H  N N 51  
ASN HA   H  N N 52  
ASN HB2  H  N N 53  
ASN HB3  H  N N 54  
ASN HD21 H  N N 55  
ASN HD22 H  N N 56  
ASN HXT  H  N N 57  
ASP N    N  N N 58  
ASP CA   C  N S 59  
ASP C    C  N N 60  
ASP O    O  N N 61  
ASP CB   C  N N 62  
ASP CG   C  N N 63  
ASP OD1  O  N N 64  
ASP OD2  O  N N 65  
ASP OXT  O  N N 66  
ASP H    H  N N 67  
ASP H2   H  N N 68  
ASP HA   H  N N 69  
ASP HB2  H  N N 70  
ASP HB3  H  N N 71  
ASP HD2  H  N N 72  
ASP HXT  H  N N 73  
GLN N    N  N N 74  
GLN CA   C  N S 75  
GLN C    C  N N 76  
GLN O    O  N N 77  
GLN CB   C  N N 78  
GLN CG   C  N N 79  
GLN CD   C  N N 80  
GLN OE1  O  N N 81  
GLN NE2  N  N N 82  
GLN OXT  O  N N 83  
GLN H    H  N N 84  
GLN H2   H  N N 85  
GLN HA   H  N N 86  
GLN HB2  H  N N 87  
GLN HB3  H  N N 88  
GLN HG2  H  N N 89  
GLN HG3  H  N N 90  
GLN HE21 H  N N 91  
GLN HE22 H  N N 92  
GLN HXT  H  N N 93  
GLU N    N  N N 94  
GLU CA   C  N S 95  
GLU C    C  N N 96  
GLU O    O  N N 97  
GLU CB   C  N N 98  
GLU CG   C  N N 99  
GLU CD   C  N N 100 
GLU OE1  O  N N 101 
GLU OE2  O  N N 102 
GLU OXT  O  N N 103 
GLU H    H  N N 104 
GLU H2   H  N N 105 
GLU HA   H  N N 106 
GLU HB2  H  N N 107 
GLU HB3  H  N N 108 
GLU HG2  H  N N 109 
GLU HG3  H  N N 110 
GLU HE2  H  N N 111 
GLU HXT  H  N N 112 
GLY N    N  N N 113 
GLY CA   C  N N 114 
GLY C    C  N N 115 
GLY O    O  N N 116 
GLY OXT  O  N N 117 
GLY H    H  N N 118 
GLY H2   H  N N 119 
GLY HA2  H  N N 120 
GLY HA3  H  N N 121 
GLY HXT  H  N N 122 
HIS N    N  N N 123 
HIS CA   C  N S 124 
HIS C    C  N N 125 
HIS O    O  N N 126 
HIS CB   C  N N 127 
HIS CG   C  Y N 128 
HIS ND1  N  Y N 129 
HIS CD2  C  Y N 130 
HIS CE1  C  Y N 131 
HIS NE2  N  Y N 132 
HIS OXT  O  N N 133 
HIS H    H  N N 134 
HIS H2   H  N N 135 
HIS HA   H  N N 136 
HIS HB2  H  N N 137 
HIS HB3  H  N N 138 
HIS HD1  H  N N 139 
HIS HD2  H  N N 140 
HIS HE1  H  N N 141 
HIS HE2  H  N N 142 
HIS HXT  H  N N 143 
HOH O    O  N N 144 
HOH H1   H  N N 145 
HOH H2   H  N N 146 
ILE N    N  N N 147 
ILE CA   C  N S 148 
ILE C    C  N N 149 
ILE O    O  N N 150 
ILE CB   C  N S 151 
ILE CG1  C  N N 152 
ILE CG2  C  N N 153 
ILE CD1  C  N N 154 
ILE OXT  O  N N 155 
ILE H    H  N N 156 
ILE H2   H  N N 157 
ILE HA   H  N N 158 
ILE HB   H  N N 159 
ILE HG12 H  N N 160 
ILE HG13 H  N N 161 
ILE HG21 H  N N 162 
ILE HG22 H  N N 163 
ILE HG23 H  N N 164 
ILE HD11 H  N N 165 
ILE HD12 H  N N 166 
ILE HD13 H  N N 167 
ILE HXT  H  N N 168 
LEU N    N  N N 169 
LEU CA   C  N S 170 
LEU C    C  N N 171 
LEU O    O  N N 172 
LEU CB   C  N N 173 
LEU CG   C  N N 174 
LEU CD1  C  N N 175 
LEU CD2  C  N N 176 
LEU OXT  O  N N 177 
LEU H    H  N N 178 
LEU H2   H  N N 179 
LEU HA   H  N N 180 
LEU HB2  H  N N 181 
LEU HB3  H  N N 182 
LEU HG   H  N N 183 
LEU HD11 H  N N 184 
LEU HD12 H  N N 185 
LEU HD13 H  N N 186 
LEU HD21 H  N N 187 
LEU HD22 H  N N 188 
LEU HD23 H  N N 189 
LEU HXT  H  N N 190 
LYS N    N  N N 191 
LYS CA   C  N S 192 
LYS C    C  N N 193 
LYS O    O  N N 194 
LYS CB   C  N N 195 
LYS CG   C  N N 196 
LYS CD   C  N N 197 
LYS CE   C  N N 198 
LYS NZ   N  N N 199 
LYS OXT  O  N N 200 
LYS H    H  N N 201 
LYS H2   H  N N 202 
LYS HA   H  N N 203 
LYS HB2  H  N N 204 
LYS HB3  H  N N 205 
LYS HG2  H  N N 206 
LYS HG3  H  N N 207 
LYS HD2  H  N N 208 
LYS HD3  H  N N 209 
LYS HE2  H  N N 210 
LYS HE3  H  N N 211 
LYS HZ1  H  N N 212 
LYS HZ2  H  N N 213 
LYS HZ3  H  N N 214 
LYS HXT  H  N N 215 
MSE N    N  N N 216 
MSE CA   C  N S 217 
MSE C    C  N N 218 
MSE O    O  N N 219 
MSE OXT  O  N N 220 
MSE CB   C  N N 221 
MSE CG   C  N N 222 
MSE SE   SE N N 223 
MSE CE   C  N N 224 
MSE H    H  N N 225 
MSE H2   H  N N 226 
MSE HA   H  N N 227 
MSE HXT  H  N N 228 
MSE HB2  H  N N 229 
MSE HB3  H  N N 230 
MSE HG2  H  N N 231 
MSE HG3  H  N N 232 
MSE HE1  H  N N 233 
MSE HE2  H  N N 234 
MSE HE3  H  N N 235 
PHE N    N  N N 236 
PHE CA   C  N S 237 
PHE C    C  N N 238 
PHE O    O  N N 239 
PHE CB   C  N N 240 
PHE CG   C  Y N 241 
PHE CD1  C  Y N 242 
PHE CD2  C  Y N 243 
PHE CE1  C  Y N 244 
PHE CE2  C  Y N 245 
PHE CZ   C  Y N 246 
PHE OXT  O  N N 247 
PHE H    H  N N 248 
PHE H2   H  N N 249 
PHE HA   H  N N 250 
PHE HB2  H  N N 251 
PHE HB3  H  N N 252 
PHE HD1  H  N N 253 
PHE HD2  H  N N 254 
PHE HE1  H  N N 255 
PHE HE2  H  N N 256 
PHE HZ   H  N N 257 
PHE HXT  H  N N 258 
PRO N    N  N N 259 
PRO CA   C  N S 260 
PRO C    C  N N 261 
PRO O    O  N N 262 
PRO CB   C  N N 263 
PRO CG   C  N N 264 
PRO CD   C  N N 265 
PRO OXT  O  N N 266 
PRO H    H  N N 267 
PRO HA   H  N N 268 
PRO HB2  H  N N 269 
PRO HB3  H  N N 270 
PRO HG2  H  N N 271 
PRO HG3  H  N N 272 
PRO HD2  H  N N 273 
PRO HD3  H  N N 274 
PRO HXT  H  N N 275 
SER N    N  N N 276 
SER CA   C  N S 277 
SER C    C  N N 278 
SER O    O  N N 279 
SER CB   C  N N 280 
SER OG   O  N N 281 
SER OXT  O  N N 282 
SER H    H  N N 283 
SER H2   H  N N 284 
SER HA   H  N N 285 
SER HB2  H  N N 286 
SER HB3  H  N N 287 
SER HG   H  N N 288 
SER HXT  H  N N 289 
THR N    N  N N 290 
THR CA   C  N S 291 
THR C    C  N N 292 
THR O    O  N N 293 
THR CB   C  N R 294 
THR OG1  O  N N 295 
THR CG2  C  N N 296 
THR OXT  O  N N 297 
THR H    H  N N 298 
THR H2   H  N N 299 
THR HA   H  N N 300 
THR HB   H  N N 301 
THR HG1  H  N N 302 
THR HG21 H  N N 303 
THR HG22 H  N N 304 
THR HG23 H  N N 305 
THR HXT  H  N N 306 
TRP N    N  N N 307 
TRP CA   C  N S 308 
TRP C    C  N N 309 
TRP O    O  N N 310 
TRP CB   C  N N 311 
TRP CG   C  Y N 312 
TRP CD1  C  Y N 313 
TRP CD2  C  Y N 314 
TRP NE1  N  Y N 315 
TRP CE2  C  Y N 316 
TRP CE3  C  Y N 317 
TRP CZ2  C  Y N 318 
TRP CZ3  C  Y N 319 
TRP CH2  C  Y N 320 
TRP OXT  O  N N 321 
TRP H    H  N N 322 
TRP H2   H  N N 323 
TRP HA   H  N N 324 
TRP HB2  H  N N 325 
TRP HB3  H  N N 326 
TRP HD1  H  N N 327 
TRP HE1  H  N N 328 
TRP HE3  H  N N 329 
TRP HZ2  H  N N 330 
TRP HZ3  H  N N 331 
TRP HH2  H  N N 332 
TRP HXT  H  N N 333 
TYR N    N  N N 334 
TYR CA   C  N S 335 
TYR C    C  N N 336 
TYR O    O  N N 337 
TYR CB   C  N N 338 
TYR CG   C  Y N 339 
TYR CD1  C  Y N 340 
TYR CD2  C  Y N 341 
TYR CE1  C  Y N 342 
TYR CE2  C  Y N 343 
TYR CZ   C  Y N 344 
TYR OH   O  N N 345 
TYR OXT  O  N N 346 
TYR H    H  N N 347 
TYR H2   H  N N 348 
TYR HA   H  N N 349 
TYR HB2  H  N N 350 
TYR HB3  H  N N 351 
TYR HD1  H  N N 352 
TYR HD2  H  N N 353 
TYR HE1  H  N N 354 
TYR HE2  H  N N 355 
TYR HH   H  N N 356 
TYR HXT  H  N N 357 
VAL N    N  N N 358 
VAL CA   C  N S 359 
VAL C    C  N N 360 
VAL O    O  N N 361 
VAL CB   C  N N 362 
VAL CG1  C  N N 363 
VAL CG2  C  N N 364 
VAL OXT  O  N N 365 
VAL H    H  N N 366 
VAL H2   H  N N 367 
VAL HA   H  N N 368 
VAL HB   H  N N 369 
VAL HG11 H  N N 370 
VAL HG12 H  N N 371 
VAL HG13 H  N N 372 
VAL HG21 H  N N 373 
VAL HG22 H  N N 374 
VAL HG23 H  N N 375 
VAL HXT  H  N N 376 
# 
loop_
_chem_comp_bond.comp_id 
_chem_comp_bond.atom_id_1 
_chem_comp_bond.atom_id_2 
_chem_comp_bond.value_order 
_chem_comp_bond.pdbx_aromatic_flag 
_chem_comp_bond.pdbx_stereo_config 
_chem_comp_bond.pdbx_ordinal 
ALA N   CA   sing N N 1   
ALA N   H    sing N N 2   
ALA N   H2   sing N N 3   
ALA CA  C    sing N N 4   
ALA CA  CB   sing N N 5   
ALA CA  HA   sing N N 6   
ALA C   O    doub N N 7   
ALA C   OXT  sing N N 8   
ALA CB  HB1  sing N N 9   
ALA CB  HB2  sing N N 10  
ALA CB  HB3  sing N N 11  
ALA OXT HXT  sing N N 12  
ARG N   CA   sing N N 13  
ARG N   H    sing N N 14  
ARG N   H2   sing N N 15  
ARG CA  C    sing N N 16  
ARG CA  CB   sing N N 17  
ARG CA  HA   sing N N 18  
ARG C   O    doub N N 19  
ARG C   OXT  sing N N 20  
ARG CB  CG   sing N N 21  
ARG CB  HB2  sing N N 22  
ARG CB  HB3  sing N N 23  
ARG CG  CD   sing N N 24  
ARG CG  HG2  sing N N 25  
ARG CG  HG3  sing N N 26  
ARG CD  NE   sing N N 27  
ARG CD  HD2  sing N N 28  
ARG CD  HD3  sing N N 29  
ARG NE  CZ   sing N N 30  
ARG NE  HE   sing N N 31  
ARG CZ  NH1  sing N N 32  
ARG CZ  NH2  doub N N 33  
ARG NH1 HH11 sing N N 34  
ARG NH1 HH12 sing N N 35  
ARG NH2 HH21 sing N N 36  
ARG NH2 HH22 sing N N 37  
ARG OXT HXT  sing N N 38  
ASN N   CA   sing N N 39  
ASN N   H    sing N N 40  
ASN N   H2   sing N N 41  
ASN CA  C    sing N N 42  
ASN CA  CB   sing N N 43  
ASN CA  HA   sing N N 44  
ASN C   O    doub N N 45  
ASN C   OXT  sing N N 46  
ASN CB  CG   sing N N 47  
ASN CB  HB2  sing N N 48  
ASN CB  HB3  sing N N 49  
ASN CG  OD1  doub N N 50  
ASN CG  ND2  sing N N 51  
ASN ND2 HD21 sing N N 52  
ASN ND2 HD22 sing N N 53  
ASN OXT HXT  sing N N 54  
ASP N   CA   sing N N 55  
ASP N   H    sing N N 56  
ASP N   H2   sing N N 57  
ASP CA  C    sing N N 58  
ASP CA  CB   sing N N 59  
ASP CA  HA   sing N N 60  
ASP C   O    doub N N 61  
ASP C   OXT  sing N N 62  
ASP CB  CG   sing N N 63  
ASP CB  HB2  sing N N 64  
ASP CB  HB3  sing N N 65  
ASP CG  OD1  doub N N 66  
ASP CG  OD2  sing N N 67  
ASP OD2 HD2  sing N N 68  
ASP OXT HXT  sing N N 69  
GLN N   CA   sing N N 70  
GLN N   H    sing N N 71  
GLN N   H2   sing N N 72  
GLN CA  C    sing N N 73  
GLN CA  CB   sing N N 74  
GLN CA  HA   sing N N 75  
GLN C   O    doub N N 76  
GLN C   OXT  sing N N 77  
GLN CB  CG   sing N N 78  
GLN CB  HB2  sing N N 79  
GLN CB  HB3  sing N N 80  
GLN CG  CD   sing N N 81  
GLN CG  HG2  sing N N 82  
GLN CG  HG3  sing N N 83  
GLN CD  OE1  doub N N 84  
GLN CD  NE2  sing N N 85  
GLN NE2 HE21 sing N N 86  
GLN NE2 HE22 sing N N 87  
GLN OXT HXT  sing N N 88  
GLU N   CA   sing N N 89  
GLU N   H    sing N N 90  
GLU N   H2   sing N N 91  
GLU CA  C    sing N N 92  
GLU CA  CB   sing N N 93  
GLU CA  HA   sing N N 94  
GLU C   O    doub N N 95  
GLU C   OXT  sing N N 96  
GLU CB  CG   sing N N 97  
GLU CB  HB2  sing N N 98  
GLU CB  HB3  sing N N 99  
GLU CG  CD   sing N N 100 
GLU CG  HG2  sing N N 101 
GLU CG  HG3  sing N N 102 
GLU CD  OE1  doub N N 103 
GLU CD  OE2  sing N N 104 
GLU OE2 HE2  sing N N 105 
GLU OXT HXT  sing N N 106 
GLY N   CA   sing N N 107 
GLY N   H    sing N N 108 
GLY N   H2   sing N N 109 
GLY CA  C    sing N N 110 
GLY CA  HA2  sing N N 111 
GLY CA  HA3  sing N N 112 
GLY C   O    doub N N 113 
GLY C   OXT  sing N N 114 
GLY OXT HXT  sing N N 115 
HIS N   CA   sing N N 116 
HIS N   H    sing N N 117 
HIS N   H2   sing N N 118 
HIS CA  C    sing N N 119 
HIS CA  CB   sing N N 120 
HIS CA  HA   sing N N 121 
HIS C   O    doub N N 122 
HIS C   OXT  sing N N 123 
HIS CB  CG   sing N N 124 
HIS CB  HB2  sing N N 125 
HIS CB  HB3  sing N N 126 
HIS CG  ND1  sing Y N 127 
HIS CG  CD2  doub Y N 128 
HIS ND1 CE1  doub Y N 129 
HIS ND1 HD1  sing N N 130 
HIS CD2 NE2  sing Y N 131 
HIS CD2 HD2  sing N N 132 
HIS CE1 NE2  sing Y N 133 
HIS CE1 HE1  sing N N 134 
HIS NE2 HE2  sing N N 135 
HIS OXT HXT  sing N N 136 
HOH O   H1   sing N N 137 
HOH O   H2   sing N N 138 
ILE N   CA   sing N N 139 
ILE N   H    sing N N 140 
ILE N   H2   sing N N 141 
ILE CA  C    sing N N 142 
ILE CA  CB   sing N N 143 
ILE CA  HA   sing N N 144 
ILE C   O    doub N N 145 
ILE C   OXT  sing N N 146 
ILE CB  CG1  sing N N 147 
ILE CB  CG2  sing N N 148 
ILE CB  HB   sing N N 149 
ILE CG1 CD1  sing N N 150 
ILE CG1 HG12 sing N N 151 
ILE CG1 HG13 sing N N 152 
ILE CG2 HG21 sing N N 153 
ILE CG2 HG22 sing N N 154 
ILE CG2 HG23 sing N N 155 
ILE CD1 HD11 sing N N 156 
ILE CD1 HD12 sing N N 157 
ILE CD1 HD13 sing N N 158 
ILE OXT HXT  sing N N 159 
LEU N   CA   sing N N 160 
LEU N   H    sing N N 161 
LEU N   H2   sing N N 162 
LEU CA  C    sing N N 163 
LEU CA  CB   sing N N 164 
LEU CA  HA   sing N N 165 
LEU C   O    doub N N 166 
LEU C   OXT  sing N N 167 
LEU CB  CG   sing N N 168 
LEU CB  HB2  sing N N 169 
LEU CB  HB3  sing N N 170 
LEU CG  CD1  sing N N 171 
LEU CG  CD2  sing N N 172 
LEU CG  HG   sing N N 173 
LEU CD1 HD11 sing N N 174 
LEU CD1 HD12 sing N N 175 
LEU CD1 HD13 sing N N 176 
LEU CD2 HD21 sing N N 177 
LEU CD2 HD22 sing N N 178 
LEU CD2 HD23 sing N N 179 
LEU OXT HXT  sing N N 180 
LYS N   CA   sing N N 181 
LYS N   H    sing N N 182 
LYS N   H2   sing N N 183 
LYS CA  C    sing N N 184 
LYS CA  CB   sing N N 185 
LYS CA  HA   sing N N 186 
LYS C   O    doub N N 187 
LYS C   OXT  sing N N 188 
LYS CB  CG   sing N N 189 
LYS CB  HB2  sing N N 190 
LYS CB  HB3  sing N N 191 
LYS CG  CD   sing N N 192 
LYS CG  HG2  sing N N 193 
LYS CG  HG3  sing N N 194 
LYS CD  CE   sing N N 195 
LYS CD  HD2  sing N N 196 
LYS CD  HD3  sing N N 197 
LYS CE  NZ   sing N N 198 
LYS CE  HE2  sing N N 199 
LYS CE  HE3  sing N N 200 
LYS NZ  HZ1  sing N N 201 
LYS NZ  HZ2  sing N N 202 
LYS NZ  HZ3  sing N N 203 
LYS OXT HXT  sing N N 204 
MSE N   CA   sing N N 205 
MSE N   H    sing N N 206 
MSE N   H2   sing N N 207 
MSE CA  C    sing N N 208 
MSE CA  CB   sing N N 209 
MSE CA  HA   sing N N 210 
MSE C   O    doub N N 211 
MSE C   OXT  sing N N 212 
MSE OXT HXT  sing N N 213 
MSE CB  CG   sing N N 214 
MSE CB  HB2  sing N N 215 
MSE CB  HB3  sing N N 216 
MSE CG  SE   sing N N 217 
MSE CG  HG2  sing N N 218 
MSE CG  HG3  sing N N 219 
MSE SE  CE   sing N N 220 
MSE CE  HE1  sing N N 221 
MSE CE  HE2  sing N N 222 
MSE CE  HE3  sing N N 223 
PHE N   CA   sing N N 224 
PHE N   H    sing N N 225 
PHE N   H2   sing N N 226 
PHE CA  C    sing N N 227 
PHE CA  CB   sing N N 228 
PHE CA  HA   sing N N 229 
PHE C   O    doub N N 230 
PHE C   OXT  sing N N 231 
PHE CB  CG   sing N N 232 
PHE CB  HB2  sing N N 233 
PHE CB  HB3  sing N N 234 
PHE CG  CD1  doub Y N 235 
PHE CG  CD2  sing Y N 236 
PHE CD1 CE1  sing Y N 237 
PHE CD1 HD1  sing N N 238 
PHE CD2 CE2  doub Y N 239 
PHE CD2 HD2  sing N N 240 
PHE CE1 CZ   doub Y N 241 
PHE CE1 HE1  sing N N 242 
PHE CE2 CZ   sing Y N 243 
PHE CE2 HE2  sing N N 244 
PHE CZ  HZ   sing N N 245 
PHE OXT HXT  sing N N 246 
PRO N   CA   sing N N 247 
PRO N   CD   sing N N 248 
PRO N   H    sing N N 249 
PRO CA  C    sing N N 250 
PRO CA  CB   sing N N 251 
PRO CA  HA   sing N N 252 
PRO C   O    doub N N 253 
PRO C   OXT  sing N N 254 
PRO CB  CG   sing N N 255 
PRO CB  HB2  sing N N 256 
PRO CB  HB3  sing N N 257 
PRO CG  CD   sing N N 258 
PRO CG  HG2  sing N N 259 
PRO CG  HG3  sing N N 260 
PRO CD  HD2  sing N N 261 
PRO CD  HD3  sing N N 262 
PRO OXT HXT  sing N N 263 
SER N   CA   sing N N 264 
SER N   H    sing N N 265 
SER N   H2   sing N N 266 
SER CA  C    sing N N 267 
SER CA  CB   sing N N 268 
SER CA  HA   sing N N 269 
SER C   O    doub N N 270 
SER C   OXT  sing N N 271 
SER CB  OG   sing N N 272 
SER CB  HB2  sing N N 273 
SER CB  HB3  sing N N 274 
SER OG  HG   sing N N 275 
SER OXT HXT  sing N N 276 
THR N   CA   sing N N 277 
THR N   H    sing N N 278 
THR N   H2   sing N N 279 
THR CA  C    sing N N 280 
THR CA  CB   sing N N 281 
THR CA  HA   sing N N 282 
THR C   O    doub N N 283 
THR C   OXT  sing N N 284 
THR CB  OG1  sing N N 285 
THR CB  CG2  sing N N 286 
THR CB  HB   sing N N 287 
THR OG1 HG1  sing N N 288 
THR CG2 HG21 sing N N 289 
THR CG2 HG22 sing N N 290 
THR CG2 HG23 sing N N 291 
THR OXT HXT  sing N N 292 
TRP N   CA   sing N N 293 
TRP N   H    sing N N 294 
TRP N   H2   sing N N 295 
TRP CA  C    sing N N 296 
TRP CA  CB   sing N N 297 
TRP CA  HA   sing N N 298 
TRP C   O    doub N N 299 
TRP C   OXT  sing N N 300 
TRP CB  CG   sing N N 301 
TRP CB  HB2  sing N N 302 
TRP CB  HB3  sing N N 303 
TRP CG  CD1  doub Y N 304 
TRP CG  CD2  sing Y N 305 
TRP CD1 NE1  sing Y N 306 
TRP CD1 HD1  sing N N 307 
TRP CD2 CE2  doub Y N 308 
TRP CD2 CE3  sing Y N 309 
TRP NE1 CE2  sing Y N 310 
TRP NE1 HE1  sing N N 311 
TRP CE2 CZ2  sing Y N 312 
TRP CE3 CZ3  doub Y N 313 
TRP CE3 HE3  sing N N 314 
TRP CZ2 CH2  doub Y N 315 
TRP CZ2 HZ2  sing N N 316 
TRP CZ3 CH2  sing Y N 317 
TRP CZ3 HZ3  sing N N 318 
TRP CH2 HH2  sing N N 319 
TRP OXT HXT  sing N N 320 
TYR N   CA   sing N N 321 
TYR N   H    sing N N 322 
TYR N   H2   sing N N 323 
TYR CA  C    sing N N 324 
TYR CA  CB   sing N N 325 
TYR CA  HA   sing N N 326 
TYR C   O    doub N N 327 
TYR C   OXT  sing N N 328 
TYR CB  CG   sing N N 329 
TYR CB  HB2  sing N N 330 
TYR CB  HB3  sing N N 331 
TYR CG  CD1  doub Y N 332 
TYR CG  CD2  sing Y N 333 
TYR CD1 CE1  sing Y N 334 
TYR CD1 HD1  sing N N 335 
TYR CD2 CE2  doub Y N 336 
TYR CD2 HD2  sing N N 337 
TYR CE1 CZ   doub Y N 338 
TYR CE1 HE1  sing N N 339 
TYR CE2 CZ   sing Y N 340 
TYR CE2 HE2  sing N N 341 
TYR CZ  OH   sing N N 342 
TYR OH  HH   sing N N 343 
TYR OXT HXT  sing N N 344 
VAL N   CA   sing N N 345 
VAL N   H    sing N N 346 
VAL N   H2   sing N N 347 
VAL CA  C    sing N N 348 
VAL CA  CB   sing N N 349 
VAL CA  HA   sing N N 350 
VAL C   O    doub N N 351 
VAL C   OXT  sing N N 352 
VAL CB  CG1  sing N N 353 
VAL CB  CG2  sing N N 354 
VAL CB  HB   sing N N 355 
VAL CG1 HG11 sing N N 356 
VAL CG1 HG12 sing N N 357 
VAL CG1 HG13 sing N N 358 
VAL CG2 HG21 sing N N 359 
VAL CG2 HG22 sing N N 360 
VAL CG2 HG23 sing N N 361 
VAL OXT HXT  sing N N 362 
# 
_atom_sites.entry_id                    4NPX 
_atom_sites.fract_transf_matrix[1][1]   -0.00501175 
_atom_sites.fract_transf_matrix[1][2]   -0.01626792 
_atom_sites.fract_transf_matrix[1][3]   0.00117611 
_atom_sites.fract_transf_matrix[2][1]   -0.01052676 
_atom_sites.fract_transf_matrix[2][2]   0.00228636 
_atom_sites.fract_transf_matrix[2][3]   -0.01323276 
_atom_sites.fract_transf_matrix[3][1]   0.01465924 
_atom_sites.fract_transf_matrix[3][2]   -0.00542703 
_atom_sites.fract_transf_matrix[3][3]   -0.01259921 
_atom_sites.fract_transf_vector[1]      0.406984 
_atom_sites.fract_transf_vector[2]      0.378808 
_atom_sites.fract_transf_vector[3]      0.077445 
# 
loop_
_atom_type.symbol 
C  
N  
O  
SE 
# 
loop_
_atom_site.group_PDB 
_atom_site.id 
_atom_site.type_symbol 
_atom_site.label_atom_id 
_atom_site.label_alt_id 
_atom_site.label_comp_id 
_atom_site.label_asym_id 
_atom_site.label_entity_id 
_atom_site.label_seq_id 
_atom_site.pdbx_PDB_ins_code 
_atom_site.Cartn_x 
_atom_site.Cartn_y 
_atom_site.Cartn_z 
_atom_site.occupancy 
_atom_site.B_iso_or_equiv 
_atom_site.pdbx_formal_charge 
_atom_site.auth_seq_id 
_atom_site.auth_comp_id 
_atom_site.auth_asym_id 
_atom_site.auth_atom_id 
_atom_site.pdbx_PDB_model_num 
ATOM   1   N  N   . PHE A 1 36  ? 20.323  -1.389  2.312   1.00 83.25  ? 8   PHE A N   1 
ATOM   2   C  CA  . PHE A 1 36  ? 21.691  -1.896  2.614   1.00 80.67  ? 8   PHE A CA  1 
ATOM   3   C  C   . PHE A 1 36  ? 21.653  -2.491  4.034   1.00 98.56  ? 8   PHE A C   1 
ATOM   4   O  O   . PHE A 1 36  ? 21.758  -3.727  4.215   1.00 92.83  ? 8   PHE A O   1 
ATOM   5   C  CB  . PHE A 1 36  ? 22.713  -0.768  2.463   1.00 81.71  ? 8   PHE A CB  1 
ATOM   6   N  N   . ASN A 1 37  ? 21.488  -1.597  5.022   1.00 88.97  ? 9   ASN A N   1 
ATOM   7   C  CA  . ASN A 1 37  ? 21.325  -1.957  6.455   1.00 78.57  ? 9   ASN A CA  1 
ATOM   8   C  C   . ASN A 1 37  ? 19.828  -1.878  6.766   1.00 74.93  ? 9   ASN A C   1 
ATOM   9   O  O   . ASN A 1 37  ? 19.435  -1.799  7.928   1.00 70.57  ? 9   ASN A O   1 
ATOM   10  C  CB  . ASN A 1 37  ? 22.042  -0.956  7.392   1.00 75.38  ? 9   ASN A CB  1 
ATOM   11  C  CG  . ASN A 1 37  ? 23.563  -0.982  7.257   1.00 81.77  ? 9   ASN A CG  1 
ATOM   12  O  OD1 . ASN A 1 37  ? 24.157  -1.997  6.866   1.00 89.57  ? 9   ASN A OD1 1 
ATOM   13  N  ND2 . ASN A 1 37  ? 24.202  0.134   7.615   1.00 78.18  ? 9   ASN A ND2 1 
ATOM   14  N  N   . LYS A 1 38  ? 19.011  -1.847  5.712   1.00 88.50  ? 10  LYS A N   1 
ATOM   15  C  CA  . LYS A 1 38  ? 17.575  -1.713  5.842   1.00 76.09  ? 10  LYS A CA  1 
ATOM   16  C  C   . LYS A 1 38  ? 16.764  -2.545  4.877   1.00 66.75  ? 10  LYS A C   1 
ATOM   17  O  O   . LYS A 1 38  ? 17.105  -2.747  3.704   1.00 66.26  ? 10  LYS A O   1 
ATOM   18  C  CB  . LYS A 1 38  ? 17.177  -0.242  5.725   1.00 68.94  ? 10  LYS A CB  1 
ATOM   19  C  CG  . LYS A 1 38  ? 17.509  0.495   6.984   1.00 79.27  ? 10  LYS A CG  1 
ATOM   20  C  CD  . LYS A 1 38  ? 17.519  1.993   6.852   1.00 83.14  ? 10  LYS A CD  1 
ATOM   21  C  CE  . LYS A 1 38  ? 18.173  2.493   8.134   1.00 92.62  ? 10  LYS A CE  1 
ATOM   22  N  NZ  . LYS A 1 38  ? 18.237  3.970   8.311   1.00 102.53 ? 10  LYS A NZ  1 
ATOM   23  N  N   . THR A 1 39  ? 15.631  -2.989  5.400   1.00 63.17  ? 11  THR A N   1 
ATOM   24  C  CA  . THR A 1 39  ? 14.689  -3.743  4.641   1.00 55.83  ? 11  THR A CA  1 
ATOM   25  C  C   . THR A 1 39  ? 13.871  -2.714  3.884   1.00 52.11  ? 11  THR A C   1 
ATOM   26  O  O   . THR A 1 39  ? 13.922  -1.507  4.205   1.00 50.15  ? 11  THR A O   1 
ATOM   27  C  CB  . THR A 1 39  ? 13.811  -4.575  5.594   1.00 54.98  ? 11  THR A CB  1 
ATOM   28  O  OG1 . THR A 1 39  ? 13.208  -3.736  6.568   1.00 50.91  ? 11  THR A OG1 1 
ATOM   29  C  CG2 . THR A 1 39  ? 14.669  -5.549  6.364   1.00 61.38  ? 11  THR A CG2 1 
ATOM   30  N  N   . PRO A 1 40  ? 13.192  -3.164  2.834   1.00 50.65  ? 12  PRO A N   1 
ATOM   31  C  CA  . PRO A 1 40  ? 12.277  -2.325  2.132   1.00 49.79  ? 12  PRO A CA  1 
ATOM   32  C  C   . PRO A 1 40  ? 11.272  -1.748  3.087   1.00 44.22  ? 12  PRO A C   1 
ATOM   33  O  O   . PRO A 1 40  ? 10.972  -0.597  2.954   1.00 41.98  ? 12  PRO A O   1 
ATOM   34  C  CB  . PRO A 1 40  ? 11.562  -3.289  1.182   1.00 48.59  ? 12  PRO A CB  1 
ATOM   35  C  CG  . PRO A 1 40  ? 12.626  -4.296  0.856   1.00 50.93  ? 12  PRO A CG  1 
ATOM   36  C  CD  . PRO A 1 40  ? 13.537  -4.371  2.030   1.00 52.21  ? 12  PRO A CD  1 
ATOM   37  N  N   . LYS A 1 41  ? 10.819  -2.501  4.077   1.00 44.30  ? 13  LYS A N   1 
ATOM   38  C  CA  . LYS A 1 41  ? 9.867   -1.965  5.013   1.00 42.94  ? 13  LYS A CA  1 
ATOM   39  C  C   . LYS A 1 41  ? 10.430  -0.804  5.780   1.00 41.78  ? 13  LYS A C   1 
ATOM   40  O  O   . LYS A 1 41  ? 9.788   0.239   5.876   1.00 39.49  ? 13  LYS A O   1 
ATOM   41  C  CB  . LYS A 1 41  ? 9.427   -3.056  5.968   1.00 48.28  ? 13  LYS A CB  1 
ATOM   42  C  CG  . LYS A 1 41  ? 8.339   -2.609  6.930   1.00 52.13  ? 13  LYS A CG  1 
ATOM   43  C  CD  . LYS A 1 41  ? 7.737   -3.814  7.665   1.00 58.38  ? 13  LYS A CD  1 
ATOM   44  C  CE  . LYS A 1 41  ? 8.771   -4.701  8.310   1.00 60.40  ? 13  LYS A CE  1 
ATOM   45  N  NZ  . LYS A 1 41  ? 8.044   -5.840  8.950   1.00 69.09  ? 13  LYS A NZ  1 
ATOM   46  N  N   . GLU A 1 42  ? 11.600  -1.023  6.372   1.00 47.21  ? 14  GLU A N   1 
ATOM   47  C  CA  . GLU A 1 42  ? 12.321  0.027   7.147   1.00 49.23  ? 14  GLU A CA  1 
ATOM   48  C  C   . GLU A 1 42  ? 12.579  1.264   6.266   1.00 45.14  ? 14  GLU A C   1 
ATOM   49  O  O   . GLU A 1 42  ? 12.308  2.353   6.683   1.00 42.59  ? 14  GLU A O   1 
ATOM   50  C  CB  . GLU A 1 42  ? 13.633  -0.509  7.711   1.00 57.33  ? 14  GLU A CB  1 
ATOM   51  C  CG  . GLU A 1 42  ? 13.436  -1.586  8.770   1.00 62.17  ? 14  GLU A CG  1 
ATOM   52  C  CD  . GLU A 1 42  ? 14.694  -2.398  9.070   1.00 70.90  ? 14  GLU A CD  1 
ATOM   53  O  OE1 . GLU A 1 42  ? 15.727  -2.267  8.365   1.00 73.72  ? 14  GLU A OE1 1 
ATOM   54  O  OE2 . GLU A 1 42  ? 14.627  -3.199  10.019  1.00 76.38  ? 14  GLU A OE2 1 
ATOM   55  N  N   . LYS A 1 43  ? 12.990  1.088   5.023   1.00 41.67  ? 15  LYS A N   1 
ATOM   56  C  CA  . LYS A 1 43  ? 13.207  2.245   4.192   1.00 42.76  ? 15  LYS A CA  1 
ATOM   57  C  C   . LYS A 1 43  ? 11.878  3.012   3.891   1.00 38.81  ? 15  LYS A C   1 
ATOM   58  O  O   . LYS A 1 43  ? 11.829  4.253   3.921   1.00 36.98  ? 15  LYS A O   1 
ATOM   59  C  CB  . LYS A 1 43  ? 13.898  1.823   2.928   1.00 47.40  ? 15  LYS A CB  1 
ATOM   60  C  CG  . LYS A 1 43  ? 14.490  2.965   2.110   1.00 52.49  ? 15  LYS A CG  1 
ATOM   61  C  CD  . LYS A 1 43  ? 15.162  2.369   0.877   1.00 59.67  ? 15  LYS A CD  1 
ATOM   62  C  CE  . LYS A 1 43  ? 15.808  3.403   -0.021  1.00 69.51  ? 15  LYS A CE  1 
ATOM   63  N  NZ  . LYS A 1 43  ? 14.807  4.370   -0.499  1.00 74.43  ? 15  LYS A NZ  1 
ATOM   64  N  N   . PHE A 1 44  ? 10.787  2.287   3.645   1.00 36.25  ? 16  PHE A N   1 
ATOM   65  C  CA  . PHE A 1 44  ? 9.499   2.980   3.400   1.00 37.48  ? 16  PHE A CA  1 
ATOM   66  C  C   . PHE A 1 44  ? 9.070   3.789   4.582   1.00 35.79  ? 16  PHE A C   1 
ATOM   67  O  O   . PHE A 1 44  ? 8.582   4.911   4.462   1.00 34.89  ? 16  PHE A O   1 
ATOM   68  C  CB  . PHE A 1 44  ? 8.429   1.959   3.053   1.00 37.30  ? 16  PHE A CB  1 
ATOM   69  C  CG  . PHE A 1 44  ? 7.047   2.503   3.086   1.00 38.58  ? 16  PHE A CG  1 
ATOM   70  C  CD1 . PHE A 1 44  ? 6.585   3.260   2.036   1.00 40.17  ? 16  PHE A CD1 1 
ATOM   71  C  CD2 . PHE A 1 44  ? 6.217   2.203   4.128   1.00 40.88  ? 16  PHE A CD2 1 
ATOM   72  C  CE1 . PHE A 1 44  ? 5.290   3.734   2.049   1.00 40.37  ? 16  PHE A CE1 1 
ATOM   73  C  CE2 . PHE A 1 44  ? 4.901   2.667   4.143   1.00 39.94  ? 16  PHE A CE2 1 
ATOM   74  C  CZ  . PHE A 1 44  ? 4.470   3.423   3.081   1.00 37.10  ? 16  PHE A CZ  1 
ATOM   75  N  N   . ILE A 1 45  ? 9.202   3.215   5.760   1.00 39.26  ? 17  ILE A N   1 
ATOM   76  C  CA  . ILE A 1 45  ? 8.794   3.936   6.994   1.00 39.08  ? 17  ILE A CA  1 
ATOM   77  C  C   . ILE A 1 45  ? 9.599   5.234   7.174   1.00 39.62  ? 17  ILE A C   1 
ATOM   78  O  O   . ILE A 1 45  ? 9.032   6.294   7.542   1.00 38.61  ? 17  ILE A O   1 
ATOM   79  C  CB  . ILE A 1 45  ? 8.970   3.069   8.211   1.00 43.58  ? 17  ILE A CB  1 
ATOM   80  C  CG1 . ILE A 1 45  ? 8.153   1.777   8.099   1.00 44.45  ? 17  ILE A CG1 1 
ATOM   81  C  CG2 . ILE A 1 45  ? 8.580   3.885   9.458   1.00 47.84  ? 17  ILE A CG2 1 
ATOM   82  C  CD1 . ILE A 1 45  ? 6.695   2.045   7.940   1.00 45.38  ? 17  ILE A CD1 1 
ATOM   83  N  N   . GLU A 1 46  ? 10.912  5.136   6.959   1.00 40.47  ? 18  GLU A N   1 
ATOM   84  C  CA  . GLU A 1 46  ? 11.793  6.288   7.018   1.00 42.17  ? 18  GLU A CA  1 
ATOM   85  C  C   . GLU A 1 46  ? 11.367  7.372   6.016   1.00 39.05  ? 18  GLU A C   1 
ATOM   86  O  O   . GLU A 1 46  ? 11.370  8.563   6.306   1.00 38.92  ? 18  GLU A O   1 
ATOM   87  C  CB  . GLU A 1 46  ? 13.210  5.850   6.763   1.00 48.15  ? 18  GLU A CB  1 
ATOM   88  C  CG  . GLU A 1 46  ? 13.782  5.150   7.952   1.00 56.59  ? 18  GLU A CG  1 
ATOM   89  C  CD  . GLU A 1 46  ? 15.280  5.156   7.883   1.00 67.97  ? 18  GLU A CD  1 
ATOM   90  O  OE1 . GLU A 1 46  ? 15.790  5.330   6.752   1.00 64.56  ? 18  GLU A OE1 1 
ATOM   91  O  OE2 . GLU A 1 46  ? 15.926  5.023   8.956   1.00 82.86  ? 18  GLU A OE2 1 
ATOM   92  N  N   . ILE A 1 47  ? 10.970  6.959   4.829   1.00 37.16  ? 19  ILE A N   1 
ATOM   93  C  CA  . ILE A 1 47  ? 10.468  7.851   3.789   1.00 36.66  ? 19  ILE A CA  1 
ATOM   94  C  C   . ILE A 1 47  ? 9.205   8.589   4.205   1.00 37.91  ? 19  ILE A C   1 
ATOM   95  O  O   . ILE A 1 47  ? 9.139   9.782   4.018   1.00 37.44  ? 19  ILE A O   1 
ATOM   96  C  CB  . ILE A 1 47  ? 10.289  7.108   2.445   1.00 37.63  ? 19  ILE A CB  1 
ATOM   97  C  CG1 . ILE A 1 47  ? 11.705  6.861   1.845   1.00 38.77  ? 19  ILE A CG1 1 
ATOM   98  C  CG2 . ILE A 1 47  ? 9.539   8.011   1.498   1.00 37.00  ? 19  ILE A CG2 1 
ATOM   99  C  CD1 . ILE A 1 47  ? 11.725  5.835   0.718   1.00 40.77  ? 19  ILE A CD1 1 
ATOM   100 N  N   . ILE A 1 48  ? 8.228   7.851   4.800   1.00 36.81  ? 20  ILE A N   1 
ATOM   101 C  CA  . ILE A 1 48  ? 6.993   8.416   5.365   1.00 42.02  ? 20  ILE A CA  1 
ATOM   102 C  C   . ILE A 1 48  ? 7.307   9.403   6.474   1.00 40.37  ? 20  ILE A C   1 
ATOM   103 O  O   . ILE A 1 48  ? 6.865   10.587  6.442   1.00 42.25  ? 20  ILE A O   1 
ATOM   104 C  CB  . ILE A 1 48  ? 6.130   7.222   5.942   1.00 43.04  ? 20  ILE A CB  1 
ATOM   105 C  CG1 . ILE A 1 48  ? 5.081   6.850   4.967   1.00 44.08  ? 20  ILE A CG1 1 
ATOM   106 C  CG2 . ILE A 1 48  ? 5.452   7.580   7.208   1.00 53.53  ? 20  ILE A CG2 1 
ATOM   107 C  CD1 . ILE A 1 48  ? 5.568   6.720   3.610   1.00 44.22  ? 20  ILE A CD1 1 
ATOM   108 N  N   . GLN A 1 49  ? 8.112   8.956   7.425   1.00 41.85  ? 21  GLN A N   1 
ATOM   109 C  CA  . GLN A 1 49  ? 8.458   9.821   8.512   1.00 44.50  ? 21  GLN A CA  1 
ATOM   110 C  C   . GLN A 1 49  ? 9.086   11.154  8.061   1.00 45.64  ? 21  GLN A C   1 
ATOM   111 O  O   . GLN A 1 49  ? 8.965   12.150  8.774   1.00 43.22  ? 21  GLN A O   1 
ATOM   112 C  CB  . GLN A 1 49  ? 9.409   9.117   9.532   1.00 47.94  ? 21  GLN A CB  1 
ATOM   113 C  CG  . GLN A 1 49  ? 8.791   7.978   10.384  1.00 47.78  ? 21  GLN A CG  1 
ATOM   114 C  CD  . GLN A 1 49  ? 9.858   7.104   11.077  1.00 53.56  ? 21  GLN A CD  1 
ATOM   115 O  OE1 . GLN A 1 49  ? 11.008  6.893   10.552  1.00 49.85  ? 21  GLN A OE1 1 
ATOM   116 N  NE2 . GLN A 1 49  ? 9.500   6.566   12.246  1.00 52.92  ? 21  GLN A NE2 1 
ATOM   117 N  N   . ASN A 1 50  ? 9.836   11.152  6.951   1.00 43.65  ? 22  ASN A N   1 
ATOM   118 C  CA  . ASN A 1 50  ? 10.549  12.336  6.487   1.00 44.38  ? 22  ASN A CA  1 
ATOM   119 C  C   . ASN A 1 50  ? 9.955   13.045  5.306   1.00 46.63  ? 22  ASN A C   1 
ATOM   120 O  O   . ASN A 1 50  ? 10.532  14.008  4.753   1.00 44.17  ? 22  ASN A O   1 
ATOM   121 C  CB  . ASN A 1 50  ? 12.015  11.955  6.247   1.00 46.34  ? 22  ASN A CB  1 
ATOM   122 C  CG  . ASN A 1 50  ? 12.701  11.618  7.559   1.00 48.03  ? 22  ASN A CG  1 
ATOM   123 O  OD1 . ASN A 1 50  ? 13.037  12.543  8.347   1.00 53.53  ? 22  ASN A OD1 1 
ATOM   124 N  ND2 . ASN A 1 50  ? 12.857  10.303  7.851   1.00 46.31  ? 22  ASN A ND2 1 
ATOM   125 N  N   . GLY A 1 51  ? 8.759   12.649  4.976   1.00 43.25  ? 23  GLY A N   1 
ATOM   126 C  CA  . GLY A 1 51  ? 8.121   13.223  3.826   1.00 45.55  ? 23  GLY A CA  1 
ATOM   127 C  C   . GLY A 1 51  ? 7.508   14.533  4.149   1.00 47.36  ? 23  GLY A C   1 
ATOM   128 O  O   . GLY A 1 51  ? 7.109   14.772  5.300   1.00 47.39  ? 23  GLY A O   1 
ATOM   129 N  N   . ASN A 1 52  ? 7.422   15.374  3.147   1.00 49.80  ? 24  ASN A N   1 
ATOM   130 C  CA  . ASN A 1 52  ? 6.782   16.645  3.324   1.00 55.79  ? 24  ASN A CA  1 
ATOM   131 C  C   . ASN A 1 52  ? 5.294   16.446  3.108   1.00 53.83  ? 24  ASN A C   1 
ATOM   132 O  O   . ASN A 1 52  ? 4.850   15.509  2.383   1.00 47.67  ? 24  ASN A O   1 
ATOM   133 C  CB  . ASN A 1 52  ? 7.263   17.642  2.307   1.00 69.22  ? 24  ASN A CB  1 
ATOM   134 C  CG  . ASN A 1 52  ? 6.923   17.215  0.908   1.00 74.98  ? 24  ASN A CG  1 
ATOM   135 O  OD1 . ASN A 1 52  ? 7.392   16.166  0.451   1.00 98.49  ? 24  ASN A OD1 1 
ATOM   136 N  ND2 . ASN A 1 52  ? 6.124   18.027  0.206   1.00 78.67  ? 24  ASN A ND2 1 
ATOM   137 N  N   . LEU A 1 53  ? 4.530   17.390  3.640   1.00 53.77  ? 25  LEU A N   1 
ATOM   138 C  CA  . LEU A 1 53  ? 3.061   17.301  3.575   1.00 54.97  ? 25  LEU A CA  1 
ATOM   139 C  C   . LEU A 1 53  ? 2.447   17.053  2.143   1.00 51.41  ? 25  LEU A C   1 
ATOM   140 O  O   . LEU A 1 53  ? 1.593   16.170  1.956   1.00 48.71  ? 25  LEU A O   1 
ATOM   141 C  CB  . LEU A 1 53  ? 2.502   18.574  4.210   1.00 58.25  ? 25  LEU A CB  1 
ATOM   142 C  CG  . LEU A 1 53  ? 1.001   18.643  4.283   1.00 62.75  ? 25  LEU A CG  1 
ATOM   143 C  CD1 . LEU A 1 53  ? 0.509   17.682  5.373   1.00 67.05  ? 25  LEU A CD1 1 
ATOM   144 C  CD2 . LEU A 1 53  ? 0.531   20.047  4.532   1.00 67.10  ? 25  LEU A CD2 1 
ATOM   145 N  N   . GLY A 1 54  ? 2.842   17.873  1.172   1.00 51.82  ? 26  GLY A N   1 
ATOM   146 C  CA  . GLY A 1 54  ? 2.318   17.787  -0.181  1.00 51.96  ? 26  GLY A CA  1 
ATOM   147 C  C   . GLY A 1 54  ? 2.560   16.429  -0.815  1.00 50.39  ? 26  GLY A C   1 
ATOM   148 O  O   . GLY A 1 54  ? 1.659   15.840  -1.384  1.00 48.34  ? 26  GLY A O   1 
ATOM   149 N  N   . ALA A 1 55  ? 3.789   15.957  -0.735  1.00 49.89  ? 27  ALA A N   1 
ATOM   150 C  CA  . ALA A 1 55  ? 4.178   14.661  -1.283  1.00 47.66  ? 27  ALA A CA  1 
ATOM   151 C  C   . ALA A 1 55  ? 3.369   13.529  -0.666  1.00 46.28  ? 27  ALA A C   1 
ATOM   152 O  O   . ALA A 1 55  ? 2.875   12.654  -1.379  1.00 41.72  ? 27  ALA A O   1 
ATOM   153 C  CB  . ALA A 1 55  ? 5.641   14.419  -0.996  1.00 48.60  ? 27  ALA A CB  1 
ATOM   154 N  N   . LEU A 1 56  ? 3.312   13.493  0.673   1.00 41.93  ? 28  LEU A N   1 
ATOM   155 C  CA  . LEU A 1 56  ? 2.534   12.467  1.340   1.00 38.68  ? 28  LEU A CA  1 
ATOM   156 C  C   . LEU A 1 56  ? 1.038   12.545  1.054   1.00 39.42  ? 28  LEU A C   1 
ATOM   157 O  O   . LEU A 1 56  ? 0.392   11.499  0.889   1.00 39.61  ? 28  LEU A O   1 
ATOM   158 C  CB  . LEU A 1 56  ? 2.743   12.504  2.845   1.00 38.01  ? 28  LEU A CB  1 
ATOM   159 C  CG  . LEU A 1 56  ? 4.155   12.251  3.344   1.00 38.92  ? 28  LEU A CG  1 
ATOM   160 C  CD1 . LEU A 1 56  ? 4.276   12.618  4.836   1.00 39.88  ? 28  LEU A CD1 1 
ATOM   161 C  CD2 . LEU A 1 56  ? 4.554   10.786  3.112   1.00 37.12  ? 28  LEU A CD2 1 
ATOM   162 N  N   . GLU A 1 57  ? 0.464   13.747  1.058   1.00 39.34  ? 29  GLU A N   1 
ATOM   163 C  CA  . GLU A 1 57  ? -0.932  13.825  0.805   1.00 41.18  ? 29  GLU A CA  1 
ATOM   164 C  C   . GLU A 1 57  ? -1.245  13.332  -0.584  1.00 40.92  ? 29  GLU A C   1 
ATOM   165 O  O   . GLU A 1 57  ? -2.181  12.655  -0.746  1.00 40.71  ? 29  GLU A O   1 
ATOM   166 C  CB  . GLU A 1 57  ? -1.447  15.240  0.956   1.00 44.98  ? 29  GLU A CB  1 
ATOM   167 C  CG  . GLU A 1 57  ? -1.543  15.723  2.398   1.00 46.58  ? 29  GLU A CG  1 
ATOM   168 C  CD  . GLU A 1 57  ? -2.004  17.197  2.524   1.00 54.21  ? 29  GLU A CD  1 
ATOM   169 O  OE1 . GLU A 1 57  ? -1.993  18.031  1.529   1.00 56.62  ? 29  GLU A OE1 1 
ATOM   170 O  OE2 . GLU A 1 57  ? -2.359  17.555  3.671   1.00 57.48  ? 29  GLU A OE2 1 
ATOM   171 N  N   . LYS A 1 58  ? -0.454  13.645  -1.580  1.00 42.25  ? 30  LYS A N   1 
ATOM   172 C  CA  . LYS A 1 58  ? -0.786  13.255  -2.942  1.00 45.15  ? 30  LYS A CA  1 
ATOM   173 C  C   . LYS A 1 58  ? -0.763  11.728  -3.054  1.00 42.09  ? 30  LYS A C   1 
ATOM   174 O  O   . LYS A 1 58  ? -1.685  11.121  -3.606  1.00 41.12  ? 30  LYS A O   1 
ATOM   175 C  CB  . LYS A 1 58  ? 0.242   13.835  -3.925  1.00 47.58  ? 30  LYS A CB  1 
ATOM   176 C  CG  . LYS A 1 58  ? -0.117  13.672  -5.390  1.00 53.35  ? 30  LYS A CG  1 
ATOM   177 N  N   . VAL A 1 59  ? 0.283   11.120  -2.512  1.00 38.09  ? 31  VAL A N   1 
ATOM   178 C  CA  . VAL A 1 59  ? 0.444   9.673   -2.598  1.00 38.05  ? 31  VAL A CA  1 
ATOM   179 C  C   . VAL A 1 59  ? -0.620  8.921   -1.803  1.00 38.29  ? 31  VAL A C   1 
ATOM   180 O  O   . VAL A 1 59  ? -1.218  7.964   -2.345  1.00 36.66  ? 31  VAL A O   1 
ATOM   181 C  CB  . VAL A 1 59  ? 1.890   9.265   -2.217  1.00 40.93  ? 31  VAL A CB  1 
ATOM   182 C  CG1 . VAL A 1 59  ? 2.050   7.791   -2.202  1.00 39.43  ? 31  VAL A CG1 1 
ATOM   183 C  CG2 . VAL A 1 59  ? 2.890   9.943   -3.170  1.00 47.18  ? 31  VAL A CG2 1 
ATOM   184 N  N   . PHE A 1 60  ? -0.902  9.336   -0.553  1.00 35.85  ? 32  PHE A N   1 
ATOM   185 C  CA  . PHE A 1 60  ? -1.934  8.715   0.217   1.00 36.38  ? 32  PHE A CA  1 
ATOM   186 C  C   . PHE A 1 60  ? -3.355  8.902   -0.303  1.00 38.33  ? 32  PHE A C   1 
ATOM   187 O  O   . PHE A 1 60  ? -4.153  7.960   -0.275  1.00 35.80  ? 32  PHE A O   1 
ATOM   188 C  CB  . PHE A 1 60  ? -1.775  8.956   1.747   1.00 37.86  ? 32  PHE A CB  1 
ATOM   189 C  CG  . PHE A 1 60  ? -0.617  8.136   2.310   1.00 37.73  ? 32  PHE A CG  1 
ATOM   190 C  CD1 . PHE A 1 60  ? -0.708  6.748   2.361   1.00 43.95  ? 32  PHE A CD1 1 
ATOM   191 C  CD2 . PHE A 1 60  ? 0.532   8.710   2.706   1.00 42.53  ? 32  PHE A CD2 1 
ATOM   192 C  CE1 . PHE A 1 60  ? 0.348   5.981   2.796   1.00 43.26  ? 32  PHE A CE1 1 
ATOM   193 C  CE2 . PHE A 1 60  ? 1.579   7.946   3.237   1.00 42.76  ? 32  PHE A CE2 1 
ATOM   194 C  CZ  . PHE A 1 60  ? 1.507   6.589   3.237   1.00 44.20  ? 32  PHE A CZ  1 
ATOM   195 N  N   . GLU A 1 61  ? -3.679  10.075  -0.798  1.00 37.62  ? 33  GLU A N   1 
ATOM   196 C  CA  . GLU A 1 61  ? -4.964  10.287  -1.410  1.00 38.10  ? 33  GLU A CA  1 
ATOM   197 C  C   . GLU A 1 61  ? -5.233  9.287   -2.502  1.00 36.00  ? 33  GLU A C   1 
ATOM   198 O  O   . GLU A 1 61  ? -6.299  8.770   -2.565  1.00 35.99  ? 33  GLU A O   1 
ATOM   199 C  CB  . GLU A 1 61  ? -5.084  11.687  -1.998  1.00 44.80  ? 33  GLU A CB  1 
ATOM   200 C  CG  . GLU A 1 61  ? -5.124  12.803  -0.992  1.00 50.49  ? 33  GLU A CG  1 
ATOM   201 C  CD  . GLU A 1 61  ? -4.847  14.158  -1.614  1.00 51.59  ? 33  GLU A CD  1 
ATOM   202 O  OE1 . GLU A 1 61  ? -4.691  14.240  -2.814  1.00 55.27  ? 33  GLU A OE1 1 
ATOM   203 O  OE2 . GLU A 1 61  ? -4.789  15.139  -0.909  1.00 54.54  ? 33  GLU A OE2 1 
ATOM   204 N  N   . GLU A 1 62  ? -4.279  9.039   -3.374  1.00 38.01  ? 34  GLU A N   1 
ATOM   205 C  CA  . GLU A 1 62  ? -4.531  8.170   -4.507  1.00 39.34  ? 34  GLU A CA  1 
ATOM   206 C  C   . GLU A 1 62  ? -4.561  6.719   -4.096  1.00 38.77  ? 34  GLU A C   1 
ATOM   207 O  O   . GLU A 1 62  ? -5.337  5.952   -4.597  1.00 36.79  ? 34  GLU A O   1 
ATOM   208 C  CB  . GLU A 1 62  ? -3.611  8.452   -5.690  1.00 47.88  ? 34  GLU A CB  1 
ATOM   209 C  CG  . GLU A 1 62  ? -4.268  8.290   -7.079  1.00 62.89  ? 34  GLU A CG  1 
ATOM   210 C  CD  . GLU A 1 62  ? -5.485  9.209   -7.387  1.00 78.57  ? 34  GLU A CD  1 
ATOM   211 O  OE1 . GLU A 1 62  ? -5.529  10.377  -6.950  1.00 93.45  ? 34  GLU A OE1 1 
ATOM   212 O  OE2 . GLU A 1 62  ? -6.425  8.773   -8.078  1.00 79.87  ? 34  GLU A OE2 1 
ATOM   213 N  N   . PHE A 1 63  ? -3.731  6.371   -3.140  1.00 35.47  ? 35  PHE A N   1 
ATOM   214 C  CA  . PHE A 1 63  ? -3.702  5.021   -2.653  1.00 36.74  ? 35  PHE A CA  1 
ATOM   215 C  C   . PHE A 1 63  ? -5.017  4.683   -1.957  1.00 36.41  ? 35  PHE A C   1 
ATOM   216 O  O   . PHE A 1 63  ? -5.576  3.655   -2.189  1.00 35.49  ? 35  PHE A O   1 
ATOM   217 C  CB  . PHE A 1 63  ? -2.499  4.810   -1.741  1.00 36.20  ? 35  PHE A CB  1 
ATOM   218 C  CG  . PHE A 1 63  ? -2.190  3.370   -1.471  1.00 36.15  ? 35  PHE A CG  1 
ATOM   219 C  CD1 . PHE A 1 63  ? -1.605  2.587   -2.422  1.00 39.23  ? 35  PHE A CD1 1 
ATOM   220 C  CD2 . PHE A 1 63  ? -2.519  2.803   -0.272  1.00 38.33  ? 35  PHE A CD2 1 
ATOM   221 C  CE1 . PHE A 1 63  ? -1.327  1.275   -2.174  1.00 36.97  ? 35  PHE A CE1 1 
ATOM   222 C  CE2 . PHE A 1 63  ? -2.244  1.491   -0.009  1.00 37.33  ? 35  PHE A CE2 1 
ATOM   223 C  CZ  . PHE A 1 63  ? -1.650  0.730   -0.963  1.00 39.67  ? 35  PHE A CZ  1 
ATOM   224 N  N   . PHE A 1 64  ? -5.497  5.586   -1.125  1.00 33.58  ? 36  PHE A N   1 
ATOM   225 C  CA  . PHE A 1 64  ? -6.763  5.435   -0.430  1.00 32.10  ? 36  PHE A CA  1 
ATOM   226 C  C   . PHE A 1 64  ? -7.959  5.412   -1.397  1.00 33.07  ? 36  PHE A C   1 
ATOM   227 O  O   . PHE A 1 64  ? -8.870  4.656   -1.232  1.00 32.41  ? 36  PHE A O   1 
ATOM   228 C  CB  . PHE A 1 64  ? -6.941  6.523   0.627   1.00 34.13  ? 36  PHE A CB  1 
ATOM   229 C  CG  . PHE A 1 64  ? -5.991  6.432   1.792   1.00 34.05  ? 36  PHE A CG  1 
ATOM   230 C  CD1 . PHE A 1 64  ? -5.187  5.344   1.977   1.00 35.57  ? 36  PHE A CD1 1 
ATOM   231 C  CD2 . PHE A 1 64  ? -5.905  7.453   2.684   1.00 34.54  ? 36  PHE A CD2 1 
ATOM   232 C  CE1 . PHE A 1 64  ? -4.317  5.281   3.036   1.00 38.12  ? 36  PHE A CE1 1 
ATOM   233 C  CE2 . PHE A 1 64  ? -5.051  7.404   3.742   1.00 38.00  ? 36  PHE A CE2 1 
ATOM   234 C  CZ  . PHE A 1 64  ? -4.251  6.316   3.925   1.00 37.27  ? 36  PHE A CZ  1 
ATOM   235 N  N   . ALA A 1 65  ? -7.922  6.252   -2.405  1.00 31.80  ? 37  ALA A N   1 
ATOM   236 C  CA  . ALA A 1 65  ? -8.944  6.250   -3.416  1.00 33.22  ? 37  ALA A CA  1 
ATOM   237 C  C   . ALA A 1 65  ? -9.032  4.895   -4.074  1.00 33.97  ? 37  ALA A C   1 
ATOM   238 O  O   . ALA A 1 65  ? -10.079 4.421   -4.331  1.00 33.52  ? 37  ALA A O   1 
ATOM   239 C  CB  . ALA A 1 65  ? -8.677  7.327   -4.438  1.00 33.48  ? 37  ALA A CB  1 
ATOM   240 N  N   . ASP A 1 66  ? -7.893  4.293   -4.353  1.00 35.57  ? 38  ASP A N   1 
ATOM   241 C  CA  . ASP A 1 66  ? -7.819  2.955   -4.891  1.00 36.79  ? 38  ASP A CA  1 
ATOM   242 C  C   . ASP A 1 66  ? -8.460  1.938   -3.954  1.00 34.83  ? 38  ASP A C   1 
ATOM   243 O  O   . ASP A 1 66  ? -9.252  1.149   -4.359  1.00 33.60  ? 38  ASP A O   1 
ATOM   244 C  CB  . ASP A 1 66  ? -6.372  2.581   -5.157  1.00 38.05  ? 38  ASP A CB  1 
ATOM   245 C  CG  . ASP A 1 66  ? -5.980  2.830   -6.550  1.00 50.65  ? 38  ASP A CG  1 
ATOM   246 O  OD1 . ASP A 1 66  ? -6.141  3.947   -7.048  1.00 51.02  ? 38  ASP A OD1 1 
ATOM   247 O  OD2 . ASP A 1 66  ? -5.540  1.885   -7.179  1.00 69.05  ? 38  ASP A OD2 1 
ATOM   248 N  N   . HIS A 1 67  ? -8.083  2.001   -2.698  1.00 31.78  ? 39  HIS A N   1 
ATOM   249 C  CA  . HIS A 1 67  ? -8.639  1.176   -1.673  1.00 32.51  ? 39  HIS A CA  1 
ATOM   250 C  C   . HIS A 1 67  ? -10.141 1.271   -1.645  1.00 30.93  ? 39  HIS A C   1 
ATOM   251 O  O   . HIS A 1 67  ? -10.800 0.302   -1.681  1.00 33.74  ? 39  HIS A O   1 
ATOM   252 C  CB  . HIS A 1 67  ? -8.089  1.602   -0.331  1.00 34.73  ? 39  HIS A CB  1 
ATOM   253 C  CG  . HIS A 1 67  ? -8.032  0.509   0.668   1.00 40.23  ? 39  HIS A CG  1 
ATOM   254 N  ND1 . HIS A 1 67  ? -6.965  -0.350  0.767   1.00 39.82  ? 39  HIS A ND1 1 
ATOM   255 C  CD2 . HIS A 1 67  ? -8.904  0.135   1.622   1.00 39.04  ? 39  HIS A CD2 1 
ATOM   256 C  CE1 . HIS A 1 67  ? -7.182  -1.199  1.746   1.00 45.24  ? 39  HIS A CE1 1 
ATOM   257 N  NE2 . HIS A 1 67  ? -8.355  -0.934  2.271   1.00 40.12  ? 39  HIS A NE2 1 
ATOM   258 N  N   . ILE A 1 68  ? -10.658 2.470   -1.583  1.00 30.72  ? 40  ILE A N   1 
ATOM   259 C  CA  . ILE A 1 68  ? -12.069 2.686   -1.476  1.00 31.03  ? 40  ILE A CA  1 
ATOM   260 C  C   . ILE A 1 68  ? -12.787 2.112   -2.688  1.00 32.48  ? 40  ILE A C   1 
ATOM   261 O  O   . ILE A 1 68  ? -13.795 1.480   -2.574  1.00 31.68  ? 40  ILE A O   1 
ATOM   262 C  CB  . ILE A 1 68  ? -12.346 4.175   -1.300  1.00 31.89  ? 40  ILE A CB  1 
ATOM   263 C  CG1 . ILE A 1 68  ? -11.822 4.626   0.050   1.00 31.54  ? 40  ILE A CG1 1 
ATOM   264 C  CG2 . ILE A 1 68  ? -13.813 4.489   -1.456  1.00 32.14  ? 40  ILE A CG2 1 
ATOM   265 C  CD1 . ILE A 1 68  ? -11.451 6.063   0.125   1.00 31.56  ? 40  ILE A CD1 1 
ATOM   266 N  N   . ALA A 1 69  ? -12.232 2.341   -3.854  1.00 32.67  ? 41  ALA A N   1 
ATOM   267 C  CA  . ALA A 1 69  ? -12.837 1.888   -5.072  1.00 34.67  ? 41  ALA A CA  1 
ATOM   268 C  C   . ALA A 1 69  ? -12.883 0.375   -5.139  1.00 34.50  ? 41  ALA A C   1 
ATOM   269 O  O   . ALA A 1 69  ? -13.833 -0.184  -5.593  1.00 36.09  ? 41  ALA A O   1 
ATOM   270 C  CB  . ALA A 1 69  ? -12.111 2.459   -6.242  1.00 34.96  ? 41  ALA A CB  1 
HETATM 271 N  N   . MSE A 1 70  ? -11.852 -0.282  -4.652  1.00 33.92  ? 42  MSE A N   1 
HETATM 272 C  CA  . MSE A 1 70  ? -11.806 -1.711  -4.659  1.00 33.12  ? 42  MSE A CA  1 
HETATM 273 C  C   . MSE A 1 70  ? -12.786 -2.281  -3.697  1.00 34.10  ? 42  MSE A C   1 
HETATM 274 O  O   . MSE A 1 70  ? -13.372 -3.283  -3.999  1.00 35.47  ? 42  MSE A O   1 
HETATM 275 C  CB  . MSE A 1 70  ? -10.415 -2.202  -4.328  1.00 33.40  ? 42  MSE A CB  1 
HETATM 276 C  CG  . MSE A 1 70  ? -9.404  -1.887  -5.419  1.00 34.01  ? 42  MSE A CG  1 
HETATM 277 SE SE  . MSE A 1 70  ? -7.746  -2.811  -5.067  1.00 47.82  ? 42  MSE A SE  1 
HETATM 278 C  CE  . MSE A 1 70  ? -7.191  -1.715  -3.605  1.00 34.97  ? 42  MSE A CE  1 
ATOM   279 N  N   . VAL A 1 71  ? -12.975 -1.682  -2.544  1.00 33.51  ? 43  VAL A N   1 
ATOM   280 C  CA  . VAL A 1 71  ? -14.047 -2.131  -1.659  1.00 35.77  ? 43  VAL A CA  1 
ATOM   281 C  C   . VAL A 1 71  ? -15.418 -2.059  -2.353  1.00 36.86  ? 43  VAL A C   1 
ATOM   282 O  O   . VAL A 1 71  ? -16.253 -2.983  -2.281  1.00 38.33  ? 43  VAL A O   1 
ATOM   283 C  CB  . VAL A 1 71  ? -14.029 -1.331  -0.339  1.00 36.32  ? 43  VAL A CB  1 
ATOM   284 C  CG1 . VAL A 1 71  ? -15.251 -1.594  0.492   1.00 42.19  ? 43  VAL A CG1 1 
ATOM   285 C  CG2 . VAL A 1 71  ? -12.790 -1.632  0.466   1.00 37.56  ? 43  VAL A CG2 1 
ATOM   286 N  N   . GLU A 1 72  ? -15.740 -0.932  -2.994  1.00 38.72  ? 44  GLU A N   1 
ATOM   287 C  CA  . GLU A 1 72  ? -17.009 -0.839  -3.669  1.00 40.61  ? 44  GLU A CA  1 
ATOM   288 C  C   . GLU A 1 72  ? -17.164 -1.880  -4.765  1.00 42.85  ? 44  GLU A C   1 
ATOM   289 O  O   . GLU A 1 72  ? -18.226 -2.439  -4.897  1.00 44.70  ? 44  GLU A O   1 
ATOM   290 C  CB  . GLU A 1 72  ? -17.232 0.534   -4.260  1.00 42.26  ? 44  GLU A CB  1 
ATOM   291 C  CG  . GLU A 1 72  ? -17.406 1.545   -3.163  1.00 41.91  ? 44  GLU A CG  1 
ATOM   292 C  CD  . GLU A 1 72  ? -18.542 1.166   -2.200  1.00 42.55  ? 44  GLU A CD  1 
ATOM   293 O  OE1 . GLU A 1 72  ? -19.726 1.095   -2.641  1.00 41.53  ? 44  GLU A OE1 1 
ATOM   294 O  OE2 . GLU A 1 72  ? -18.179 1.041   -0.965  1.00 45.23  ? 44  GLU A OE2 1 
ATOM   295 N  N   . LEU A 1 73  ? -16.137 -2.077  -5.584  1.00 40.86  ? 45  LEU A N   1 
ATOM   296 C  CA  . LEU A 1 73  ? -16.206 -3.079  -6.664  1.00 44.89  ? 45  LEU A CA  1 
ATOM   297 C  C   . LEU A 1 73  ? -16.354 -4.511  -6.116  1.00 47.30  ? 45  LEU A C   1 
ATOM   298 O  O   . LEU A 1 73  ? -17.144 -5.304  -6.648  1.00 48.12  ? 45  LEU A O   1 
ATOM   299 C  CB  . LEU A 1 73  ? -15.108 -2.906  -7.720  1.00 45.06  ? 45  LEU A CB  1 
ATOM   300 C  CG  . LEU A 1 73  ? -15.068 -1.559  -8.458  1.00 45.75  ? 45  LEU A CG  1 
ATOM   301 C  CD1 . LEU A 1 73  ? -13.802 -1.389  -9.264  1.00 50.22  ? 45  LEU A CD1 1 
ATOM   302 C  CD2 . LEU A 1 73  ? -16.289 -1.265  -9.289  1.00 50.07  ? 45  LEU A CD2 1 
ATOM   303 N  N   . LEU A 1 74  ? -15.676 -4.832  -5.033  1.00 42.77  ? 46  LEU A N   1 
ATOM   304 C  CA  . LEU A 1 74  ? -15.833 -6.137  -4.411  1.00 45.84  ? 46  LEU A CA  1 
ATOM   305 C  C   . LEU A 1 74  ? -17.261 -6.299  -3.867  1.00 50.99  ? 46  LEU A C   1 
ATOM   306 O  O   . LEU A 1 74  ? -17.924 -7.277  -4.184  1.00 53.34  ? 46  LEU A O   1 
ATOM   307 C  CB  . LEU A 1 74  ? -14.791 -6.409  -3.323  1.00 44.57  ? 46  LEU A CB  1 
ATOM   308 C  CG  . LEU A 1 74  ? -13.407 -6.732  -3.914  1.00 44.48  ? 46  LEU A CG  1 
ATOM   309 C  CD1 . LEU A 1 74  ? -12.368 -6.948  -2.825  1.00 47.67  ? 46  LEU A CD1 1 
ATOM   310 C  CD2 . LEU A 1 74  ? -13.427 -7.964  -4.821  1.00 49.13  ? 46  LEU A CD2 1 
ATOM   311 N  N   . GLU A 1 75  ? -17.752 -5.376  -3.058  1.00 50.92  ? 47  GLU A N   1 
ATOM   312 C  CA  . GLU A 1 75  ? -19.187 -5.467  -2.590  1.00 53.51  ? 47  GLU A CA  1 
ATOM   313 C  C   . GLU A 1 75  ? -20.249 -5.610  -3.672  1.00 54.43  ? 47  GLU A C   1 
ATOM   314 O  O   . GLU A 1 75  ? -21.258 -6.309  -3.496  1.00 58.44  ? 47  GLU A O   1 
ATOM   315 C  CB  . GLU A 1 75  ? -19.504 -4.288  -1.680  1.00 54.35  ? 47  GLU A CB  1 
ATOM   316 C  CG  . GLU A 1 75  ? -18.646 -4.404  -0.430  1.00 56.98  ? 47  GLU A CG  1 
ATOM   317 C  CD  . GLU A 1 75  ? -18.938 -3.349  0.587   1.00 59.67  ? 47  GLU A CD  1 
ATOM   318 O  OE1 . GLU A 1 75  ? -20.020 -2.750  0.488   1.00 64.06  ? 47  GLU A OE1 1 
ATOM   319 O  OE2 . GLU A 1 75  ? -18.117 -3.195  1.504   1.00 58.14  ? 47  GLU A OE2 1 
ATOM   320 N  N   . LYS A 1 76  ? -20.022 -4.953  -4.790  1.00 47.74  ? 48  LYS A N   1 
ATOM   321 C  CA  . LYS A 1 76  ? -20.919 -4.977  -5.953  1.00 54.15  ? 48  LYS A CA  1 
ATOM   322 C  C   . LYS A 1 76  ? -20.917 -6.372  -6.476  1.00 59.62  ? 48  LYS A C   1 
ATOM   323 O  O   . LYS A 1 76  ? -21.884 -6.768  -7.097  1.00 64.95  ? 48  LYS A O   1 
ATOM   324 C  CB  . LYS A 1 76  ? -20.487 -3.996  -7.071  1.00 56.65  ? 48  LYS A CB  1 
ATOM   325 C  CG  . LYS A 1 76  ? -20.610 -2.486  -6.758  1.00 65.68  ? 48  LYS A CG  1 
ATOM   326 C  CD  . LYS A 1 76  ? -22.029 -1.941  -6.805  1.00 72.95  ? 48  LYS A CD  1 
ATOM   327 C  CE  . LYS A 1 76  ? -22.101 -0.477  -6.395  1.00 81.43  ? 48  LYS A CE  1 
ATOM   328 N  NZ  . LYS A 1 76  ? -21.145 0.277   -7.252  1.00 84.07  ? 48  LYS A NZ  1 
ATOM   329 N  N   . GLN A 1 77  ? -19.802 -7.076  -6.289  1.00 54.28  ? 49  GLN A N   1 
ATOM   330 C  CA  . GLN A 1 77  ? -19.637 -8.523  -6.639  1.00 59.23  ? 49  GLN A CA  1 
ATOM   331 C  C   . GLN A 1 77  ? -20.129 -9.453  -5.556  1.00 59.87  ? 49  GLN A C   1 
ATOM   332 O  O   . GLN A 1 77  ? -20.004 -10.662 -5.681  1.00 60.17  ? 49  GLN A O   1 
ATOM   333 C  CB  . GLN A 1 77  ? -18.143 -8.908  -6.821  1.00 58.52  ? 49  GLN A CB  1 
ATOM   334 C  CG  . GLN A 1 77  ? -17.645 -8.951  -8.229  1.00 69.50  ? 49  GLN A CG  1 
ATOM   335 C  CD  . GLN A 1 77  ? -18.151 -7.846  -9.107  1.00 74.78  ? 49  GLN A CD  1 
ATOM   336 O  OE1 . GLN A 1 77  ? -18.694 -8.123  -10.161 1.00 74.09  ? 49  GLN A OE1 1 
ATOM   337 N  NE2 . GLN A 1 77  ? -18.008 -6.588  -8.668  1.00 88.45  ? 49  GLN A NE2 1 
ATOM   338 N  N   . GLY A 1 78  ? -20.617 -8.909  -4.457  1.00 61.43  ? 50  GLY A N   1 
ATOM   339 C  CA  . GLY A 1 78  ? -21.060 -9.768  -3.377  1.00 63.91  ? 50  GLY A CA  1 
ATOM   340 C  C   . GLY A 1 78  ? -19.898 -10.389 -2.626  1.00 55.89  ? 50  GLY A C   1 
ATOM   341 O  O   . GLY A 1 78  ? -20.051 -11.390 -1.944  1.00 62.10  ? 50  GLY A O   1 
ATOM   342 N  N   . LEU A 1 79  ? -18.709 -9.825  -2.781  1.00 58.67  ? 51  LEU A N   1 
ATOM   343 C  CA  . LEU A 1 79  ? -17.551 -10.259 -1.977  1.00 57.59  ? 51  LEU A CA  1 
ATOM   344 C  C   . LEU A 1 79  ? -17.485 -9.361  -0.734  1.00 60.71  ? 51  LEU A C   1 
ATOM   345 O  O   . LEU A 1 79  ? -17.810 -8.150  -0.820  1.00 69.20  ? 51  LEU A O   1 
ATOM   346 C  CB  . LEU A 1 79  ? -16.259 -10.208 -2.813  1.00 57.77  ? 51  LEU A CB  1 
ATOM   347 C  CG  . LEU A 1 79  ? -16.195 -11.403 -3.761  1.00 65.69  ? 51  LEU A CG  1 
ATOM   348 C  CD1 . LEU A 1 79  ? -15.175 -11.277 -4.873  1.00 64.92  ? 51  LEU A CD1 1 
ATOM   349 C  CD2 . LEU A 1 79  ? -15.916 -12.622 -2.893  1.00 74.09  ? 51  LEU A CD2 1 
ATOM   350 N  N   . THR A 1 80  ? -17.019 -9.942  0.374   1.00 55.56  ? 52  THR A N   1 
ATOM   351 C  CA  . THR A 1 80  ? -16.968 -9.274  1.684   1.00 54.77  ? 52  THR A CA  1 
ATOM   352 C  C   . THR A 1 80  ? -15.596 -9.090  2.277   1.00 53.10  ? 52  THR A C   1 
ATOM   353 O  O   . THR A 1 80  ? -14.636 -9.640  1.773   1.00 47.25  ? 52  THR A O   1 
ATOM   354 C  CB  . THR A 1 80  ? -17.665 -10.167 2.729   1.00 61.27  ? 52  THR A CB  1 
ATOM   355 O  OG1 . THR A 1 80  ? -16.875 -11.346 3.020   1.00 54.84  ? 52  THR A OG1 1 
ATOM   356 C  CG2 . THR A 1 80  ? -18.955 -10.624 2.191   1.00 74.03  ? 52  THR A CG2 1 
ATOM   357 N  N   . GLU A 1 81  ? -15.518 -8.289  3.355   1.00 46.17  ? 53  GLU A N   1 
ATOM   358 C  CA  . GLU A 1 81  ? -14.258 -8.070  4.094   1.00 50.22  ? 53  GLU A CA  1 
ATOM   359 C  C   . GLU A 1 81  ? -13.787 -9.419  4.634   1.00 50.60  ? 53  GLU A C   1 
ATOM   360 O  O   . GLU A 1 81  ? -12.583 -9.681  4.810   1.00 42.91  ? 53  GLU A O   1 
ATOM   361 C  CB  . GLU A 1 81  ? -14.407 -7.044  5.243   1.00 58.79  ? 53  GLU A CB  1 
ATOM   362 C  CG  . GLU A 1 81  ? -13.144 -6.791  6.126   1.00 62.76  ? 53  GLU A CG  1 
ATOM   363 C  CD  . GLU A 1 81  ? -11.834 -6.353  5.373   1.00 80.00  ? 53  GLU A CD  1 
ATOM   364 O  OE1 . GLU A 1 81  ? -11.816 -6.011  4.149   1.00 68.37  ? 53  GLU A OE1 1 
ATOM   365 O  OE2 . GLU A 1 81  ? -10.753 -6.349  6.013   1.00 68.60  ? 53  GLU A OE2 1 
HETATM 366 N  N   . MSE A 1 82  ? -14.711 -10.305 4.955   1.00 53.21  ? 54  MSE A N   1 
HETATM 367 C  CA  . MSE A 1 82  ? -14.225 -11.600 5.496   1.00 57.73  ? 54  MSE A CA  1 
HETATM 368 C  C   . MSE A 1 82  ? -13.450 -12.423 4.476   1.00 51.93  ? 54  MSE A C   1 
HETATM 369 O  O   . MSE A 1 82  ? -12.487 -13.130 4.807   1.00 46.56  ? 54  MSE A O   1 
HETATM 370 C  CB  . MSE A 1 82  ? -15.451 -12.297 6.084   1.00 66.13  ? 54  MSE A CB  1 
HETATM 371 C  CG  . MSE A 1 82  ? -15.134 -13.590 6.804   1.00 67.44  ? 54  MSE A CG  1 
HETATM 372 SE SE  . MSE A 1 82  ? -16.813 -14.211 7.677   1.00 91.51  ? 54  MSE A SE  1 
HETATM 373 C  CE  . MSE A 1 82  ? -17.960 -12.581 7.605   1.00 87.69  ? 54  MSE A CE  1 
ATOM   374 N  N   . ASP A 1 83  ? -13.889 -12.368 3.233   1.00 53.73  ? 55  ASP A N   1 
ATOM   375 C  CA  . ASP A 1 83  ? -13.224 -13.087 2.166   1.00 55.83  ? 55  ASP A CA  1 
ATOM   376 C  C   . ASP A 1 83  ? -11.841 -12.474 1.973   1.00 46.41  ? 55  ASP A C   1 
ATOM   377 O  O   . ASP A 1 83  ? -10.906 -13.159 1.627   1.00 41.45  ? 55  ASP A O   1 
ATOM   378 C  CB  . ASP A 1 83  ? -13.983 -12.924 0.853   1.00 53.13  ? 55  ASP A CB  1 
ATOM   379 C  CG  . ASP A 1 83  ? -15.349 -13.464 0.917   1.00 63.93  ? 55  ASP A CG  1 
ATOM   380 O  OD1 . ASP A 1 83  ? -15.528 -14.418 1.684   1.00 61.90  ? 55  ASP A OD1 1 
ATOM   381 O  OD2 . ASP A 1 83  ? -16.240 -12.955 0.175   1.00 62.12  ? 55  ASP A OD2 1 
ATOM   382 N  N   . VAL A 1 84  ? -11.734 -11.159 2.138   1.00 46.53  ? 56  VAL A N   1 
ATOM   383 C  CA  . VAL A 1 84  ? -10.468 -10.460 2.008   1.00 41.49  ? 56  VAL A CA  1 
ATOM   384 C  C   . VAL A 1 84  ? -9.459  -10.946 3.048   1.00 37.59  ? 56  VAL A C   1 
ATOM   385 O  O   . VAL A 1 84  ? -8.372  -11.360 2.657   1.00 41.39  ? 56  VAL A O   1 
ATOM   386 C  CB  . VAL A 1 84  ? -10.660 -8.919  2.112   1.00 41.64  ? 56  VAL A CB  1 
ATOM   387 C  CG1 . VAL A 1 84  ? -9.331  -8.226  2.315   1.00 41.36  ? 56  VAL A CG1 1 
ATOM   388 C  CG2 . VAL A 1 84  ? -11.377 -8.343  0.890   1.00 40.60  ? 56  VAL A CG2 1 
ATOM   389 N  N   . LYS A 1 85  ? -9.844  -10.957 4.342   1.00 41.30  ? 57  LYS A N   1 
ATOM   390 C  CA  . LYS A 1 85  ? -8.986  -11.429 5.475   1.00 37.43  ? 57  LYS A CA  1 
ATOM   391 C  C   . LYS A 1 85  ? -8.619  -12.921 5.360   1.00 40.78  ? 57  LYS A C   1 
ATOM   392 O  O   . LYS A 1 85  ? -7.461  -13.326 5.601   1.00 42.41  ? 57  LYS A O   1 
ATOM   393 C  CB  . LYS A 1 85  ? -9.625  -11.181 6.805   1.00 44.94  ? 57  LYS A CB  1 
ATOM   394 C  CG  . LYS A 1 85  ? -9.718  -9.685  7.130   1.00 48.60  ? 57  LYS A CG  1 
ATOM   395 C  CD  . LYS A 1 85  ? -8.315  -9.107  7.390   1.00 57.84  ? 57  LYS A CD  1 
ATOM   396 C  CE  . LYS A 1 85  ? -8.269  -7.703  8.009   1.00 70.57  ? 57  LYS A CE  1 
ATOM   397 N  NZ  . LYS A 1 85  ? -6.871  -7.154  7.953   1.00 81.66  ? 57  LYS A NZ  1 
ATOM   398 N  N   . ASN A 1 86  ? -9.552  -13.734 4.917   1.00 50.69  ? 58  ASN A N   1 
ATOM   399 C  CA  . ASN A 1 86  ? -9.199  -15.103 4.745   1.00 50.85  ? 58  ASN A CA  1 
ATOM   400 C  C   . ASN A 1 86  ? -8.219  -15.314 3.616   1.00 46.98  ? 58  ASN A C   1 
ATOM   401 O  O   . ASN A 1 86  ? -7.335  -16.192 3.746   1.00 45.46  ? 58  ASN A O   1 
ATOM   402 C  CB  . ASN A 1 86  ? -10.423 -15.951 4.711   1.00 56.08  ? 58  ASN A CB  1 
ATOM   403 C  CG  . ASN A 1 86  ? -11.069 -16.072 6.133   1.00 62.21  ? 58  ASN A CG  1 
ATOM   404 O  OD1 . ASN A 1 86  ? -10.392 -15.961 7.187   1.00 58.77  ? 58  ASN A OD1 1 
ATOM   405 N  ND2 . ASN A 1 86  ? -12.360 -16.258 6.159   1.00 65.69  ? 58  ASN A ND2 1 
ATOM   406 N  N   . PHE A 1 87  ? -8.328  -14.492 2.551   1.00 43.28  ? 59  PHE A N   1 
ATOM   407 C  CA  . PHE A 1 87  ? -7.363  -14.602 1.464   1.00 42.35  ? 59  PHE A CA  1 
ATOM   408 C  C   . PHE A 1 87  ? -5.981  -14.380 2.083   1.00 40.77  ? 59  PHE A C   1 
ATOM   409 O  O   . PHE A 1 87  ? -4.987  -15.107 1.834   1.00 38.68  ? 59  PHE A O   1 
ATOM   410 C  CB  . PHE A 1 87  ? -7.587  -13.620 0.288   1.00 42.12  ? 59  PHE A CB  1 
ATOM   411 C  CG  . PHE A 1 87  ? -6.511  -13.712 -0.800  1.00 41.15  ? 59  PHE A CG  1 
ATOM   412 C  CD1 . PHE A 1 87  ? -5.286  -13.018 -0.693  1.00 39.00  ? 59  PHE A CD1 1 
ATOM   413 C  CD2 . PHE A 1 87  ? -6.711  -14.541 -1.907  1.00 43.04  ? 59  PHE A CD2 1 
ATOM   414 C  CE1 . PHE A 1 87  ? -4.272  -13.181 -1.621  1.00 38.97  ? 59  PHE A CE1 1 
ATOM   415 C  CE2 . PHE A 1 87  ? -5.723  -14.649 -2.877  1.00 42.86  ? 59  PHE A CE2 1 
ATOM   416 C  CZ  . PHE A 1 87  ? -4.520  -13.977 -2.745  1.00 40.87  ? 59  PHE A CZ  1 
ATOM   417 N  N   . ILE A 1 88  ? -5.898  -13.353 2.887   1.00 37.61  ? 60  ILE A N   1 
ATOM   418 C  CA  . ILE A 1 88  ? -4.610  -13.003 3.537   1.00 37.38  ? 60  ILE A CA  1 
ATOM   419 C  C   . ILE A 1 88  ? -4.046  -14.140 4.366   1.00 39.55  ? 60  ILE A C   1 
ATOM   420 O  O   . ILE A 1 88  ? -2.858  -14.466 4.256   1.00 40.15  ? 60  ILE A O   1 
ATOM   421 C  CB  . ILE A 1 88  ? -4.812  -11.743 4.410   1.00 38.89  ? 60  ILE A CB  1 
ATOM   422 C  CG1 . ILE A 1 88  ? -5.161  -10.489 3.537   1.00 37.84  ? 60  ILE A CG1 1 
ATOM   423 C  CG2 . ILE A 1 88  ? -3.581  -11.449 5.258   1.00 39.66  ? 60  ILE A CG2 1 
ATOM   424 C  CD1 . ILE A 1 88  ? -5.624  -9.348  4.448   1.00 40.06  ? 60  ILE A CD1 1 
ATOM   425 N  N   . LEU A 1 89  ? -4.923  -14.742 5.172   1.00 41.05  ? 61  LEU A N   1 
ATOM   426 C  CA  . LEU A 1 89  ? -4.533  -15.810 6.102   1.00 45.16  ? 61  LEU A CA  1 
ATOM   427 C  C   . LEU A 1 89  ? -4.112  -17.089 5.409   1.00 44.27  ? 61  LEU A C   1 
ATOM   428 O  O   . LEU A 1 89  ? -3.367  -17.895 5.936   1.00 48.09  ? 61  LEU A O   1 
ATOM   429 C  CB  . LEU A 1 89  ? -5.672  -16.063 7.098   1.00 49.52  ? 61  LEU A CB  1 
ATOM   430 C  CG  . LEU A 1 89  ? -6.029  -14.914 8.051   1.00 49.08  ? 61  LEU A CG  1 
ATOM   431 C  CD1 . LEU A 1 89  ? -7.341  -15.096 8.794   1.00 50.69  ? 61  LEU A CD1 1 
ATOM   432 C  CD2 . LEU A 1 89  ? -4.883  -14.756 9.024   1.00 52.93  ? 61  LEU A CD2 1 
ATOM   433 N  N   . GLU A 1 90  ? -4.577  -17.257 4.206   1.00 42.52  ? 62  GLU A N   1 
ATOM   434 C  CA  . GLU A 1 90  ? -4.236  -18.464 3.439   1.00 46.09  ? 62  GLU A CA  1 
ATOM   435 C  C   . GLU A 1 90  ? -3.143  -18.276 2.380   1.00 44.41  ? 62  GLU A C   1 
ATOM   436 O  O   . GLU A 1 90  ? -2.799  -19.209 1.708   1.00 44.38  ? 62  GLU A O   1 
ATOM   437 C  CB  . GLU A 1 90  ? -5.520  -18.908 2.757   1.00 47.06  ? 62  GLU A CB  1 
ATOM   438 C  CG  . GLU A 1 90  ? -6.534  -19.295 3.799   1.00 48.92  ? 62  GLU A CG  1 
ATOM   439 C  CD  . GLU A 1 90  ? -7.906  -19.520 3.231   1.00 54.57  ? 62  GLU A CD  1 
ATOM   440 O  OE1 . GLU A 1 90  ? -8.053  -19.240 2.061   1.00 54.92  ? 62  GLU A OE1 1 
ATOM   441 O  OE2 . GLU A 1 90  ? -8.843  -20.016 3.943   1.00 64.30  ? 62  GLU A OE2 1 
ATOM   442 N  N   . ASN A 1 91  ? -2.682  -17.059 2.147   1.00 42.34  ? 63  ASN A N   1 
ATOM   443 C  CA  . ASN A 1 91  ? -1.671  -16.788 1.107   1.00 40.19  ? 63  ASN A CA  1 
ATOM   444 C  C   . ASN A 1 91  ? -0.560  -15.934 1.636   1.00 40.22  ? 63  ASN A C   1 
ATOM   445 O  O   . ASN A 1 91  ? -0.128  -14.885 1.014   1.00 37.97  ? 63  ASN A O   1 
ATOM   446 C  CB  . ASN A 1 91  ? -2.383  -16.100 -0.042  1.00 39.78  ? 63  ASN A CB  1 
ATOM   447 C  CG  . ASN A 1 91  ? -3.392  -16.995 -0.719  1.00 39.99  ? 63  ASN A CG  1 
ATOM   448 O  OD1 . ASN A 1 91  ? -3.021  -17.778 -1.578  1.00 41.28  ? 63  ASN A OD1 1 
ATOM   449 N  ND2 . ASN A 1 91  ? -4.672  -16.883 -0.350  1.00 40.43  ? 63  ASN A ND2 1 
ATOM   450 N  N   . GLY A 1 92  ? 0.026   -16.410 2.725   1.00 41.64  ? 64  GLY A N   1 
ATOM   451 C  CA  . GLY A 1 92  ? 1.066   -15.561 3.380   1.00 43.39  ? 64  GLY A CA  1 
ATOM   452 C  C   . GLY A 1 92  ? 2.316   -15.205 2.542   1.00 41.46  ? 64  GLY A C   1 
ATOM   453 O  O   . GLY A 1 92  ? 2.758   -14.070 2.523   1.00 39.56  ? 64  GLY A O   1 
ATOM   454 N  N   . ASP A 1 93  ? 2.887   -16.177 1.830   1.00 42.45  ? 65  ASP A N   1 
ATOM   455 C  CA  . ASP A 1 93  ? 4.028   -15.887 0.955   1.00 42.22  ? 65  ASP A CA  1 
ATOM   456 C  C   . ASP A 1 93  ? 3.696   -14.886 -0.129  1.00 38.10  ? 65  ASP A C   1 
ATOM   457 O  O   . ASP A 1 93  ? 4.493   -13.998 -0.420  1.00 37.17  ? 65  ASP A O   1 
ATOM   458 C  CB  . ASP A 1 93  ? 4.523   -17.162 0.247   1.00 46.35  ? 65  ASP A CB  1 
ATOM   459 C  CG  . ASP A 1 93  ? 5.054   -18.198 1.206   1.00 53.02  ? 65  ASP A CG  1 
ATOM   460 O  OD1 . ASP A 1 93  ? 4.949   -18.042 2.444   1.00 60.55  ? 65  ASP A OD1 1 
ATOM   461 O  OD2 . ASP A 1 93  ? 5.614   -19.186 0.702   1.00 57.12  ? 65  ASP A OD2 1 
ATOM   462 N  N   . PHE A 1 94  ? 2.524   -15.015 -0.732  1.00 37.54  ? 66  PHE A N   1 
ATOM   463 C  CA  . PHE A 1 94  ? 2.094   -14.045 -1.749  1.00 36.46  ? 66  PHE A CA  1 
ATOM   464 C  C   . PHE A 1 94  ? 2.003   -12.635 -1.180  1.00 34.80  ? 66  PHE A C   1 
ATOM   465 O  O   . PHE A 1 94  ? 2.441   -11.630 -1.781  1.00 36.03  ? 66  PHE A O   1 
ATOM   466 C  CB  . PHE A 1 94  ? 0.689   -14.448 -2.297  1.00 37.31  ? 66  PHE A CB  1 
ATOM   467 C  CG  . PHE A 1 94  ? 0.217   -13.553 -3.388  1.00 36.55  ? 66  PHE A CG  1 
ATOM   468 C  CD1 . PHE A 1 94  ? 0.584   -13.811 -4.673  1.00 38.87  ? 66  PHE A CD1 1 
ATOM   469 C  CD2 . PHE A 1 94  ? -0.534  -12.404 -3.129  1.00 35.77  ? 66  PHE A CD2 1 
ATOM   470 C  CE1 . PHE A 1 94  ? 0.216   -12.975 -5.693  1.00 38.00  ? 66  PHE A CE1 1 
ATOM   471 C  CE2 . PHE A 1 94  ? -0.899  -11.568 -4.147  1.00 37.32  ? 66  PHE A CE2 1 
ATOM   472 C  CZ  . PHE A 1 94  ? -0.495  -11.837 -5.428  1.00 38.38  ? 66  PHE A CZ  1 
ATOM   473 N  N   . ILE A 1 95  ? 1.338   -12.531 -0.058  1.00 33.68  ? 67  ILE A N   1 
ATOM   474 C  CA  . ILE A 1 95  ? 1.201   -11.255 0.614   1.00 35.19  ? 67  ILE A CA  1 
ATOM   475 C  C   . ILE A 1 95  ? 2.584   -10.588 0.934   1.00 36.71  ? 67  ILE A C   1 
ATOM   476 O  O   . ILE A 1 95  ? 2.790   -9.383  0.692   1.00 36.40  ? 67  ILE A O   1 
ATOM   477 C  CB  . ILE A 1 95  ? 0.340   -11.411 1.876   1.00 36.61  ? 67  ILE A CB  1 
ATOM   478 C  CG1 . ILE A 1 95  ? -1.100  -11.932 1.574   1.00 35.71  ? 67  ILE A CG1 1 
ATOM   479 C  CG2 . ILE A 1 95  ? 0.344   -10.096 2.681   1.00 37.59  ? 67  ILE A CG2 1 
ATOM   480 C  CD1 . ILE A 1 95  ? -1.958  -10.895 0.883   1.00 35.08  ? 67  ILE A CD1 1 
ATOM   481 N  N   . GLU A 1 96  ? 3.525   -11.353 1.488   1.00 37.79  ? 68  GLU A N   1 
ATOM   482 C  CA  . GLU A 1 96  ? 4.849   -10.826 1.904   1.00 39.78  ? 68  GLU A CA  1 
ATOM   483 C  C   . GLU A 1 96  ? 5.621   -10.289 0.747   1.00 40.00  ? 68  GLU A C   1 
ATOM   484 O  O   . GLU A 1 96  ? 6.213   -9.188  0.799   1.00 38.72  ? 68  GLU A O   1 
ATOM   485 C  CB  . GLU A 1 96  ? 5.601   -11.923 2.602   1.00 45.23  ? 68  GLU A CB  1 
ATOM   486 C  CG  . GLU A 1 96  ? 6.968   -11.504 3.067   1.00 56.93  ? 68  GLU A CG  1 
ATOM   487 C  CD  . GLU A 1 96  ? 7.687   -12.614 3.799   1.00 65.46  ? 68  GLU A CD  1 
ATOM   488 O  OE1 . GLU A 1 96  ? 7.037   -13.652 4.122   1.00 73.25  ? 68  GLU A OE1 1 
ATOM   489 O  OE2 . GLU A 1 96  ? 8.906   -12.415 4.021   1.00 69.34  ? 68  GLU A OE2 1 
ATOM   490 N  N   . GLU A 1 97  ? 5.558   -11.022 -0.357  1.00 40.83  ? 69  GLU A N   1 
ATOM   491 C  CA  . GLU A 1 97  ? 6.236   -10.586 -1.609  1.00 39.66  ? 69  GLU A CA  1 
ATOM   492 C  C   . GLU A 1 97  ? 5.646   -9.268  -2.149  1.00 39.70  ? 69  GLU A C   1 
ATOM   493 O  O   . GLU A 1 97  ? 6.406   -8.333  -2.499  1.00 39.17  ? 69  GLU A O   1 
ATOM   494 C  CB  . GLU A 1 97  ? 6.181   -11.713 -2.638  1.00 43.11  ? 69  GLU A CB  1 
ATOM   495 C  CG  . GLU A 1 97  ? 6.679   -11.344 -4.040  1.00 47.64  ? 69  GLU A CG  1 
ATOM   496 C  CD  . GLU A 1 97  ? 8.176   -11.208 -4.172  1.00 51.64  ? 69  GLU A CD  1 
ATOM   497 O  OE1 . GLU A 1 97  ? 8.885   -11.708 -3.262  1.00 51.21  ? 69  GLU A OE1 1 
ATOM   498 O  OE2 . GLU A 1 97  ? 8.633   -10.625 -5.224  1.00 52.76  ? 69  GLU A OE2 1 
ATOM   499 N  N   . ARG A 1 98  ? 4.331   -9.208  -2.281  1.00 34.58  ? 70  ARG A N   1 
ATOM   500 C  CA  . ARG A 1 98  ? 3.705   -7.997  -2.766  1.00 34.24  ? 70  ARG A CA  1 
ATOM   501 C  C   . ARG A 1 98  ? 3.877   -6.830  -1.766  1.00 35.20  ? 70  ARG A C   1 
ATOM   502 O  O   . ARG A 1 98  ? 3.882   -5.633  -2.161  1.00 34.06  ? 70  ARG A O   1 
ATOM   503 C  CB  . ARG A 1 98  ? 2.255   -8.266  -3.032  1.00 35.27  ? 70  ARG A CB  1 
ATOM   504 C  CG  . ARG A 1 98  ? 1.937   -9.083  -4.269  1.00 37.10  ? 70  ARG A CG  1 
ATOM   505 C  CD  . ARG A 1 98  ? 2.412   -8.475  -5.575  1.00 42.76  ? 70  ARG A CD  1 
ATOM   506 N  NE  . ARG A 1 98  ? 2.029   -7.082  -5.784  1.00 43.56  ? 70  ARG A NE  1 
ATOM   507 C  CZ  . ARG A 1 98  ? 2.506   -6.327  -6.761  1.00 58.16  ? 70  ARG A CZ  1 
ATOM   508 N  NH1 . ARG A 1 98  ? 3.295   -6.866  -7.731  1.00 66.71  ? 70  ARG A NH1 1 
ATOM   509 N  NH2 . ARG A 1 98  ? 2.117   -5.056  -6.832  1.00 64.15  ? 70  ARG A NH2 1 
ATOM   510 N  N   . GLN A 1 99  ? 4.007   -7.128  -0.465  1.00 33.38  ? 71  GLN A N   1 
ATOM   511 C  CA  . GLN A 1 99  ? 4.101   -6.036  0.485   1.00 34.58  ? 71  GLN A CA  1 
ATOM   512 C  C   . GLN A 1 99  ? 5.423   -5.293  0.151   1.00 38.15  ? 71  GLN A C   1 
ATOM   513 O  O   . GLN A 1 99  ? 5.467   -4.071  0.229   1.00 36.01  ? 71  GLN A O   1 
ATOM   514 C  CB  . GLN A 1 99  ? 4.049   -6.459  1.920   1.00 36.14  ? 71  GLN A CB  1 
ATOM   515 C  CG  . GLN A 1 99  ? 2.687   -6.783  2.473   1.00 36.06  ? 71  GLN A CG  1 
ATOM   516 C  CD  . GLN A 1 99  ? 2.738   -7.434  3.789   1.00 39.46  ? 71  GLN A CD  1 
ATOM   517 O  OE1 . GLN A 1 99  ? 3.585   -8.296  4.059   1.00 38.05  ? 71  GLN A OE1 1 
ATOM   518 N  NE2 . GLN A 1 99  ? 1.793   -7.087  4.639   1.00 39.73  ? 71  GLN A NE2 1 
ATOM   519 N  N   . ASN A 1 100 ? 6.493   -6.036  -0.079  1.00 36.70  ? 72  ASN A N   1 
ATOM   520 C  CA  . ASN A 1 100 ? 7.774   -5.413  -0.456  1.00 40.40  ? 72  ASN A CA  1 
ATOM   521 C  C   . ASN A 1 100 ? 7.698   -4.587  -1.704  1.00 40.61  ? 72  ASN A C   1 
ATOM   522 O  O   . ASN A 1 100 ? 8.274   -3.504  -1.743  1.00 41.14  ? 72  ASN A O   1 
ATOM   523 C  CB  . ASN A 1 100 ? 8.869   -6.414  -0.556  1.00 46.50  ? 72  ASN A CB  1 
ATOM   524 C  CG  . ASN A 1 100 ? 9.184   -7.016  0.822   1.00 58.91  ? 72  ASN A CG  1 
ATOM   525 O  OD1 . ASN A 1 100 ? 9.197   -6.309  1.882   1.00 53.95  ? 72  ASN A OD1 1 
ATOM   526 N  ND2 . ASN A 1 100 ? 9.349   -8.310  0.846   1.00 61.60  ? 72  ASN A ND2 1 
ATOM   527 N  N   . ASP A 1 101 ? 6.972   -5.051  -2.704  1.00 36.90  ? 73  ASP A N   1 
ATOM   528 C  CA  . ASP A 1 101 ? 6.834   -4.302  -3.916  1.00 38.18  ? 73  ASP A CA  1 
ATOM   529 C  C   . ASP A 1 101 ? 6.103   -2.977  -3.644  1.00 35.24  ? 73  ASP A C   1 
ATOM   530 O  O   . ASP A 1 101 ? 6.468   -1.953  -4.231  1.00 39.99  ? 73  ASP A O   1 
ATOM   531 C  CB  . ASP A 1 101 ? 5.999   -5.087  -4.913  1.00 39.56  ? 73  ASP A CB  1 
ATOM   532 C  CG  . ASP A 1 101 ? 6.610   -6.409  -5.337  1.00 41.65  ? 73  ASP A CG  1 
ATOM   533 O  OD1 . ASP A 1 101 ? 7.824   -6.544  -5.377  1.00 45.26  ? 73  ASP A OD1 1 
ATOM   534 O  OD2 . ASP A 1 101 ? 5.835   -7.284  -5.785  1.00 43.32  ? 73  ASP A OD2 1 
ATOM   535 N  N   . ILE A 1 102 ? 5.108   -2.986  -2.758  1.00 35.88  ? 74  ILE A N   1 
ATOM   536 C  CA  . ILE A 1 102 ? 4.335   -1.822  -2.378  1.00 36.31  ? 74  ILE A CA  1 
ATOM   537 C  C   . ILE A 1 102 ? 5.220   -0.826  -1.593  1.00 37.33  ? 74  ILE A C   1 
ATOM   538 O  O   . ILE A 1 102 ? 5.211   0.375   -1.892  1.00 36.87  ? 74  ILE A O   1 
ATOM   539 C  CB  . ILE A 1 102 ? 3.080   -2.175  -1.641  1.00 37.36  ? 74  ILE A CB  1 
ATOM   540 C  CG1 . ILE A 1 102 ? 2.029   -2.798  -2.602  1.00 40.54  ? 74  ILE A CG1 1 
ATOM   541 C  CG2 . ILE A 1 102 ? 2.451   -0.916  -1.050  1.00 37.69  ? 74  ILE A CG2 1 
ATOM   542 C  CD1 . ILE A 1 102 ? 0.825   -3.172  -1.763  1.00 43.73  ? 74  ILE A CD1 1 
ATOM   543 N  N   . TYR A 1 103 ? 6.005   -1.317  -0.653  1.00 38.15  ? 75  TYR A N   1 
ATOM   544 C  CA  . TYR A 1 103 ? 6.973   -0.470  0.050   1.00 37.25  ? 75  TYR A CA  1 
ATOM   545 C  C   . TYR A 1 103 ? 7.854   0.263   -0.973  1.00 38.24  ? 75  TYR A C   1 
ATOM   546 O  O   . TYR A 1 103 ? 8.034   1.473   -0.875  1.00 38.44  ? 75  TYR A O   1 
ATOM   547 C  CB  . TYR A 1 103 ? 7.867   -1.250  1.040   1.00 39.09  ? 75  TYR A CB  1 
ATOM   548 C  CG  . TYR A 1 103 ? 7.100   -1.960  2.135   1.00 37.73  ? 75  TYR A CG  1 
ATOM   549 C  CD1 . TYR A 1 103 ? 6.075   -1.330  2.835   1.00 41.26  ? 75  TYR A CD1 1 
ATOM   550 C  CD2 . TYR A 1 103 ? 7.464   -3.208  2.541   1.00 39.73  ? 75  TYR A CD2 1 
ATOM   551 C  CE1 . TYR A 1 103 ? 5.333   -1.998  3.806   1.00 39.94  ? 75  TYR A CE1 1 
ATOM   552 C  CE2 . TYR A 1 103 ? 6.736   -3.886  3.541   1.00 41.23  ? 75  TYR A CE2 1 
ATOM   553 C  CZ  . TYR A 1 103 ? 5.669   -3.263  4.178   1.00 40.27  ? 75  TYR A CZ  1 
ATOM   554 O  OH  . TYR A 1 103 ? 4.954   -3.940  5.211   1.00 39.56  ? 75  TYR A OH  1 
ATOM   555 N  N   . ILE A 1 104 ? 8.434   -0.479  -1.919  1.00 39.91  ? 76  ILE A N   1 
ATOM   556 C  CA  . ILE A 1 104 ? 9.258   0.122   -2.943  1.00 41.09  ? 76  ILE A CA  1 
ATOM   557 C  C   . ILE A 1 104 ? 8.565   1.194   -3.793  1.00 40.24  ? 76  ILE A C   1 
ATOM   558 O  O   . ILE A 1 104 ? 9.046   2.308   -3.863  1.00 38.86  ? 76  ILE A O   1 
ATOM   559 C  CB  . ILE A 1 104 ? 9.888   -0.982  -3.822  1.00 41.96  ? 76  ILE A CB  1 
ATOM   560 C  CG1 . ILE A 1 104 ? 10.786  -1.824  -2.928  1.00 42.70  ? 76  ILE A CG1 1 
ATOM   561 C  CG2 . ILE A 1 104 ? 10.682  -0.347  -4.924  1.00 46.17  ? 76  ILE A CG2 1 
ATOM   562 C  CD1 . ILE A 1 104 ? 11.294  -3.109  -3.543  1.00 47.73  ? 76  ILE A CD1 1 
ATOM   563 N  N   . GLU A 1 105 ? 7.416   0.848   -4.343  1.00 40.21  ? 77  GLU A N   1 
ATOM   564 C  CA  . GLU A 1 105 ? 6.582   1.643   -5.268  1.00 45.74  ? 77  GLU A CA  1 
ATOM   565 C  C   . GLU A 1 105 ? 6.146   2.933   -4.591  1.00 39.88  ? 77  GLU A C   1 
ATOM   566 O  O   . GLU A 1 105 ? 6.318   4.023   -5.090  1.00 40.72  ? 77  GLU A O   1 
ATOM   567 C  CB  . GLU A 1 105 ? 5.242   0.873   -5.620  1.00 48.69  ? 77  GLU A CB  1 
ATOM   568 C  CG  . GLU A 1 105 ? 4.159   1.872   -6.154  1.00 61.39  ? 77  GLU A CG  1 
ATOM   569 C  CD  . GLU A 1 105 ? 2.703   1.682   -5.713  1.00 61.00  ? 77  GLU A CD  1 
ATOM   570 O  OE1 . GLU A 1 105 ? 2.355   0.753   -4.938  1.00 61.06  ? 77  GLU A OE1 1 
ATOM   571 O  OE2 . GLU A 1 105 ? 1.869   2.531   -6.155  1.00 78.55  ? 77  GLU A OE2 1 
ATOM   572 N  N   . LEU A 1 106 ? 5.556   2.805   -3.431  1.00 37.29  ? 78  LEU A N   1 
ATOM   573 C  CA  . LEU A 1 106 ? 5.062   4.026   -2.754  1.00 36.60  ? 78  LEU A CA  1 
ATOM   574 C  C   . LEU A 1 106 ? 6.225   4.929   -2.262  1.00 37.49  ? 78  LEU A C   1 
ATOM   575 O  O   . LEU A 1 106 ? 6.129   6.154   -2.269  1.00 39.13  ? 78  LEU A O   1 
ATOM   576 C  CB  . LEU A 1 106 ? 4.089   3.692   -1.627  1.00 37.87  ? 78  LEU A CB  1 
ATOM   577 C  CG  . LEU A 1 106 ? 2.710   3.143   -1.948  1.00 38.66  ? 78  LEU A CG  1 
ATOM   578 C  CD1 . LEU A 1 106 ? 1.917   2.928   -0.637  1.00 37.46  ? 78  LEU A CD1 1 
ATOM   579 C  CD2 . LEU A 1 106 ? 2.000   4.108   -2.897  1.00 43.00  ? 78  LEU A CD2 1 
ATOM   580 N  N   . GLY A 1 107 ? 7.319   4.331   -1.816  1.00 37.73  ? 79  GLY A N   1 
ATOM   581 C  CA  . GLY A 1 107 ? 8.483   5.136   -1.375  1.00 39.50  ? 79  GLY A CA  1 
ATOM   582 C  C   . GLY A 1 107 ? 9.056   5.976   -2.523  1.00 41.29  ? 79  GLY A C   1 
ATOM   583 O  O   . GLY A 1 107 ? 9.394   7.153   -2.282  1.00 40.74  ? 79  GLY A O   1 
ATOM   584 N  N   . ALA A 1 108 ? 9.242   5.336   -3.703  1.00 40.45  ? 80  ALA A N   1 
ATOM   585 C  CA  . ALA A 1 108 ? 9.751   5.966   -4.938  1.00 43.63  ? 80  ALA A CA  1 
ATOM   586 C  C   . ALA A 1 108 ? 8.823   7.086   -5.354  1.00 43.76  ? 80  ALA A C   1 
ATOM   587 O  O   . ALA A 1 108 ? 9.260   8.165   -5.701  1.00 46.87  ? 80  ALA A O   1 
ATOM   588 C  CB  . ALA A 1 108 ? 9.896   4.955   -6.041  1.00 46.69  ? 80  ALA A CB  1 
ATOM   589 N  N   . LYS A 1 109 ? 7.525   6.900   -5.211  1.00 40.98  ? 81  LYS A N   1 
ATOM   590 C  CA  . LYS A 1 109 ? 6.581   7.981   -5.513  1.00 41.42  ? 81  LYS A CA  1 
ATOM   591 C  C   . LYS A 1 109 ? 6.720   9.163   -4.568  1.00 42.49  ? 81  LYS A C   1 
ATOM   592 O  O   . LYS A 1 109 ? 6.620   10.308  -4.974  1.00 43.83  ? 81  LYS A O   1 
ATOM   593 C  CB  . LYS A 1 109 ? 5.141   7.471   -5.435  1.00 40.16  ? 81  LYS A CB  1 
ATOM   594 C  CG  . LYS A 1 109 ? 4.686   6.901   -6.741  1.00 42.71  ? 81  LYS A CG  1 
ATOM   595 C  CD  . LYS A 1 109 ? 3.445   6.086   -6.591  1.00 41.26  ? 81  LYS A CD  1 
ATOM   596 C  CE  . LYS A 1 109 ? 2.960   5.769   -7.977  1.00 48.28  ? 81  LYS A CE  1 
ATOM   597 N  NZ  . LYS A 1 109 ? 1.878   4.758   -7.883  1.00 47.72  ? 81  LYS A NZ  1 
ATOM   598 N  N   . ILE A 1 110 ? 6.944   8.874   -3.295  1.00 40.41  ? 82  ILE A N   1 
ATOM   599 C  CA  . ILE A 1 110 ? 7.053   9.923   -2.293  1.00 41.95  ? 82  ILE A CA  1 
ATOM   600 C  C   . ILE A 1 110 ? 8.387   10.663  -2.487  1.00 43.28  ? 82  ILE A C   1 
ATOM   601 O  O   . ILE A 1 110 ? 8.424   11.894  -2.602  1.00 47.23  ? 82  ILE A O   1 
ATOM   602 C  CB  . ILE A 1 110 ? 6.896   9.331   -0.862  1.00 40.03  ? 82  ILE A CB  1 
ATOM   603 C  CG1 . ILE A 1 110 ? 5.437   8.828   -0.609  1.00 40.41  ? 82  ILE A CG1 1 
ATOM   604 C  CG2 . ILE A 1 110 ? 7.262   10.333  0.256   1.00 42.95  ? 82  ILE A CG2 1 
ATOM   605 C  CD1 . ILE A 1 110 ? 5.388   8.032   0.715   1.00 41.26  ? 82  ILE A CD1 1 
ATOM   606 N  N   . LEU A 1 111 ? 9.475   9.937   -2.471  1.00 43.60  ? 83  LEU A N   1 
ATOM   607 C  CA  . LEU A 1 111 ? 10.780  10.602  -2.700  1.00 48.48  ? 83  LEU A CA  1 
ATOM   608 C  C   . LEU A 1 111 ? 10.858  11.394  -4.020  1.00 53.64  ? 83  LEU A C   1 
ATOM   609 O  O   . LEU A 1 111 ? 11.616  12.347  -4.106  1.00 53.14  ? 83  LEU A O   1 
ATOM   610 C  CB  . LEU A 1 111 ? 11.881  9.577   -2.670  1.00 49.73  ? 83  LEU A CB  1 
ATOM   611 C  CG  . LEU A 1 111 ? 12.269  9.039   -1.330  1.00 48.65  ? 83  LEU A CG  1 
ATOM   612 C  CD1 . LEU A 1 111 ? 13.316  7.949   -1.542  1.00 52.39  ? 83  LEU A CD1 1 
ATOM   613 C  CD2 . LEU A 1 111 ? 12.821  10.134  -0.444  1.00 50.88  ? 83  LEU A CD2 1 
ATOM   614 N  N   . GLY A 1 112 ? 10.083  10.994  -5.042  1.00 57.85  ? 84  GLY A N   1 
ATOM   615 C  CA  . GLY A 1 112 ? 10.046  11.703  -6.334  1.00 63.47  ? 84  GLY A CA  1 
ATOM   616 C  C   . GLY A 1 112 ? 8.955   12.772  -6.433  1.00 70.53  ? 84  GLY A C   1 
ATOM   617 O  O   . GLY A 1 112 ? 8.871   13.473  -7.445  1.00 69.34  ? 84  GLY A O   1 
ATOM   618 N  N   . HIS A 1 113 ? 8.157   12.906  -5.368  1.00 69.36  ? 85  HIS A N   1 
ATOM   619 C  CA  . HIS A 1 113 ? 7.007   13.834  -5.245  1.00 84.49  ? 85  HIS A CA  1 
ATOM   620 C  C   . HIS A 1 113 ? 5.767   13.507  -6.131  1.00 103.39 ? 85  HIS A C   1 
ATOM   621 O  O   . HIS A 1 113 ? 4.777   14.264  -6.142  1.00 95.52  ? 85  HIS A O   1 
ATOM   622 C  CB  . HIS A 1 113 ? 7.498   15.260  -5.405  1.00 88.22  ? 85  HIS A CB  1 
ATOM   623 C  CG  . HIS A 1 113 ? 8.483   15.637  -4.358  1.00 84.12  ? 85  HIS A CG  1 
ATOM   624 N  ND1 . HIS A 1 113 ? 8.179   16.502  -3.332  1.00 80.33  ? 85  HIS A ND1 1 
ATOM   625 C  CD2 . HIS A 1 113 ? 9.732   15.178  -4.109  1.00 91.17  ? 85  HIS A CD2 1 
ATOM   626 C  CE1 . HIS A 1 113 ? 9.224   16.610  -2.530  1.00 95.24  ? 85  HIS A CE1 1 
ATOM   627 N  NE2 . HIS A 1 113 ? 10.183  15.821  -2.983  1.00 99.88  ? 85  HIS A NE2 1 
ATOM   628 N  N   . GLU A 1 114 ? 5.830   12.331  -6.788  1.00 99.16  ? 86  GLU A N   1 
ATOM   629 C  CA  . GLU A 1 114 ? 4.821   11.802  -7.732  1.00 103.87 ? 86  GLU A CA  1 
ATOM   630 C  C   . GLU A 1 114 ? 3.477   11.470  -7.072  1.00 108.63 ? 86  GLU A C   1 
ATOM   631 O  O   . GLU A 1 114 ? 3.192   11.931  -5.956  1.00 107.57 ? 86  GLU A O   1 
ATOM   632 C  CB  . GLU A 1 114 ? 5.389   10.566  -8.484  1.00 95.06  ? 86  GLU A CB  1 
ATOM   633 N  N   . GLY A 1 115 ? 2.668   10.663  -7.766  1.00 89.91  ? 87  GLY A N   1 
ATOM   634 C  CA  . GLY A 1 115 ? 1.351   10.325  -7.292  1.00 86.72  ? 87  GLY A CA  1 
ATOM   635 C  C   . GLY A 1 115 ? 1.037   8.852   -7.259  1.00 78.76  ? 87  GLY A C   1 
ATOM   636 O  O   . GLY A 1 115 ? 0.043   8.475   -6.642  1.00 61.54  ? 87  GLY A O   1 
HETATM 637 O  O   . HOH B 2 .   ? 1.251   -8.550  7.309   1.00 41.56  ? 101 HOH A O   1 
HETATM 638 O  O   . HOH B 2 .   ? 1.002   -17.637 -0.712  1.00 43.66  ? 102 HOH A O   1 
HETATM 639 O  O   . HOH B 2 .   ? 1.037   -9.074  -8.581  0.50 56.25  ? 103 HOH A O   1 
HETATM 640 O  O   . HOH B 2 .   ? -0.670  -18.385 4.512   1.00 50.24  ? 104 HOH A O   1 
HETATM 641 O  O   . HOH B 2 .   ? 10.779  -5.484  4.049   1.00 52.72  ? 105 HOH A O   1 
HETATM 642 O  O   . HOH B 2 .   ? -7.164  -18.338 -0.821  1.00 49.09  ? 106 HOH A O   1 
HETATM 643 O  O   . HOH B 2 .   ? 5.788   -6.625  5.332   1.00 42.70  ? 107 HOH A O   1 
HETATM 644 O  O   . HOH B 2 .   ? -0.366  -17.847 -2.821  1.00 46.19  ? 108 HOH A O   1 
HETATM 645 O  O   . HOH B 2 .   ? 7.017   -14.416 0.044   1.00 44.34  ? 109 HOH A O   1 
HETATM 646 O  O   . HOH B 2 .   ? -11.126 -15.467 0.668   1.00 46.56  ? 110 HOH A O   1 
HETATM 647 O  O   . HOH B 2 .   ? 1.724   -19.181 1.733   1.00 55.94  ? 111 HOH A O   1 
HETATM 648 O  O   . HOH B 2 .   ? 2.348   -12.574 5.015   1.00 47.92  ? 112 HOH A O   1 
HETATM 649 O  O   A HOH B 2 .   ? 10.337  12.757  0.260   0.50 33.81  ? 113 HOH A O   1 
HETATM 650 O  O   B HOH B 2 .   ? 9.424   13.608  -0.290  0.50 49.78  ? 114 HOH A O   1 
HETATM 651 O  O   . HOH B 2 .   ? -9.373  12.259  14.112  1.00 60.64  ? 115 HOH A O   1 
HETATM 652 O  O   . HOH B 2 .   ? -0.845  -5.849  -5.235  1.00 34.49  ? 116 HOH A O   1 
HETATM 653 O  O   . HOH B 2 .   ? -12.880 -15.236 -1.002  1.00 56.22  ? 117 HOH A O   1 
HETATM 654 O  O   . HOH B 2 .   ? -15.943 -9.683  7.941   1.00 56.88  ? 118 HOH A O   1 
HETATM 655 O  O   . HOH B 2 .   ? 10.740  2.324   -0.043  1.00 44.64  ? 119 HOH A O   1 
HETATM 656 O  O   . HOH B 2 .   ? -1.176  4.195   -5.410  1.00 48.34  ? 120 HOH A O   1 
HETATM 657 O  O   . HOH B 2 .   ? -0.166  6.384   -4.929  1.00 45.99  ? 121 HOH A O   1 
HETATM 658 O  O   . HOH B 2 .   ? -13.643 -5.348  1.357   1.00 61.23  ? 122 HOH A O   1 
HETATM 659 O  O   . HOH B 2 .   ? -21.160 -7.680  -0.697  1.00 55.94  ? 123 HOH A O   1 
HETATM 660 O  O   . HOH B 2 .   ? 17.522  -0.182  1.362   1.00 61.82  ? 124 HOH A O   1 
HETATM 661 O  O   . HOH B 2 .   ? -15.894 1.898   0.305   1.00 52.23  ? 125 HOH A O   1 
HETATM 662 O  O   . HOH B 2 .   ? 6.919   3.839   -8.002  1.00 48.81  ? 126 HOH A O   1 
HETATM 663 O  O   . HOH B 2 .   ? 4.715   -2.315  -7.334  1.00 59.48  ? 127 HOH A O   1 
HETATM 664 O  O   . HOH B 2 .   ? 12.197  8.180   -6.167  1.00 58.69  ? 128 HOH A O   1 
HETATM 665 O  O   . HOH B 2 .   ? 11.726  14.067  -1.503  1.00 65.24  ? 129 HOH A O   1 
HETATM 666 O  O   . HOH B 2 .   ? 10.696  11.298  2.216   1.00 41.43  ? 130 HOH A O   1 
HETATM 667 O  O   . HOH B 2 .   ? 4.901   2.516   -9.717  1.00 56.59  ? 131 HOH A O   1 
HETATM 668 O  O   . HOH B 2 .   ? 21.032  0.950   4.751   1.00 58.00  ? 132 HOH A O   1 
HETATM 669 O  O   . HOH B 2 .   ? 11.436  0.271   0.594   1.00 47.62  ? 133 HOH A O   1 
HETATM 670 O  O   . HOH B 2 .   ? -3.413  20.070  3.153   1.00 58.00  ? 134 HOH A O   1 
HETATM 671 O  O   . HOH B 2 .   ? -19.407 -14.388 -3.477  1.00 64.26  ? 135 HOH A O   1 
HETATM 672 O  O   . HOH B 2 .   ? 12.406  16.156  -3.793  1.00 73.77  ? 136 HOH A O   1 
HETATM 673 O  O   . HOH B 2 .   ? -4.342  -21.774 0.265   1.00 63.47  ? 137 HOH A O   1 
HETATM 674 O  O   . HOH B 2 .   ? 3.744   20.623  1.134   1.00 70.46  ? 138 HOH A O   1 
# 
loop_
_atom_site_anisotrop.id 
_atom_site_anisotrop.type_symbol 
_atom_site_anisotrop.pdbx_label_atom_id 
_atom_site_anisotrop.pdbx_label_alt_id 
_atom_site_anisotrop.pdbx_label_comp_id 
_atom_site_anisotrop.pdbx_label_asym_id 
_atom_site_anisotrop.pdbx_label_seq_id 
_atom_site_anisotrop.pdbx_PDB_ins_code 
_atom_site_anisotrop.U[1][1] 
_atom_site_anisotrop.U[2][2] 
_atom_site_anisotrop.U[3][3] 
_atom_site_anisotrop.U[1][2] 
_atom_site_anisotrop.U[1][3] 
_atom_site_anisotrop.U[2][3] 
_atom_site_anisotrop.pdbx_auth_seq_id 
_atom_site_anisotrop.pdbx_auth_comp_id 
_atom_site_anisotrop.pdbx_auth_asym_id 
_atom_site_anisotrop.pdbx_auth_atom_id 
14  N  N   . LYS A 38  ? 0.9637 1.1915 1.2074 0.0837  -0.1288 -0.1613 10 LYS A N   
15  C  CA  . LYS A 38  ? 0.8290 1.0275 1.0347 0.0750  -0.1196 -0.1274 10 LYS A CA  
16  C  C   . LYS A 38  ? 0.7196 0.8935 0.9228 0.0691  -0.1136 -0.1134 10 LYS A C   
17  O  O   . LYS A 38  ? 0.7021 0.8869 0.9288 0.0619  -0.1044 -0.1315 10 LYS A O   
18  C  CB  . LYS A 38  ? 0.7393 0.9461 0.9340 0.0566  -0.0980 -0.1281 10 LYS A CB  
19  C  CG  . LYS A 38  ? 0.8657 1.0908 1.0554 0.0638  -0.1060 -0.1349 10 LYS A CG  
20  C  CD  . LYS A 38  ? 0.9066 1.1464 1.1057 0.0473  -0.0870 -0.1474 10 LYS A CD  
21  C  CE  . LYS A 38  ? 1.0150 1.2832 1.2211 0.0593  -0.1002 -0.1659 10 LYS A CE  
22  N  NZ  . LYS A 38  ? 1.1288 1.4142 1.3522 0.0464  -0.0858 -0.1828 10 LYS A NZ  
23  N  N   . THR A 39  ? 0.6934 0.8385 0.8680 0.0713  -0.1174 -0.0820 11 THR A N   
24  C  CA  . THR A 39  ? 0.6094 0.7304 0.7814 0.0656  -0.1118 -0.0677 11 THR A CA  
25  C  C   . THR A 39  ? 0.5673 0.6901 0.7224 0.0456  -0.0878 -0.0640 11 THR A C   
26  O  O   . THR A 39  ? 0.5420 0.6769 0.6863 0.0381  -0.0785 -0.0660 11 THR A O   
27  C  CB  . THR A 39  ? 0.6163 0.7067 0.7661 0.0742  -0.1244 -0.0346 11 THR A CB  
28  O  OG1 . THR A 39  ? 0.5759 0.6677 0.6906 0.0702  -0.1197 -0.0175 11 THR A OG1 
29  C  CG2 . THR A 39  ? 0.6928 0.7801 0.8590 0.0952  -0.1504 -0.0337 11 THR A CG2 
30  N  N   . PRO A 40  ? 0.5509 0.6645 0.7090 0.0380  -0.0789 -0.0614 12 PRO A N   
31  C  CA  . PRO A 40  ? 0.5466 0.6589 0.6862 0.0217  -0.0598 -0.0529 12 PRO A CA  
32  C  C   . PRO A 40  ? 0.4918 0.5870 0.6011 0.0194  -0.0579 -0.0293 12 PRO A C   
33  O  O   . PRO A 40  ? 0.4648 0.5658 0.5641 0.0089  -0.0456 -0.0277 12 PRO A O   
34  C  CB  . PRO A 40  ? 0.5322 0.6350 0.6790 0.0199  -0.0579 -0.0516 12 PRO A CB  
35  C  CG  . PRO A 40  ? 0.5455 0.6608 0.7284 0.0305  -0.0699 -0.0752 12 PRO A CG  
36  C  CD  . PRO A 40  ? 0.5598 0.6748 0.7488 0.0441  -0.0861 -0.0766 12 PRO A CD  
37  N  N   . LYS A 41  ? 0.5029 0.5796 0.6006 0.0288  -0.0701 -0.0116 13 LYS A N   
38  C  CA  . LYS A 41  ? 0.4981 0.5661 0.5670 0.0255  -0.0671 0.0079  13 LYS A CA  
39  C  C   . LYS A 41  ? 0.4779 0.5671 0.5423 0.0258  -0.0665 -0.0017 13 LYS A C   
40  O  O   . LYS A 41  ? 0.4515 0.5437 0.5052 0.0164  -0.0555 0.0003  13 LYS A O   
41  C  CB  . LYS A 41  ? 0.5759 0.6252 0.6331 0.0345  -0.0800 0.0301  13 LYS A CB  
42  C  CG  . LYS A 41  ? 0.6364 0.6818 0.6623 0.0294  -0.0749 0.0499  13 LYS A CG  
43  C  CD  . LYS A 41  ? 0.7266 0.7508 0.7407 0.0340  -0.0836 0.0772  13 LYS A CD  
44  C  CE  . LYS A 41  ? 0.7500 0.7723 0.7724 0.0501  -0.1040 0.0827  13 LYS A CE  
45  N  NZ  . LYS A 41  ? 0.8723 0.8687 0.8839 0.0517  -0.1102 0.1154  13 LYS A NZ  
46  N  N   . GLU A 42  ? 0.5379 0.6419 0.6138 0.0378  -0.0801 -0.0138 14 GLU A N   
47  C  CA  . GLU A 42  ? 0.5536 0.6841 0.6327 0.0399  -0.0817 -0.0300 14 GLU A CA  
48  C  C   . GLU A 42  ? 0.4917 0.6339 0.5892 0.0255  -0.0644 -0.0478 14 GLU A C   
49  O  O   . GLU A 42  ? 0.4573 0.6080 0.5529 0.0194  -0.0575 -0.0515 14 GLU A O   
50  C  CB  . GLU A 42  ? 0.6452 0.7928 0.7401 0.0564  -0.1005 -0.0444 14 GLU A CB  
51  C  CG  . GLU A 42  ? 0.7168 0.8539 0.7915 0.0717  -0.1198 -0.0218 14 GLU A CG  
52  C  CD  . GLU A 42  ? 0.8172 0.9638 0.9126 0.0906  -0.1419 -0.0327 14 GLU A CD  
53  O  OE1 . GLU A 42  ? 0.8368 0.9987 0.9655 0.0916  -0.1417 -0.0614 14 GLU A OE1 
54  O  OE2 . GLU A 42  ? 0.8946 1.0340 0.9731 0.1044  -0.1599 -0.0113 14 GLU A OE2 
55  N  N   . LYS A 43  ? 0.4417 0.5841 0.5573 0.0189  -0.0566 -0.0568 15 LYS A N   
56  C  CA  . LYS A 43  ? 0.4474 0.6000 0.5771 0.0036  -0.0394 -0.0670 15 LYS A CA  
57  C  C   . LYS A 43  ? 0.4091 0.5443 0.5211 -0.0082 -0.0267 -0.0481 15 LYS A C   
58  O  O   . LYS A 43  ? 0.3814 0.5211 0.5024 -0.0174 -0.0172 -0.0516 15 LYS A O   
59  C  CB  . LYS A 43  ? 0.4966 0.6594 0.6450 -0.0014 -0.0331 -0.0794 15 LYS A CB  
60  C  CG  . LYS A 43  ? 0.5490 0.7293 0.7158 -0.0177 -0.0154 -0.0909 15 LYS A CG  
61  C  CD  . LYS A 43  ? 0.6290 0.8273 0.8109 -0.0226 -0.0093 -0.1044 15 LYS A CD  
62  C  CE  . LYS A 43  ? 0.7411 0.9602 0.9395 -0.0411 0.0104  -0.1128 15 LYS A CE  
63  N  NZ  . LYS A 43  ? 0.8150 1.0173 0.9954 -0.0549 0.0241  -0.0877 15 LYS A NZ  
64  N  N   . PHE A 44  ? 0.3899 0.5055 0.4817 -0.0075 -0.0275 -0.0296 16 PHE A N   
65  C  CA  . PHE A 44  ? 0.4151 0.5164 0.4923 -0.0167 -0.0177 -0.0142 16 PHE A CA  
66  C  C   . PHE A 44  ? 0.3946 0.4982 0.4668 -0.0154 -0.0197 -0.0137 16 PHE A C   
67  O  O   . PHE A 44  ? 0.3819 0.4836 0.4600 -0.0236 -0.0115 -0.0131 16 PHE A O   
68  C  CB  . PHE A 44  ? 0.4244 0.5080 0.4848 -0.0150 -0.0195 0.0014  16 PHE A CB  
69  C  CG  . PHE A 44  ? 0.4496 0.5207 0.4955 -0.0210 -0.0133 0.0151  16 PHE A CG  
70  C  CD1 . PHE A 44  ? 0.4696 0.5389 0.5175 -0.0304 -0.0032 0.0190  16 PHE A CD1 
71  C  CD2 . PHE A 44  ? 0.4863 0.5499 0.5169 -0.0170 -0.0181 0.0245  16 PHE A CD2 
72  C  CE1 . PHE A 44  ? 0.4791 0.5374 0.5171 -0.0340 0.0002  0.0298  16 PHE A CE1 
73  C  CE2 . PHE A 44  ? 0.4804 0.5359 0.5012 -0.0227 -0.0123 0.0333  16 PHE A CE2 
74  C  CZ  . PHE A 44  ? 0.4434 0.4956 0.4703 -0.0301 -0.0043 0.0344  16 PHE A CZ  
75  N  N   . ILE A 45  ? 0.4401 0.5493 0.5020 -0.0045 -0.0316 -0.0138 17 ILE A N   
76  C  CA  . ILE A 45  ? 0.4361 0.5573 0.4912 -0.0026 -0.0340 -0.0172 17 ILE A CA  
77  C  C   . ILE A 45  ? 0.4270 0.5682 0.5100 -0.0061 -0.0303 -0.0401 17 ILE A C   
78  O  O   . ILE A 45  ? 0.4096 0.5557 0.5014 -0.0113 -0.0252 -0.0460 17 ILE A O   
79  C  CB  . ILE A 45  ? 0.4961 0.6269 0.5326 0.0099  -0.0480 -0.0121 17 ILE A CB  
80  C  CG1 . ILE A 45  ? 0.5221 0.6298 0.5367 0.0118  -0.0509 0.0124  17 ILE A CG1 
81  C  CG2 . ILE A 45  ? 0.5449 0.6988 0.5739 0.0111  -0.0493 -0.0201 17 ILE A CG2 
82  C  CD1 . ILE A 45  ? 0.5422 0.6377 0.5443 0.0021  -0.0404 0.0245  17 ILE A CD1 
83  N  N   . GLU A 46  ? 0.4269 0.5812 0.5294 -0.0030 -0.0335 -0.0555 18 GLU A N   
84  C  CA  . GLU A 46  ? 0.4309 0.6042 0.5670 -0.0080 -0.0286 -0.0791 18 GLU A CA  
85  C  C   . GLU A 46  ? 0.3905 0.5490 0.5441 -0.0243 -0.0123 -0.0739 18 GLU A C   
86  O  O   . GLU A 46  ? 0.3782 0.5430 0.5574 -0.0302 -0.0074 -0.0858 18 GLU A O   
87  C  CB  . GLU A 46  ? 0.4952 0.6842 0.6498 -0.0035 -0.0331 -0.0957 18 GLU A CB  
88  C  CG  . GLU A 46  ? 0.5984 0.8072 0.7445 0.0143  -0.0518 -0.1052 18 GLU A CG  
89  C  CD  . GLU A 46  ? 0.7241 0.9572 0.9010 0.0188  -0.0566 -0.1321 18 GLU A CD  
90  O  OE1 . GLU A 46  ? 0.6748 0.9050 0.8730 0.0077  -0.0445 -0.1380 18 GLU A OE1 
91  O  OE2 . GLU A 46  ? 0.9032 1.1618 1.0831 0.0332  -0.0720 -0.1482 18 GLU A OE2 
92  N  N   . ILE A 47  ? 0.3767 0.5164 0.5186 -0.0310 -0.0050 -0.0557 19 ILE A N   
93  C  CA  . ILE A 47  ? 0.3723 0.4971 0.5232 -0.0451 0.0084  -0.0434 19 ILE A CA  
94  C  C   . ILE A 47  ? 0.3936 0.5052 0.5414 -0.0464 0.0086  -0.0349 19 ILE A C   
95  O  O   . ILE A 47  ? 0.3805 0.4876 0.5543 -0.0549 0.0153  -0.0368 19 ILE A O   
96  C  CB  . ILE A 47  ? 0.3934 0.5092 0.5271 -0.0498 0.0141  -0.0274 19 ILE A CB  
97  C  CG1 . ILE A 47  ? 0.3954 0.5309 0.5467 -0.0536 0.0186  -0.0421 19 ILE A CG1 
98  C  CG2 . ILE A 47  ? 0.3901 0.4909 0.5247 -0.0618 0.0249  -0.0094 19 ILE A CG2 
99  C  CD1 . ILE A 47  ? 0.4246 0.5632 0.5612 -0.0546 0.0211  -0.0361 19 ILE A CD1 
100 N  N   . ILE A 48  ? 0.3906 0.4971 0.5107 -0.0382 0.0012  -0.0267 20 ILE A N   
101 C  CA  . ILE A 48  ? 0.4592 0.5602 0.5768 -0.0382 0.0005  -0.0238 20 ILE A CA  
102 C  C   . ILE A 48  ? 0.4228 0.5439 0.5669 -0.0364 -0.0023 -0.0473 20 ILE A C   
103 O  O   . ILE A 48  ? 0.4388 0.5555 0.6107 -0.0421 0.0016  -0.0533 20 ILE A O   
104 C  CB  . ILE A 48  ? 0.4845 0.5835 0.5672 -0.0307 -0.0060 -0.0132 20 ILE A CB  
105 C  CG1 . ILE A 48  ? 0.5094 0.5875 0.5777 -0.0348 -0.0016 0.0056  20 ILE A CG1 
106 C  CG2 . ILE A 48  ? 0.6133 0.7274 0.6932 -0.0271 -0.0097 -0.0224 20 ILE A CG2 
107 C  CD1 . ILE A 48  ? 0.5129 0.5825 0.5846 -0.0399 0.0037  0.0131  20 ILE A CD1 
108 N  N   . GLN A 49  ? 0.4348 0.5798 0.5753 -0.0278 -0.0101 -0.0625 21 GLN A N   
109 C  CA  . GLN A 49  ? 0.4507 0.6233 0.6166 -0.0248 -0.0139 -0.0895 21 GLN A CA  
110 C  C   . GLN A 49  ? 0.4488 0.6203 0.6650 -0.0343 -0.0063 -0.1056 21 GLN A C   
111 O  O   . GLN A 49  ? 0.4021 0.5898 0.6502 -0.0346 -0.0072 -0.1283 21 GLN A O   
112 C  CB  . GLN A 49  ? 0.4881 0.6910 0.6423 -0.0125 -0.0255 -0.1039 21 GLN A CB  
113 C  CG  . GLN A 49  ? 0.4986 0.7088 0.6077 -0.0026 -0.0347 -0.0892 21 GLN A CG  
114 C  CD  . GLN A 49  ? 0.5693 0.8009 0.6646 0.0106  -0.0483 -0.0939 21 GLN A CD  
115 O  OE1 . GLN A 49  ? 0.5172 0.7476 0.6292 0.0129  -0.0507 -0.1014 21 GLN A OE1 
116 N  NE2 . GLN A 49  ? 0.5643 0.8171 0.6291 0.0197  -0.0578 -0.0891 21 GLN A NE2 
117 N  N   . ASN A 50  ? 0.4249 0.5821 0.6515 -0.0423 0.0015  -0.0967 22 ASN A N   
118 C  CA  . ASN A 50  ? 0.4187 0.5741 0.6934 -0.0538 0.0106  -0.1079 22 ASN A CA  
119 C  C   . ASN A 50  ? 0.4539 0.5780 0.7395 -0.0668 0.0213  -0.0838 22 ASN A C   
120 O  O   . ASN A 50  ? 0.4120 0.5291 0.7369 -0.0791 0.0308  -0.0849 22 ASN A O   
121 C  CB  . ASN A 50  ? 0.4345 0.6066 0.7197 -0.0549 0.0126  -0.1203 22 ASN A CB  
122 C  CG  . ASN A 50  ? 0.4431 0.6506 0.7311 -0.0409 -0.0003 -0.1497 22 ASN A CG  
123 O  OD1 . ASN A 50  ? 0.4926 0.7220 0.8193 -0.0405 -0.0020 -0.1785 22 ASN A OD1 
124 N  ND2 . ASN A 50  ? 0.4318 0.6467 0.6810 -0.0284 -0.0110 -0.1432 22 ASN A ND2 
125 N  N   . GLY A 51  ? 0.4276 0.5335 0.6819 -0.0643 0.0192  -0.0619 23 GLY A N   
126 C  CA  . GLY A 51  ? 0.4646 0.5427 0.7230 -0.0740 0.0263  -0.0362 23 GLY A CA  
127 C  C   . GLY A 51  ? 0.4774 0.5451 0.7768 -0.0767 0.0253  -0.0425 23 GLY A C   
128 O  O   . GLY A 51  ? 0.4682 0.5515 0.7808 -0.0689 0.0178  -0.0661 23 GLY A O   
129 N  N   . ASN A 52  ? 0.5091 0.5528 0.8300 -0.0875 0.0322  -0.0218 24 ASN A N   
130 C  CA  . ASN A 52  ? 0.5753 0.6029 0.9415 -0.0896 0.0295  -0.0246 24 ASN A CA  
131 C  C   . ASN A 52  ? 0.5638 0.5763 0.9051 -0.0822 0.0220  -0.0083 24 ASN A C   
132 O  O   . ASN A 52  ? 0.5037 0.5110 0.7964 -0.0801 0.0223  0.0143  24 ASN A O   
133 C  CB  . ASN A 52  ? 0.7419 0.7458 1.1425 -0.1044 0.0391  -0.0030 24 ASN A CB  
134 C  CG  . ASN A 52  ? 0.8344 0.8209 1.1934 -0.1096 0.0438  0.0380  24 ASN A CG  
135 O  OD1 . ASN A 52  ? 1.1414 1.1422 1.4583 -0.1102 0.0485  0.0441  24 ASN A OD1 
136 N  ND2 . ASN A 52  ? 0.8860 0.8441 1.2589 -0.1126 0.0415  0.0649  24 ASN A ND2 
137 N  N   . LEU A 53  ? 0.5518 0.5581 0.9329 -0.0788 0.0152  -0.0214 25 LEU A N   
138 C  CA  . LEU A 53  ? 0.5752 0.5716 0.9415 -0.0709 0.0068  -0.0131 25 LEU A CA  
139 C  C   . LEU A 53  ? 0.5495 0.5195 0.8840 -0.0729 0.0072  0.0281  25 LEU A C   
140 O  O   . LEU A 53  ? 0.5282 0.5014 0.8210 -0.0663 0.0037  0.0360  25 LEU A O   
141 C  CB  . LEU A 53  ? 0.5972 0.5899 1.0261 -0.0682 -0.0005 -0.0354 25 LEU A CB  
142 C  CG  . LEU A 53  ? 0.6566 0.6442 1.0834 -0.0594 -0.0101 -0.0354 25 LEU A CG  
143 C  CD1 . LEU A 53  ? 0.7108 0.7336 1.1029 -0.0517 -0.0118 -0.0602 25 LEU A CD1 
144 C  CD2 . LEU A 53  ? 0.6918 0.6671 1.1905 -0.0578 -0.0181 -0.0512 25 LEU A CD2 
145 N  N   . GLY A 54  ? 0.5551 0.5016 0.9120 -0.0822 0.0114  0.0532  26 GLY A N   
146 C  CA  . GLY A 54  ? 0.5729 0.4999 0.9015 -0.0841 0.0108  0.0925  26 GLY A CA  
147 C  C   . GLY A 54  ? 0.5680 0.5111 0.8351 -0.0844 0.0167  0.1042  26 GLY A C   
148 O  O   . GLY A 54  ? 0.5538 0.4960 0.7866 -0.0780 0.0116  0.1180  26 GLY A O   
149 N  N   . ALA A 55  ? 0.5590 0.5184 0.8180 -0.0914 0.0267  0.0959  27 ALA A N   
150 C  CA  . ALA A 55  ? 0.5409 0.5183 0.7516 -0.0915 0.0318  0.1010  27 ALA A CA  
151 C  C   . ALA A 55  ? 0.5300 0.5184 0.7098 -0.0792 0.0241  0.0864  27 ALA A C   
152 O  O   . ALA A 55  ? 0.4830 0.4752 0.6269 -0.0760 0.0231  0.0984  27 ALA A O   
153 C  CB  . ALA A 55  ? 0.5440 0.5391 0.7633 -0.0986 0.0411  0.0848  27 ALA A CB  
154 N  N   . LEU A 56  ? 0.4673 0.4643 0.6615 -0.0730 0.0196  0.0596  28 LEU A N   
155 C  CA  . LEU A 56  ? 0.4319 0.4393 0.5983 -0.0636 0.0139  0.0490  28 LEU A CA  
156 C  C   . LEU A 56  ? 0.4470 0.4438 0.6067 -0.0584 0.0075  0.0581  28 LEU A C   
157 O  O   . LEU A 56  ? 0.4584 0.4598 0.5867 -0.0541 0.0059  0.0613  28 LEU A O   
158 C  CB  . LEU A 56  ? 0.4128 0.4374 0.5938 -0.0589 0.0107  0.0207  28 LEU A CB  
159 C  CG  . LEU A 56  ? 0.4170 0.4586 0.6030 -0.0604 0.0138  0.0061  28 LEU A CG  
160 C  CD1 . LEU A 56  ? 0.4150 0.4782 0.6218 -0.0552 0.0089  -0.0234 28 LEU A CD1 
161 C  CD2 . LEU A 56  ? 0.4048 0.4539 0.5515 -0.0572 0.0141  0.0123  28 LEU A CD2 
162 N  N   . GLU A 57  ? 0.4391 0.4225 0.6328 -0.0581 0.0028  0.0591  29 GLU A N   
163 C  CA  . GLU A 57  ? 0.4660 0.4417 0.6567 -0.0517 -0.0049 0.0645  29 GLU A CA  
164 C  C   . GLU A 57  ? 0.4755 0.4444 0.6347 -0.0518 -0.0049 0.0916  29 GLU A C   
165 O  O   . GLU A 57  ? 0.4780 0.4518 0.6168 -0.0462 -0.0088 0.0912  29 GLU A O   
166 C  CB  . GLU A 57  ? 0.5030 0.4638 0.7421 -0.0500 -0.0122 0.0611  29 GLU A CB  
167 C  CG  . GLU A 57  ? 0.5064 0.4826 0.7806 -0.0472 -0.0145 0.0260  29 GLU A CG  
168 C  CD  . GLU A 57  ? 0.5878 0.5492 0.9226 -0.0450 -0.0230 0.0181  29 GLU A CD  
169 O  OE1 . GLU A 57  ? 0.6207 0.5534 0.9770 -0.0472 -0.0266 0.0442  29 GLU A OE1 
170 O  OE2 . GLU A 57  ? 0.6128 0.5932 0.9777 -0.0412 -0.0264 -0.0156 29 GLU A OE2 
171 N  N   . LYS A 58  ? 0.4958 0.4579 0.6515 -0.0589 0.0001  0.1134  30 LYS A N   
172 C  CA  . LYS A 58  ? 0.5425 0.5057 0.6673 -0.0587 -0.0006 0.1382  30 LYS A CA  
173 C  C   . LYS A 58  ? 0.5094 0.4930 0.5968 -0.0563 0.0029  0.1287  30 LYS A C   
174 O  O   . LYS A 58  ? 0.5019 0.4916 0.5689 -0.0505 -0.0021 0.1322  30 LYS A O   
175 C  CB  . LYS A 58  ? 0.5743 0.5338 0.6997 -0.0697 0.0075  0.1630  30 LYS A CB  
176 C  CG  . LYS A 58  ? 0.6556 0.6213 0.7500 -0.0699 0.0062  0.1916  30 LYS A CG  
177 N  N   . VAL A 59  ? 0.4565 0.4506 0.5401 -0.0604 0.0101  0.1150  31 VAL A N   
178 C  CA  . VAL A 59  ? 0.4596 0.4699 0.5162 -0.0580 0.0123  0.1059  31 VAL A CA  
179 C  C   . VAL A 59  ? 0.4646 0.4754 0.5149 -0.0504 0.0068  0.0924  31 VAL A C   
180 O  O   . VAL A 59  ? 0.4478 0.4657 0.4793 -0.0472 0.0055  0.0928  31 VAL A O   
181 C  CB  . VAL A 59  ? 0.4917 0.5124 0.5507 -0.0627 0.0191  0.0950  31 VAL A CB  
182 C  CG1 . VAL A 59  ? 0.4750 0.5086 0.5144 -0.0587 0.0189  0.0847  31 VAL A CG1 
183 C  CG2 . VAL A 59  ? 0.5677 0.5925 0.6325 -0.0729 0.0274  0.1087  31 VAL A CG2 
184 N  N   . PHE A 60  ? 0.4293 0.4359 0.4967 -0.0484 0.0044  0.0791  32 PHE A N   
185 C  CA  . PHE A 60  ? 0.4367 0.4473 0.4982 -0.0438 0.0015  0.0679  32 PHE A CA  
186 C  C   . PHE A 60  ? 0.4622 0.4691 0.5251 -0.0398 -0.0039 0.0715  32 PHE A C   
187 O  O   . PHE A 60  ? 0.4325 0.4452 0.4825 -0.0377 -0.0040 0.0667  32 PHE A O   
188 C  CB  . PHE A 60  ? 0.4488 0.4664 0.5230 -0.0434 0.0017  0.0504  32 PHE A CB  
189 C  CG  . PHE A 60  ? 0.4485 0.4747 0.5102 -0.0442 0.0047  0.0458  32 PHE A CG  
190 C  CD1 . PHE A 60  ? 0.5340 0.5628 0.5731 -0.0426 0.0052  0.0486  32 PHE A CD1 
191 C  CD2 . PHE A 60  ? 0.5029 0.5339 0.5791 -0.0458 0.0057  0.0390  32 PHE A CD2 
192 C  CE1 . PHE A 60  ? 0.5260 0.5604 0.5570 -0.0413 0.0051  0.0463  32 PHE A CE1 
193 C  CE2 . PHE A 60  ? 0.5058 0.5468 0.5720 -0.0442 0.0059  0.0333  32 PHE A CE2 
194 C  CZ  . PHE A 60  ? 0.5315 0.5731 0.5747 -0.0414 0.0049  0.0384  32 PHE A CZ  
195 N  N   . GLU A 61  ? 0.4505 0.4476 0.5310 -0.0384 -0.0090 0.0803  33 GLU A N   
196 C  CA  . GLU A 61  ? 0.4561 0.4512 0.5402 -0.0323 -0.0169 0.0830  33 GLU A CA  
197 C  C   . GLU A 61  ? 0.4356 0.4398 0.4924 -0.0307 -0.0168 0.0919  33 GLU A C   
198 O  O   . GLU A 61  ? 0.4342 0.4458 0.4872 -0.0262 -0.0203 0.0837  33 GLU A O   
199 C  CB  . GLU A 61  ? 0.5380 0.5176 0.6464 -0.0299 -0.0249 0.0977  33 GLU A CB  
200 C  CG  . GLU A 61  ? 0.5996 0.5707 0.7478 -0.0304 -0.0271 0.0846  33 GLU A CG  
201 C  CD  . GLU A 61  ? 0.6110 0.5609 0.7882 -0.0307 -0.0333 0.1045  33 GLU A CD  
202 O  OE1 . GLU A 61  ? 0.6656 0.6081 0.8261 -0.0311 -0.0352 0.1323  33 GLU A OE1 
203 O  OE2 . GLU A 61  ? 0.6375 0.5787 0.8558 -0.0308 -0.0362 0.0931  33 GLU A OE2 
204 N  N   . GLU A 62  ? 0.4650 0.4732 0.5057 -0.0345 -0.0125 0.1052  34 GLU A N   
205 C  CA  . GLU A 62  ? 0.4844 0.5084 0.5018 -0.0325 -0.0129 0.1097  34 GLU A CA  
206 C  C   . GLU A 62  ? 0.4766 0.5110 0.4855 -0.0327 -0.0087 0.0925  34 GLU A C   
207 O  O   . GLU A 62  ? 0.4495 0.4957 0.4527 -0.0286 -0.0116 0.0853  34 GLU A O   
208 C  CB  . GLU A 62  ? 0.5945 0.6274 0.5974 -0.0374 -0.0089 0.1279  34 GLU A CB  
209 C  CG  . GLU A 62  ? 0.7842 0.8390 0.7663 -0.0326 -0.0141 0.1355  34 GLU A CG  
210 C  CD  . GLU A 62  ? 0.9830 1.0321 0.9700 -0.0232 -0.0275 0.1468  34 GLU A CD  
211 O  OE1 . GLU A 62  ? 1.1727 1.1996 1.1780 -0.0229 -0.0324 0.1613  34 GLU A OE1 
212 O  OE2 . GLU A 62  ? 0.9966 1.0640 0.9739 -0.0153 -0.0348 0.1400  34 GLU A OE2 
213 N  N   . PHE A 63  ? 0.4353 0.4654 0.4470 -0.0369 -0.0027 0.0853  35 PHE A N   
214 C  CA  . PHE A 63  ? 0.4515 0.4858 0.4585 -0.0372 0.0004  0.0728  35 PHE A CA  
215 C  C   . PHE A 63  ? 0.4461 0.4777 0.4597 -0.0354 -0.0011 0.0636  35 PHE A C   
216 O  O   . PHE A 63  ? 0.4329 0.4700 0.4453 -0.0350 -0.0002 0.0561  35 PHE A O   
217 C  CB  . PHE A 63  ? 0.4455 0.4757 0.4541 -0.0402 0.0044  0.0700  35 PHE A CB  
218 C  CG  . PHE A 63  ? 0.4451 0.4779 0.4504 -0.0396 0.0057  0.0623  35 PHE A CG  
219 C  CD1 . PHE A 63  ? 0.4810 0.5249 0.4844 -0.0390 0.0062  0.0585  35 PHE A CD1 
220 C  CD2 . PHE A 63  ? 0.4746 0.5005 0.4810 -0.0397 0.0060  0.0590  35 PHE A CD2 
221 C  CE1 . PHE A 63  ? 0.4508 0.4940 0.4597 -0.0375 0.0055  0.0504  35 PHE A CE1 
222 C  CE2 . PHE A 63  ? 0.4627 0.4859 0.4694 -0.0392 0.0060  0.0567  35 PHE A CE2 
223 C  CZ  . PHE A 63  ? 0.4889 0.5183 0.4998 -0.0374 0.0049  0.0518  35 PHE A CZ  
224 N  N   . PHE A 64  ? 0.4085 0.4339 0.4331 -0.0353 -0.0026 0.0615  36 PHE A N   
225 C  CA  . PHE A 64  ? 0.3859 0.4145 0.4192 -0.0351 -0.0028 0.0501  36 PHE A CA  
226 C  C   . PHE A 64  ? 0.3945 0.4295 0.4325 -0.0301 -0.0086 0.0473  36 PHE A C   
227 O  O   . PHE A 64  ? 0.3827 0.4247 0.4238 -0.0311 -0.0063 0.0368  36 PHE A O   
228 C  CB  . PHE A 64  ? 0.4066 0.4350 0.4552 -0.0357 -0.0033 0.0425  36 PHE A CB  
229 C  CG  . PHE A 64  ? 0.4064 0.4364 0.4507 -0.0396 0.0015  0.0404  36 PHE A CG  
230 C  CD1 . PHE A 64  ? 0.4317 0.4607 0.4591 -0.0418 0.0055  0.0458  36 PHE A CD1 
231 C  CD2 . PHE A 64  ? 0.4058 0.4403 0.4662 -0.0394 0.0003  0.0313  36 PHE A CD2 
232 C  CE1 . PHE A 64  ? 0.4641 0.4972 0.4868 -0.0432 0.0073  0.0442  36 PHE A CE1 
233 C  CE2 . PHE A 64  ? 0.4482 0.4906 0.5049 -0.0415 0.0033  0.0265  36 PHE A CE2 
234 C  CZ  . PHE A 64  ? 0.4462 0.4880 0.4820 -0.0429 0.0063  0.0342  36 PHE A CZ  
235 N  N   . ALA A 65  ? 0.3785 0.4127 0.4167 -0.0250 -0.0159 0.0577  37 ALA A N   
236 C  CA  . ALA A 65  ? 0.3927 0.4371 0.4321 -0.0180 -0.0239 0.0560  37 ALA A CA  
237 C  C   . ALA A 65  ? 0.4011 0.4599 0.4297 -0.0190 -0.0203 0.0484  37 ALA A C   
238 O  O   . ALA A 65  ? 0.3889 0.4594 0.4251 -0.0157 -0.0231 0.0356  37 ALA A O   
239 C  CB  . ALA A 65  ? 0.3983 0.4401 0.4335 -0.0125 -0.0330 0.0755  37 ALA A CB  
240 N  N   . ASP A 66  ? 0.4249 0.4857 0.4407 -0.0227 -0.0151 0.0536  38 ASP A N   
241 C  CA  . ASP A 66  ? 0.4361 0.5117 0.4500 -0.0232 -0.0123 0.0419  38 ASP A CA  
242 C  C   . ASP A 66  ? 0.4085 0.4780 0.4368 -0.0275 -0.0066 0.0282  38 ASP A C   
243 O  O   . ASP A 66  ? 0.3854 0.4665 0.4246 -0.0265 -0.0069 0.0140  38 ASP A O   
244 C  CB  . ASP A 66  ? 0.4538 0.5335 0.4582 -0.0263 -0.0079 0.0461  38 ASP A CB  
245 C  CG  . ASP A 66  ? 0.6110 0.7119 0.6016 -0.0234 -0.0111 0.0529  38 ASP A CG  
246 O  OD1 . ASP A 66  ? 0.6177 0.7208 0.5999 -0.0201 -0.0169 0.0677  38 ASP A OD1 
247 O  OD2 . ASP A 66  ? 0.8383 0.9570 0.8281 -0.0244 -0.0083 0.0427  38 ASP A OD2 
248 N  N   . HIS A 67  ? 0.3751 0.4283 0.4038 -0.0329 -0.0012 0.0329  39 HIS A N   
249 C  CA  . HIS A 67  ? 0.3833 0.4307 0.4210 -0.0390 0.0054  0.0266  39 HIS A CA  
250 C  C   . HIS A 67  ? 0.3558 0.4119 0.4073 -0.0392 0.0053  0.0145  39 HIS A C   
251 O  O   . HIS A 67  ? 0.3857 0.4460 0.4501 -0.0428 0.0093  0.0043  39 HIS A O   
252 C  CB  . HIS A 67  ? 0.4174 0.4537 0.4482 -0.0432 0.0093  0.0349  39 HIS A CB  
253 C  CG  . HIS A 67  ? 0.4893 0.5187 0.5206 -0.0498 0.0161  0.0375  39 HIS A CG  
254 N  ND1 . HIS A 67  ? 0.4882 0.5086 0.5161 -0.0499 0.0161  0.0443  39 HIS A ND1 
255 C  CD2 . HIS A 67  ? 0.4723 0.5029 0.5080 -0.0570 0.0230  0.0354  39 HIS A CD2 
256 C  CE1 . HIS A 67  ? 0.5592 0.5719 0.5878 -0.0560 0.0213  0.0506  39 HIS A CE1 
257 N  NE2 . HIS A 67  ? 0.4907 0.5107 0.5231 -0.0616 0.0269  0.0458  39 HIS A NE2 
258 N  N   . ILE A 68  ? 0.3511 0.4107 0.4052 -0.0350 -0.0001 0.0134  40 ILE A N   
259 C  CA  . ILE A 68  ? 0.3455 0.4163 0.4171 -0.0340 -0.0015 -0.0021 40 ILE A CA  
260 C  C   . ILE A 68  ? 0.3559 0.4420 0.4358 -0.0286 -0.0068 -0.0136 40 ILE A C   
261 O  O   . ILE A 68  ? 0.3362 0.4331 0.4345 -0.0319 -0.0031 -0.0307 40 ILE A O   
262 C  CB  . ILE A 68  ? 0.3546 0.4249 0.4322 -0.0278 -0.0098 -0.0010 40 ILE A CB  
263 C  CG1 . ILE A 68  ? 0.3535 0.4160 0.4288 -0.0339 -0.0036 0.0025  40 ILE A CG1 
264 C  CG2 . ILE A 68  ? 0.3457 0.4302 0.4450 -0.0233 -0.0155 -0.0190 40 ILE A CG2 
265 C  CD1 . ILE A 68  ? 0.3529 0.4097 0.4364 -0.0284 -0.0114 0.0063  40 ILE A CD1 
266 N  N   . ALA A 69  ? 0.3604 0.4525 0.4283 -0.0203 -0.0157 -0.0059 41 ALA A N   
267 C  CA  . ALA A 69  ? 0.3765 0.4914 0.4491 -0.0131 -0.0227 -0.0182 41 ALA A CA  
268 C  C   . ALA A 69  ? 0.3674 0.4891 0.4543 -0.0195 -0.0144 -0.0342 41 ALA A C   
269 O  O   . ALA A 69  ? 0.3747 0.5143 0.4821 -0.0181 -0.0156 -0.0554 41 ALA A O   
270 C  CB  . ALA A 69  ? 0.3848 0.5074 0.4361 -0.0059 -0.0308 -0.0030 41 ALA A CB  
271 N  N   . MSE A 70  ? 0.3669 0.4732 0.4483 -0.0265 -0.0065 -0.0255 42 MSE A N   
272 C  CA  . MSE A 70  ? 0.3504 0.4560 0.4515 -0.0327 0.0005  -0.0377 42 MSE A CA  
273 C  C   . MSE A 70  ? 0.3585 0.4565 0.4806 -0.0420 0.0092  -0.0454 42 MSE A C   
274 O  O   . MSE A 70  ? 0.3638 0.4701 0.5136 -0.0454 0.0126  -0.0634 42 MSE A O   
275 C  CB  . MSE A 70  ? 0.3623 0.4517 0.4550 -0.0361 0.0042  -0.0252 42 MSE A CB  
276 C  CG  . MSE A 70  ? 0.3702 0.4759 0.4459 -0.0286 -0.0026 -0.0227 42 MSE A CG  
277 SE SE  . MSE A 70  ? 0.5486 0.6399 0.6283 -0.0323 0.0014  -0.0182 42 MSE A SE  
278 C  CE  . MSE A 70  ? 0.4025 0.4663 0.4597 -0.0363 0.0046  0.0073  42 MSE A CE  
279 N  N   . VAL A 71  ? 0.3584 0.4429 0.4717 -0.0477 0.0145  -0.0339 43 VAL A N   
280 C  CA  . VAL A 71  ? 0.3808 0.4652 0.5131 -0.0585 0.0249  -0.0420 43 VAL A CA  
281 C  C   . VAL A 71  ? 0.3790 0.4871 0.5345 -0.0547 0.0212  -0.0670 43 VAL A C   
282 O  O   . VAL A 71  ? 0.3860 0.5006 0.5698 -0.0627 0.0290  -0.0829 43 VAL A O   
283 C  CB  . VAL A 71  ? 0.3952 0.4721 0.5124 -0.0643 0.0305  -0.0298 43 VAL A CB  
284 C  CG1 . VAL A 71  ? 0.4604 0.5469 0.5955 -0.0759 0.0419  -0.0408 43 VAL A CG1 
285 C  CG2 . VAL A 71  ? 0.4238 0.4813 0.5218 -0.0688 0.0347  -0.0081 43 VAL A CG2 
286 N  N   . GLU A 72  ? 0.4005 0.5223 0.5483 -0.0424 0.0086  -0.0713 44 GLU A N   
287 C  CA  . GLU A 72  ? 0.4088 0.5555 0.5786 -0.0363 0.0021  -0.0954 44 GLU A CA  
288 C  C   . GLU A 72  ? 0.4254 0.5900 0.6127 -0.0328 -0.0007 -0.1137 44 GLU A C   
289 O  O   . GLU A 72  ? 0.4328 0.6146 0.6507 -0.0357 0.0021  -0.1382 44 GLU A O   
290 C  CB  . GLU A 72  ? 0.4302 0.5865 0.5888 -0.0212 -0.0142 -0.0926 44 GLU A CB  
291 C  CG  . GLU A 72  ? 0.4299 0.5753 0.5871 -0.0242 -0.0121 -0.0860 44 GLU A CG  
292 C  CD  . GLU A 72  ? 0.4260 0.5813 0.6094 -0.0358 0.0000  -0.1064 44 GLU A CD  
293 O  OE1 . GLU A 72  ? 0.3970 0.5747 0.6060 -0.0315 -0.0047 -0.1310 44 GLU A OE1 
294 O  OE2 . GLU A 72  ? 0.4663 0.6096 0.6426 -0.0489 0.0138  -0.0966 44 GLU A OE2 
295 N  N   . LEU A 73  ? 0.4051 0.5712 0.5762 -0.0266 -0.0065 -0.1057 45 LEU A N   
296 C  CA  . LEU A 73  ? 0.4416 0.6318 0.6321 -0.0226 -0.0097 -0.1281 45 LEU A CA  
297 C  C   . LEU A 73  ? 0.4638 0.6428 0.6903 -0.0365 0.0041  -0.1406 45 LEU A C   
298 O  O   . LEU A 73  ? 0.4551 0.6558 0.7175 -0.0369 0.0044  -0.1697 45 LEU A O   
299 C  CB  . LEU A 73  ? 0.4477 0.6510 0.6134 -0.0130 -0.0187 -0.1202 45 LEU A CB  
300 C  CG  . LEU A 73  ? 0.4624 0.6798 0.5961 0.0002  -0.0327 -0.1060 45 LEU A CG  
301 C  CD1 . LEU A 73  ? 0.5251 0.7517 0.6310 0.0042  -0.0363 -0.0918 45 LEU A CD1 
302 C  CD2 . LEU A 73  ? 0.5022 0.7534 0.6464 0.0120  -0.0455 -0.1259 45 LEU A CD2 
303 N  N   . LEU A 74  ? 0.4195 0.5657 0.6398 -0.0478 0.0149  -0.1191 46 LEU A N   
304 C  CA  . LEU A 74  ? 0.4526 0.5823 0.7068 -0.0619 0.0275  -0.1234 46 LEU A CA  
305 C  C   . LEU A 74  ? 0.5063 0.6429 0.7882 -0.0722 0.0373  -0.1380 46 LEU A C   
306 O  O   . LEU A 74  ? 0.5186 0.6650 0.8431 -0.0778 0.0421  -0.1614 46 LEU A O   
307 C  CB  . LEU A 74  ? 0.4538 0.5481 0.6915 -0.0704 0.0350  -0.0929 46 LEU A CB  
308 C  CG  . LEU A 74  ? 0.4572 0.5465 0.6863 -0.0626 0.0274  -0.0875 46 LEU A CG  
309 C  CD1 . LEU A 74  ? 0.5139 0.5701 0.7270 -0.0686 0.0320  -0.0583 46 LEU A CD1 
310 C  CD2 . LEU A 74  ? 0.4974 0.5997 0.7697 -0.0610 0.0252  -0.1144 46 LEU A CD2 
311 N  N   . GLU A 75  ? 0.5122 0.6467 0.7758 -0.0755 0.0408  -0.1282 47 GLU A N   
312 C  CA  . GLU A 75  ? 0.5306 0.6794 0.8230 -0.0857 0.0506  -0.1473 47 GLU A CA  
313 C  C   . GLU A 75  ? 0.5197 0.7029 0.8455 -0.0775 0.0428  -0.1847 47 GLU A C   
314 O  O   . GLU A 75  ? 0.5532 0.7473 0.9198 -0.0888 0.0534  -0.2064 47 GLU A O   
315 C  CB  . GLU A 75  ? 0.5487 0.6987 0.8175 -0.0873 0.0526  -0.1369 47 GLU A CB  
316 C  CG  . GLU A 75  ? 0.5995 0.7222 0.8432 -0.0991 0.0638  -0.1052 47 GLU A CG  
317 C  CD  . GLU A 75  ? 0.6376 0.7668 0.8626 -0.1026 0.0678  -0.0993 47 GLU A CD  
318 O  OE1 . GLU A 75  ? 0.6796 0.8327 0.9213 -0.1002 0.0659  -0.1223 47 GLU A OE1 
319 O  OE2 . GLU A 75  ? 0.6324 0.7460 0.8306 -0.1076 0.0726  -0.0748 47 GLU A OE2 
320 N  N   . LYS A 76  ? 0.4794 0.4860 0.8483 -0.0278 0.0101  -0.0487 48 LYS A N   
321 C  CA  . LYS A 76  ? 0.5350 0.5778 0.9444 -0.0345 -0.0303 -0.0461 48 LYS A CA  
322 C  C   . LYS A 76  ? 0.5986 0.6430 1.0237 -0.0621 -0.0554 -0.0656 48 LYS A C   
323 O  O   . LYS A 76  ? 0.6364 0.7101 1.1211 -0.0759 -0.0967 -0.0648 48 LYS A O   
324 C  CB  . LYS A 76  ? 0.5919 0.6194 0.9411 -0.0311 -0.0629 -0.0375 48 LYS A CB  
325 C  CG  . LYS A 76  ? 0.7227 0.7099 1.0626 -0.0063 -0.0719 -0.0152 48 LYS A CG  
326 C  CD  . LYS A 76  ? 0.7815 0.8004 1.1898 0.0291  -0.0879 -0.0083 48 LYS A CD  
327 C  CE  . LYS A 76  ? 0.9221 0.8657 1.3059 0.0736  -0.1098 -0.0016 48 LYS A CE  
328 N  NZ  . LYS A 76  ? 0.9956 0.8772 1.3215 0.0381  -0.1550 0.0322  48 LYS A NZ  
329 N  N   . GLN A 77  ? 0.5634 0.5681 0.9305 -0.0655 -0.0435 -0.0861 49 GLN A N   
330 C  CA  . GLN A 77  ? 0.6396 0.6064 1.0045 -0.0762 -0.0796 -0.1186 49 GLN A CA  
331 C  C   . GLN A 77  ? 0.6229 0.5762 1.0757 -0.1053 -0.0736 -0.0938 49 GLN A C   
332 O  O   . GLN A 77  ? 0.6438 0.5362 1.1060 -0.1195 -0.1172 -0.1132 49 GLN A O   
333 C  CB  . GLN A 77  ? 0.6730 0.6136 0.9369 -0.0491 -0.0672 -0.1485 49 GLN A CB  
334 C  CG  . GLN A 77  ? 0.8338 0.7984 1.0081 -0.0134 -0.1004 -0.1840 49 GLN A CG  
335 C  CD  . GLN A 77  ? 0.8839 0.9070 1.0502 -0.0147 -0.1126 -0.1601 49 GLN A CD  
336 O  OE1 . GLN A 77  ? 0.8792 0.9118 1.0238 -0.0009 -0.1643 -0.1885 49 GLN A OE1 
337 N  NE2 . GLN A 77  ? 1.0435 1.0916 1.2253 -0.0296 -0.0781 -0.1089 49 GLN A NE2 
338 N  N   . GLY A 78  ? 0.6052 0.6145 1.1142 -0.1069 -0.0243 -0.0484 50 GLY A N   
339 C  CA  . GLY A 78  ? 0.5989 0.6353 1.1940 -0.1343 -0.0101 -0.0015 50 GLY A CA  
340 C  C   . GLY A 78  ? 0.5354 0.5141 1.0740 -0.1301 0.0138  -0.0085 50 GLY A C   
341 O  O   . GLY A 78  ? 0.5956 0.5685 1.1953 -0.1598 0.0062  0.0307  50 GLY A O   
342 N  N   . LEU A 79  ? 0.6181 0.5609 1.0499 -0.0985 0.0350  -0.0470 51 LEU A N   
343 C  CA  . LEU A 79  ? 0.6324 0.5423 1.0134 -0.0887 0.0618  -0.0480 51 LEU A CA  
344 C  C   . LEU A 79  ? 0.6623 0.6178 1.0263 -0.0717 0.1169  -0.0213 51 LEU A C   
345 O  O   . LEU A 79  ? 0.7692 0.7463 1.1137 -0.0511 0.1260  -0.0283 51 LEU A O   
346 C  CB  . LEU A 79  ? 0.6767 0.5547 0.9635 -0.0626 0.0500  -0.0923 51 LEU A CB  
347 C  CG  . LEU A 79  ? 0.7996 0.6201 1.0763 -0.0518 -0.0079 -0.1338 51 LEU A CG  
348 C  CD1 . LEU A 79  ? 0.8162 0.6555 0.9949 -0.0033 -0.0181 -0.1783 51 LEU A CD1 
349 C  CD2 . LEU A 79  ? 0.9169 0.6752 1.2227 -0.0593 -0.0185 -0.1208 51 LEU A CD2 
350 N  N   . THR A 80  ? 0.5983 0.5551 0.9574 -0.0718 0.1425  0.0033  52 THR A N   
351 C  CA  . THR A 80  ? 0.5844 0.5862 0.9102 -0.0438 0.1877  0.0223  52 THR A CA  
352 C  C   . THR A 80  ? 0.6051 0.5672 0.8451 -0.0308 0.1963  0.0055  52 THR A C   
353 O  O   . THR A 80  ? 0.5511 0.4727 0.7715 -0.0424 0.1777  -0.0085 52 THR A O   
354 C  CB  . THR A 80  ? 0.6184 0.6945 1.0151 -0.0549 0.2136  0.0891  52 THR A CB  
355 O  OG1 . THR A 80  ? 0.5530 0.5783 0.9523 -0.0797 0.1999  0.1085  52 THR A OG1 
356 C  CG2 . THR A 80  ? 0.7235 0.8534 1.2359 -0.0874 0.1930  0.1284  52 THR A CG2 
357 N  N   . GLU A 81  ? 0.5294 0.5107 0.7140 0.0030  0.2187  0.0037  53 GLU A N   
358 C  CA  . GLU A 81  ? 0.6184 0.5658 0.7237 0.0116  0.2154  -0.0078 53 GLU A CA  
359 C  C   . GLU A 81  ? 0.6100 0.5740 0.7384 -0.0037 0.2301  0.0291  53 GLU A C   
360 O  O   . GLU A 81  ? 0.5335 0.4719 0.6248 -0.0083 0.2192  0.0255  53 GLU A O   
361 C  CB  . GLU A 81  ? 0.7521 0.7026 0.7790 0.0628  0.2211  -0.0277 53 GLU A CB  
362 C  CG  . GLU A 81  ? 0.8447 0.7545 0.7852 0.0689  0.2006  -0.0414 53 GLU A CG  
363 C  CD  . GLU A 81  ? 1.0875 0.9349 1.0171 0.0235  0.1506  -0.0513 53 GLU A CD  
364 O  OE1 . GLU A 81  ? 0.9326 0.7646 0.9005 -0.0055 0.1299  -0.0515 53 GLU A OE1 
365 O  OE2 . GLU A 81  ? 0.9613 0.7969 0.8479 0.0152  0.1298  -0.0471 53 GLU A OE2 
366 N  N   . MSE A 82  ? 0.6026 0.6166 0.8024 -0.0136 0.2488  0.0773  54 MSE A N   
367 C  CA  . MSE A 82  ? 0.6537 0.6603 0.8792 -0.0322 0.2476  0.1230  54 MSE A CA  
368 C  C   . MSE A 82  ? 0.6041 0.5243 0.8446 -0.0489 0.2053  0.0961  54 MSE A C   
369 O  O   . MSE A 82  ? 0.5534 0.4423 0.7733 -0.0415 0.1955  0.1040  54 MSE A O   
370 C  CB  . MSE A 82  ? 0.7016 0.7931 1.0178 -0.0510 0.2668  0.2041  54 MSE A CB  
371 C  CG  . MSE A 82  ? 0.7064 0.7940 1.0621 -0.0766 0.2588  0.2765  54 MSE A CG  
372 SE SE  . MSE A 82  ? 0.9071 1.1710 1.3988 -0.1119 0.2888  0.4218  54 MSE A SE  
373 C  CE  . MSE A 82  ? 0.8209 1.2248 1.2859 -0.0501 0.3434  0.3822  54 MSE A CE  
374 N  N   . ASP A 83  ? 0.6277 0.5163 0.8973 -0.0591 0.1773  0.0622  55 ASP A N   
375 C  CA  . ASP A 83  ? 0.6810 0.4996 0.9406 -0.0498 0.1347  0.0213  55 ASP A CA  
376 C  C   . ASP A 83  ? 0.5804 0.4209 0.7618 -0.0196 0.1466  -0.0096 55 ASP A C   
377 O  O   . ASP A 83  ? 0.5318 0.3532 0.6900 0.0095  0.1295  -0.0277 55 ASP A O   
378 C  CB  . ASP A 83  ? 0.6451 0.4455 0.9279 -0.0568 0.1021  -0.0145 55 ASP A CB  
379 C  CG  . ASP A 83  ? 0.7514 0.5470 1.1303 -0.0968 0.0780  0.0243  55 ASP A CG  
380 O  OD1 . ASP A 83  ? 0.7138 0.4900 1.1479 -0.1209 0.0657  0.0777  55 ASP A OD1 
381 O  OD2 . ASP A 83  ? 0.7105 0.5300 1.1194 -0.1086 0.0650  0.0122  55 ASP A OD2 
382 N  N   . VAL A 84  ? 0.5792 0.4626 0.7262 -0.0243 0.1668  -0.0121 56 VAL A N   
383 C  CA  . VAL A 84  ? 0.5206 0.4379 0.6178 -0.0171 0.1651  -0.0175 56 VAL A CA  
384 C  C   . VAL A 84  ? 0.4743 0.4032 0.5505 -0.0067 0.1723  0.0044  56 VAL A C   
385 O  O   . VAL A 84  ? 0.5145 0.4769 0.5812 0.0140  0.1647  0.0039  56 VAL A O   
386 C  CB  . VAL A 84  ? 0.5287 0.4516 0.6016 -0.0348 0.1597  -0.0178 56 VAL A CB  
387 C  CG1 . VAL A 84  ? 0.5267 0.4779 0.5670 -0.0480 0.1407  -0.0007 56 VAL A CG1 
388 C  CG2 . VAL A 84  ? 0.5096 0.4325 0.6004 -0.0424 0.1456  -0.0316 56 VAL A CG2 
389 N  N   . LYS A 85  ? 0.5270 0.4476 0.5943 -0.0105 0.1883  0.0270  57 LYS A N   
390 C  CA  . LYS A 85  ? 0.4820 0.4170 0.5229 0.0003  0.1926  0.0544  57 LYS A CA  
391 C  C   . LYS A 85  ? 0.5209 0.4319 0.5964 0.0175  0.1845  0.0711  57 LYS A C   
392 O  O   . LYS A 85  ? 0.5402 0.4714 0.5998 0.0388  0.1759  0.0800  57 LYS A O   
393 C  CB  . LYS A 85  ? 0.5822 0.5315 0.5936 0.0056  0.2132  0.0767  57 LYS A CB  
394 C  CG  . LYS A 85  ? 0.6517 0.5963 0.5983 0.0123  0.2016  0.0437  57 LYS A CG  
395 C  CD  . LYS A 85  ? 0.7862 0.7251 0.6861 0.0021  0.1626  0.0365  57 LYS A CD  
396 C  CE  . LYS A 85  ? 0.9884 0.8824 0.8104 0.0086  0.1206  0.0026  57 LYS A CE  
397 N  NZ  . LYS A 85  ? 1.1333 1.0221 0.9470 -0.0281 0.0617  0.0119  57 LYS A NZ  
398 N  N   . ASN A 86  ? 0.7190 0.5033 0.7034 -0.0338 0.2136  -0.0067 58 ASN A N   
399 C  CA  . ASN A 86  ? 0.7261 0.4957 0.7100 -0.0292 0.2159  0.0009  58 ASN A CA  
400 C  C   . ASN A 86  ? 0.6616 0.4668 0.6565 -0.0184 0.1798  0.0009  58 ASN A C   
401 O  O   . ASN A 86  ? 0.6552 0.4456 0.6264 -0.0112 0.1732  0.0138  58 ASN A O   
402 C  CB  . ASN A 86  ? 0.7793 0.5345 0.8168 -0.0381 0.2485  -0.0129 58 ASN A CB  
403 C  CG  . ASN A 86  ? 0.8867 0.5877 0.8891 -0.0500 0.2939  -0.0059 58 ASN A CG  
404 O  OD1 . ASN A 86  ? 0.8827 0.5462 0.8041 -0.0492 0.2983  0.0155  58 ASN A OD1 
405 N  ND2 . ASN A 86  ? 0.9129 0.6083 0.9744 -0.0615 0.3271  -0.0254 58 ASN A ND2 
406 N  N   . PHE A 87  ? 0.5897 0.4377 0.6171 -0.0179 0.1570  -0.0130 59 PHE A N   
407 C  CA  . PHE A 87  ? 0.5667 0.4457 0.5964 -0.0107 0.1274  -0.0142 59 PHE A CA  
408 C  C   . PHE A 87  ? 0.5687 0.4372 0.5432 -0.0032 0.1147  0.0043  59 PHE A C   
409 O  O   . PHE A 87  ? 0.5439 0.4137 0.5118 0.0040  0.1034  0.0092  59 PHE A O   
410 C  CB  . PHE A 87  ? 0.5427 0.4607 0.5971 -0.0121 0.1039  -0.0271 59 PHE A CB  
411 C  CG  . PHE A 87  ? 0.5250 0.4686 0.5697 -0.0074 0.0798  -0.0283 59 PHE A CG  
412 C  CD1 . PHE A 87  ? 0.5081 0.4583 0.5151 -0.0033 0.0657  -0.0169 59 PHE A CD1 
413 C  CD2 . PHE A 87  ? 0.5331 0.4929 0.6092 -0.0084 0.0741  -0.0438 59 PHE A CD2 
414 C  CE1 . PHE A 87  ? 0.5026 0.4729 0.5049 -0.0010 0.0512  -0.0203 59 PHE A CE1 
415 C  CE2 . PHE A 87  ? 0.5282 0.5082 0.5922 -0.0067 0.0581  -0.0476 59 PHE A CE2 
416 C  CZ  . PHE A 87  ? 0.5132 0.4978 0.5417 -0.0036 0.0488  -0.0360 59 PHE A CZ  
417 N  N   . ILE A 88  ? 0.5429 0.4022 0.4838 -0.0045 0.1151  0.0118  60 ILE A N   
418 C  CA  . ILE A 88  ? 0.5596 0.4099 0.4508 0.0030  0.0992  0.0264  60 ILE A CA  
419 C  C   . ILE A 88  ? 0.6103 0.4226 0.4697 0.0091  0.1032  0.0415  60 ILE A C   
420 O  O   . ILE A 88  ? 0.6195 0.4358 0.4700 0.0186  0.0820  0.0478  60 ILE A O   
421 C  CB  . ILE A 88  ? 0.5915 0.4335 0.4525 -0.0012 0.1031  0.0289  60 ILE A CB  
422 C  CG1 . ILE A 88  ? 0.5543 0.4342 0.4490 -0.0052 0.0920  0.0168  60 ILE A CG1 
423 C  CG2 . ILE A 88  ? 0.6237 0.4509 0.4322 0.0064  0.0864  0.0419  60 ILE A CG2 
424 C  CD1 . ILE A 88  ? 0.5913 0.4608 0.4698 -0.0110 0.1025  0.0152  60 ILE A CD1 
425 N  N   . LEU A 89  ? 0.6466 0.4202 0.4930 0.0032  0.1312  0.0467  61 LEU A N   
426 C  CA  . LEU A 89  ? 0.7284 0.4532 0.5339 0.0078  0.1376  0.0657  61 LEU A CA  
427 C  C   . LEU A 89  ? 0.7033 0.4328 0.5459 0.0147  0.1304  0.0658  61 LEU A C   
428 O  O   . LEU A 89  ? 0.7703 0.4692 0.5876 0.0230  0.1210  0.0821  61 LEU A O   
429 C  CB  . LEU A 89  ? 0.8075 0.4860 0.5877 -0.0038 0.1766  0.0705  61 LEU A CB  
430 C  CG  . LEU A 89  ? 0.8231 0.4855 0.5562 -0.0119 0.1890  0.0707  61 LEU A CG  
431 C  CD1 . LEU A 89  ? 0.8583 0.4826 0.5848 -0.0275 0.2363  0.0668  61 LEU A CD1 
432 C  CD2 . LEU A 89  ? 0.9082 0.5401 0.5629 -0.0034 0.1665  0.0903  61 LEU A CD2 
433 N  N   . GLU A 90  ? 0.6481 0.4157 0.5517 0.0113  0.1323  0.0464  62 GLU A N   
434 C  CA  . GLU A 90  ? 0.6763 0.4526 0.6220 0.0163  0.1279  0.0406  62 GLU A CA  
435 C  C   . GLU A 90  ? 0.6333 0.4522 0.6018 0.0228  0.1000  0.0298  62 GLU A C   
436 O  O   . GLU A 90  ? 0.6174 0.4462 0.6225 0.0259  0.0973  0.0213  62 GLU A O   
437 C  CB  . GLU A 90  ? 0.6663 0.4546 0.6669 0.0071  0.1498  0.0216  62 GLU A CB  
438 C  CG  . GLU A 90  ? 0.7096 0.4517 0.6971 -0.0007 0.1841  0.0301  62 GLU A CG  
439 C  CD  . GLU A 90  ? 0.7558 0.5114 0.8058 -0.0108 0.2066  0.0076  62 GLU A CD  
440 O  OE1 . GLU A 90  ? 0.7311 0.5313 0.8241 -0.0107 0.1895  -0.0127 62 GLU A OE1 
441 O  OE2 . GLU A 90  ? 0.8889 0.6080 0.9459 -0.0193 0.2417  0.0092  62 GLU A OE2 
442 N  N   . ASN A 91  ? 0.6037 0.4488 0.5561 0.0229  0.0836  0.0270  63 ASN A N   
443 C  CA  . ASN A 91  ? 0.5570 0.4403 0.5295 0.0260  0.0634  0.0154  63 ASN A CA  
444 C  C   . ASN A 91  ? 0.5673 0.4520 0.5087 0.0322  0.0441  0.0247  63 ASN A C   
445 O  O   . ASN A 91  ? 0.5280 0.4435 0.4710 0.0296  0.0336  0.0167  63 ASN A O   
446 C  CB  . ASN A 91  ? 0.5331 0.4511 0.5271 0.0169  0.0647  -0.0019 63 ASN A CB  
447 C  CG  . ASN A 91  ? 0.5213 0.4431 0.5550 0.0116  0.0781  -0.0166 63 ASN A CG  
448 O  OD1 . ASN A 91  ? 0.5233 0.4602 0.5848 0.0121  0.0756  -0.0298 63 ASN A OD1 
449 N  ND2 . ASN A 91  ? 0.5284 0.4375 0.5703 0.0059  0.0933  -0.0178 63 ASN A ND2 
450 N  N   . GLY A 92  ? 0.6055 0.4559 0.5205 0.0411  0.0366  0.0410  64 GLY A N   
451 C  CA  . GLY A 92  ? 0.6382 0.4871 0.5231 0.0480  0.0142  0.0483  64 GLY A CA  
452 C  C   . GLY A 92  ? 0.5900 0.4763 0.5089 0.0518  -0.0042 0.0347  64 GLY A C   
453 O  O   . GLY A 92  ? 0.5629 0.4673 0.4729 0.0506  -0.0136 0.0313  64 GLY A O   
454 N  N   . ASP A 93  ? 0.5843 0.4819 0.5467 0.0551  -0.0060 0.0246  65 ASP A N   
455 C  CA  . ASP A 93  ? 0.5572 0.4896 0.5573 0.0556  -0.0155 0.0074  65 ASP A CA  
456 C  C   . ASP A 93  ? 0.4931 0.4595 0.4949 0.0429  -0.0044 -0.0058 65 ASP A C   
457 O  O   . ASP A 93  ? 0.4729 0.4595 0.4798 0.0414  -0.0111 -0.0124 65 ASP A O   
458 C  CB  . ASP A 93  ? 0.5894 0.5294 0.6419 0.0581  -0.0121 -0.0062 65 ASP A CB  
459 C  CG  . ASP A 93  ? 0.6826 0.5884 0.7433 0.0724  -0.0280 0.0069  65 ASP A CG  
460 O  OD1 . ASP A 93  ? 0.8051 0.6753 0.8202 0.0797  -0.0411 0.0287  65 ASP A OD1 
461 O  OD2 . ASP A 93  ? 0.7150 0.6273 0.8277 0.0759  -0.0283 -0.0052 65 ASP A OD2 
462 N  N   . PHE A 94  ? 0.4855 0.4562 0.4844 0.0340  0.0114  -0.0095 66 PHE A N   
463 C  CA  . PHE A 94  ? 0.4653 0.4615 0.4585 0.0228  0.0168  -0.0186 66 PHE A CA  
464 C  C   . PHE A 94  ? 0.4543 0.4496 0.4179 0.0217  0.0100  -0.0081 66 PHE A C   
465 O  O   . PHE A 94  ? 0.4643 0.4791 0.4255 0.0162  0.0072  -0.0127 66 PHE A O   
466 C  CB  . PHE A 94  ? 0.4751 0.4704 0.4720 0.0157  0.0284  -0.0235 66 PHE A CB  
467 C  CG  . PHE A 94  ? 0.4612 0.4775 0.4498 0.0054  0.0276  -0.0316 66 PHE A CG  
468 C  CD1 . PHE A 94  ? 0.4812 0.5165 0.4789 -0.0015 0.0300  -0.0480 66 PHE A CD1 
469 C  CD2 . PHE A 94  ? 0.4584 0.4728 0.4277 0.0024  0.0236  -0.0228 66 PHE A CD2 
470 C  CE1 . PHE A 94  ? 0.4726 0.5201 0.4509 -0.0111 0.0263  -0.0526 66 PHE A CE1 
471 C  CE2 . PHE A 94  ? 0.4761 0.5052 0.4367 -0.0058 0.0179  -0.0276 66 PHE A CE2 
472 C  CZ  . PHE A 94  ? 0.4849 0.5285 0.4447 -0.0124 0.0182  -0.0407 66 PHE A CZ  
473 N  N   . ILE A 95  ? 0.4562 0.4271 0.3965 0.0251  0.0107  0.0051  67 ILE A N   
474 C  CA  . ILE A 95  ? 0.4848 0.4527 0.3992 0.0239  0.0060  0.0128  67 ILE A CA  
475 C  C   . ILE A 95  ? 0.5016 0.4780 0.4149 0.0296  -0.0100 0.0123  67 ILE A C   
476 O  O   . ILE A 95  ? 0.4930 0.4854 0.4046 0.0250  -0.0130 0.0099  67 ILE A O   
477 C  CB  . ILE A 95  ? 0.5232 0.4582 0.4095 0.0254  0.0139  0.0244  67 ILE A CB  
478 C  CG1 . ILE A 95  ? 0.5096 0.4379 0.4091 0.0185  0.0328  0.0211  67 ILE A CG1 
479 C  CG2 . ILE A 95  ? 0.5459 0.4770 0.4053 0.0243  0.0093  0.0290  67 ILE A CG2 
480 C  CD1 . ILE A 95  ? 0.4905 0.4392 0.4032 0.0100  0.0348  0.0137  67 ILE A CD1 
481 N  N   . GLU A 96  ? 0.5172 0.4819 0.4365 0.0397  -0.0217 0.0139  68 GLU A N   
482 C  CA  . GLU A 96  ? 0.5374 0.5088 0.4651 0.0469  -0.0409 0.0106  68 GLU A CA  
483 C  C   . GLU A 96  ? 0.5171 0.5220 0.4804 0.0404  -0.0371 -0.0049 68 GLU A C   
484 O  O   . GLU A 96  ? 0.4952 0.5132 0.4627 0.0387  -0.0428 -0.0090 68 GLU A O   
485 C  CB  . GLU A 96  ? 0.6111 0.5611 0.5461 0.0599  -0.0576 0.0147  68 GLU A CB  
486 C  CG  . GLU A 96  ? 0.7513 0.7072 0.7045 0.0692  -0.0828 0.0085  68 GLU A CG  
487 C  CD  . GLU A 96  ? 0.8649 0.7953 0.8271 0.0841  -0.1063 0.0140  68 GLU A CD  
488 O  OE1 . GLU A 96  ? 0.9799 0.8811 0.9219 0.0869  -0.1012 0.0274  68 GLU A OE1 
489 O  OE2 . GLU A 96  ? 0.9003 0.8395 0.8948 0.0931  -0.1304 0.0044  68 GLU A OE2 
490 N  N   . GLU A 97  ? 0.5155 0.5332 0.5024 0.0348  -0.0239 -0.0148 69 GLU A N   
491 C  CA  . GLU A 97  ? 0.4830 0.5281 0.4954 0.0250  -0.0132 -0.0308 69 GLU A CA  
492 C  C   . GLU A 97  ? 0.4890 0.5431 0.4764 0.0137  -0.0057 -0.0266 69 GLU A C   
493 O  O   . GLU A 97  ? 0.4745 0.5420 0.4715 0.0085  -0.0033 -0.0322 69 GLU A O   
494 C  CB  . GLU A 97  ? 0.5169 0.5696 0.5512 0.0201  0.0006  -0.0438 69 GLU A CB  
495 C  CG  . GLU A 97  ? 0.5634 0.6380 0.6087 0.0060  0.0179  -0.0608 69 GLU A CG  
496 C  CD  . GLU A 97  ? 0.5951 0.6837 0.6832 0.0062  0.0203  -0.0769 69 GLU A CD  
497 O  OE1 . GLU A 97  ? 0.5807 0.6639 0.7012 0.0199  0.0039  -0.0778 69 GLU A OE1 
498 O  OE2 . GLU A 97  ? 0.6042 0.7066 0.6938 -0.0079 0.0391  -0.0893 69 GLU A OE2 
499 N  N   . ARG A 98  ? 0.4350 0.4813 0.3972 0.0096  -0.0014 -0.0182 70 ARG A N   
500 C  CA  . ARG A 98  ? 0.4355 0.4866 0.3785 0.0006  0.0009  -0.0130 70 ARG A CA  
501 C  C   . ARG A 98  ? 0.4513 0.4986 0.3872 0.0043  -0.0078 -0.0049 70 ARG A C   
502 O  O   . ARG A 98  ? 0.4358 0.4903 0.3678 -0.0026 -0.0067 -0.0027 70 ARG A O   
503 C  CB  . ARG A 98  ? 0.4553 0.4990 0.3855 -0.0027 0.0033  -0.0087 70 ARG A CB  
504 C  CG  . ARG A 98  ? 0.4753 0.5256 0.4086 -0.0093 0.0099  -0.0190 70 ARG A CG  
505 C  CD  . ARG A 98  ? 0.5474 0.6090 0.4682 -0.0207 0.0144  -0.0249 70 ARG A CD  
506 N  NE  . ARG A 98  ? 0.5648 0.6242 0.4658 -0.0261 0.0082  -0.0139 70 ARG A NE  
507 C  CZ  . ARG A 98  ? 0.7552 0.8170 0.6376 -0.0366 0.0128  -0.0137 70 ARG A CZ  
508 N  NH1 . ARG A 98  ? 0.8636 0.9305 0.7405 -0.0450 0.0266  -0.0270 70 ARG A NH1 
509 N  NH2 . ARG A 98  ? 0.8377 0.8936 0.7059 -0.0400 0.0052  -0.0008 70 ARG A NH2 
510 N  N   . GLN A 99  ? 0.4348 0.4679 0.3656 0.0143  -0.0169 -0.0005 71 GLN A N   
511 C  CA  . GLN A 99  ? 0.4551 0.4837 0.3749 0.0167  -0.0250 0.0038  71 GLN A CA  
512 C  C   . GLN A 99  ? 0.4859 0.5327 0.4308 0.0157  -0.0293 -0.0054 71 GLN A C   
513 O  O   . GLN A 99  ? 0.4563 0.5092 0.4025 0.0115  -0.0297 -0.0048 71 GLN A O   
514 C  CB  . GLN A 99  ? 0.4901 0.4951 0.3879 0.0264  -0.0346 0.0095  71 GLN A CB  
515 C  CG  . GLN A 99  ? 0.5053 0.4885 0.3763 0.0244  -0.0242 0.0179  71 GLN A CG  
516 C  CD  . GLN A 99  ? 0.5693 0.5216 0.4085 0.0323  -0.0301 0.0251  71 GLN A CD  
517 O  OE1 . GLN A 99  ? 0.5539 0.4971 0.3944 0.0415  -0.0429 0.0266  71 GLN A OE1 
518 N  NE2 . GLN A 99  ? 0.5894 0.5210 0.3986 0.0286  -0.0200 0.0297  71 GLN A NE2 
519 N  N   . ASN A 100 ? 0.4564 0.5103 0.4275 0.0199  -0.0322 -0.0152 72 ASN A N   
520 C  CA  . ASN A 100 ? 0.4855 0.5575 0.4920 0.0174  -0.0318 -0.0283 72 ASN A CA  
521 C  C   . ASN A 100 ? 0.4838 0.5679 0.4913 0.0024  -0.0127 -0.0298 72 ASN A C   
522 O  O   . ASN A 100 ? 0.4828 0.5749 0.5053 -0.0020 -0.0103 -0.0336 72 ASN A O   
523 C  CB  . ASN A 100 ? 0.5479 0.6258 0.5930 0.0237  -0.0362 -0.0419 72 ASN A CB  
524 C  CG  . ASN A 100 ? 0.7113 0.7722 0.7547 0.0404  -0.0631 -0.0384 72 ASN A CG  
525 O  OD1 . ASN A 100 ? 0.6578 0.7094 0.6826 0.0465  -0.0801 -0.0337 72 ASN A OD1 
526 N  ND2 . ASN A 100 ? 0.7439 0.7965 0.8000 0.0476  -0.0681 -0.0397 72 ASN A ND2 
527 N  N   . ASP A 101 ? 0.4436 0.5260 0.4324 -0.0057 0.0000  -0.0266 73 ASP A N   
528 C  CA  . ASP A 101 ? 0.4630 0.5489 0.4385 -0.0203 0.0152  -0.0251 73 ASP A CA  
529 C  C   . ASP A 101 ? 0.4338 0.5136 0.3916 -0.0228 0.0093  -0.0111 73 ASP A C   
530 O  O   . ASP A 101 ? 0.4930 0.5745 0.4516 -0.0323 0.0179  -0.0092 73 ASP A O   
531 C  CB  . ASP A 101 ? 0.4903 0.5717 0.4409 -0.0267 0.0225  -0.0239 73 ASP A CB  
532 C  CG  . ASP A 101 ? 0.5082 0.5957 0.4784 -0.0263 0.0315  -0.0400 73 ASP A CG  
533 O  OD1 . ASP A 101 ? 0.5393 0.6367 0.5434 -0.0267 0.0391  -0.0540 73 ASP A OD1 
534 O  OD2 . ASP A 101 ? 0.5355 0.6190 0.4916 -0.0273 0.0326  -0.0409 73 ASP A OD2 
535 N  N   . ILE A 102 ? 0.4490 0.5199 0.3943 -0.0154 -0.0026 -0.0023 74 ILE A N   
536 C  CA  . ILE A 102 ? 0.4586 0.5242 0.3966 -0.0170 -0.0078 0.0075  74 ILE A CA  
537 C  C   . ILE A 102 ? 0.4626 0.5341 0.4214 -0.0144 -0.0118 0.0027  74 ILE A C   
538 O  O   . ILE A 102 ? 0.4543 0.5270 0.4194 -0.0212 -0.0087 0.0070  74 ILE A O   
539 C  CB  . ILE A 102 ? 0.4797 0.5341 0.4054 -0.0116 -0.0137 0.0130  74 ILE A CB  
540 C  CG1 . ILE A 102 ? 0.5252 0.5756 0.4393 -0.0163 -0.0115 0.0165  74 ILE A CG1 
541 C  CG2 . ILE A 102 ? 0.4838 0.5345 0.4136 -0.0130 -0.0175 0.0179  74 ILE A CG2 
542 C  CD1 . ILE A 102 ? 0.5695 0.6089 0.4829 -0.0117 -0.0132 0.0183  74 ILE A CD1 
543 N  N   . TYR A 103 ? 0.4683 0.5418 0.4393 -0.0048 -0.0202 -0.0064 75 TYR A N   
544 C  CA  . TYR A 103 ? 0.4460 0.5272 0.4419 -0.0016 -0.0275 -0.0156 75 TYR A CA  
545 C  C   . TYR A 103 ? 0.4453 0.5387 0.4690 -0.0121 -0.0133 -0.0214 75 TYR A C   
546 O  O   . TYR A 103 ? 0.4417 0.5383 0.4805 -0.0165 -0.0113 -0.0217 75 TYR A O   
547 C  CB  . TYR A 103 ? 0.4658 0.5463 0.4732 0.0112  -0.0444 -0.0262 75 TYR A CB  
548 C  CG  . TYR A 103 ? 0.4674 0.5279 0.4382 0.0203  -0.0562 -0.0187 75 TYR A CG  
549 C  CD1 . TYR A 103 ? 0.5252 0.5737 0.4684 0.0186  -0.0552 -0.0119 75 TYR A CD1 
550 C  CD2 . TYR A 103 ? 0.4977 0.5481 0.4636 0.0301  -0.0670 -0.0195 75 TYR A CD2 
551 C  CE1 . TYR A 103 ? 0.5290 0.5543 0.4342 0.0239  -0.0588 -0.0057 75 TYR A CE1 
552 C  CE2 . TYR A 103 ? 0.5390 0.5637 0.4636 0.0368  -0.0743 -0.0099 75 TYR A CE2 
553 C  CZ  . TYR A 103 ? 0.5423 0.5537 0.4339 0.0326  -0.0680 -0.0034 75 TYR A CZ  
554 O  OH  . TYR A 103 ? 0.5586 0.5393 0.4049 0.0367  -0.0691 0.0051  75 TYR A OH  
555 N  N   . ILE A 104 ? 0.4617 0.5604 0.4941 -0.0170 -0.0009 -0.0274 76 ILE A N   
556 C  CA  . ILE A 104 ? 0.4678 0.5730 0.5203 -0.0299 0.0196  -0.0336 76 ILE A CA  
557 C  C   . ILE A 104 ? 0.4696 0.5638 0.4954 -0.0429 0.0311  -0.0175 76 ILE A C   
558 O  O   . ILE A 104 ? 0.4452 0.5403 0.4907 -0.0491 0.0388  -0.0180 76 ILE A O   
559 C  CB  . ILE A 104 ? 0.4740 0.5840 0.5359 -0.0346 0.0349  -0.0456 76 ILE A CB  
560 C  CG1 . ILE A 104 ? 0.4660 0.5862 0.5702 -0.0207 0.0198  -0.0625 76 ILE A CG1 
561 C  CG2 . ILE A 104 ? 0.5226 0.6341 0.5975 -0.0515 0.0630  -0.0525 76 ILE A CG2 
562 C  CD1 . ILE A 104 ? 0.5218 0.6472 0.6444 -0.0216 0.0301  -0.0761 76 ILE A CD1 
563 N  N   . GLU A 105 ? 0.4869 0.5694 0.4715 -0.0455 0.0288  -0.0035 77 GLU A N   
564 C  CA  . GLU A 105 ? 0.5730 0.6398 0.5249 -0.0561 0.0323  0.0143  77 GLU A CA  
565 C  C   . GLU A 105 ? 0.4951 0.5587 0.4610 -0.0537 0.0224  0.0232  77 GLU A C   
566 O  O   . GLU A 105 ? 0.5080 0.5631 0.4761 -0.0628 0.0300  0.0316  77 GLU A O   
567 C  CB  . GLU A 105 ? 0.6252 0.6829 0.5417 -0.0537 0.0208  0.0235  77 GLU A CB  
568 C  CG  . GLU A 105 ? 0.7990 0.8401 0.6933 -0.0590 0.0111  0.0425  77 GLU A CG  
569 C  CD  . GLU A 105 ? 0.7960 0.8333 0.6886 -0.0511 -0.0080 0.0485  77 GLU A CD  
570 O  OE1 . GLU A 105 ? 0.7911 0.8358 0.6929 -0.0421 -0.0118 0.0400  77 GLU A OE1 
571 O  OE2 . GLU A 105 ? 1.0250 1.0491 0.9103 -0.0544 -0.0193 0.0625  77 GLU A OE2 
572 N  N   . LEU A 106 ? 0.4578 0.5257 0.4332 -0.0423 0.0070  0.0208  78 LEU A N   
573 C  CA  . LEU A 106 ? 0.4444 0.5098 0.4362 -0.0410 -0.0005 0.0256  78 LEU A CA  
574 C  C   . LEU A 106 ? 0.4401 0.5152 0.4691 -0.0419 0.0048  0.0145  78 LEU A C   
575 O  O   . LEU A 106 ? 0.4562 0.5275 0.5029 -0.0467 0.0065  0.0195  78 LEU A O   
576 C  CB  . LEU A 106 ? 0.4618 0.5261 0.4509 -0.0312 -0.0128 0.0233  78 LEU A CB  
577 C  CG  . LEU A 106 ? 0.4819 0.5364 0.4507 -0.0307 -0.0181 0.0322  78 LEU A CG  
578 C  CD1 . LEU A 106 ? 0.4662 0.5182 0.4389 -0.0233 -0.0224 0.0258  78 LEU A CD1 
579 C  CD2 . LEU A 106 ? 0.5401 0.5843 0.5092 -0.0384 -0.0220 0.0467  78 LEU A CD2 
580 N  N   . GLY A 107 ? 0.4327 0.5204 0.4805 -0.0368 0.0054  -0.0021 79 GLY A N   
581 C  CA  . GLY A 107 ? 0.4362 0.5355 0.5289 -0.0373 0.0083  -0.0171 79 GLY A CA  
582 C  C   . GLY A 107 ? 0.4557 0.5502 0.5626 -0.0523 0.0309  -0.0123 79 GLY A C   
583 O  O   . GLY A 107 ? 0.4374 0.5336 0.5770 -0.0560 0.0347  -0.0154 79 GLY A O   
584 N  N   . ALA A 108 ? 0.4555 0.5428 0.5384 -0.0614 0.0476  -0.0072 80 ALA A N   
585 C  CA  . ALA A 108 ? 0.5015 0.5759 0.5802 -0.0789 0.0746  -0.0006 80 ALA A CA  
586 C  C   . ALA A 108 ? 0.5185 0.5715 0.5727 -0.0853 0.0720  0.0237  80 ALA A C   
587 O  O   . ALA A 108 ? 0.5552 0.5985 0.6269 -0.0954 0.0868  0.0287  80 ALA A O   
588 C  CB  . ALA A 108 ? 0.5544 0.6216 0.5979 -0.0874 0.0909  -0.0003 80 ALA A CB  
589 N  N   . LYS A 109 ? 0.4959 0.5417 0.5194 -0.0787 0.0515  0.0378  81 LYS A N   
590 C  CA  . LYS A 109 ? 0.5116 0.5378 0.5240 -0.0824 0.0431  0.0593  81 LYS A CA  
591 C  C   . LYS A 109 ? 0.5059 0.5396 0.5687 -0.0789 0.0391  0.0536  81 LYS A C   
592 O  O   . LYS A 109 ? 0.5250 0.5426 0.5974 -0.0865 0.0438  0.0672  81 LYS A O   
593 C  CB  . LYS A 109 ? 0.5067 0.5274 0.4915 -0.0746 0.0205  0.0696  81 LYS A CB  
594 C  CG  . LYS A 109 ? 0.5638 0.5650 0.4939 -0.0821 0.0204  0.0840  81 LYS A CG  
595 C  CD  . LYS A 109 ? 0.5503 0.5528 0.4644 -0.0732 -0.0006 0.0856  81 LYS A CD  
596 C  CE  . LYS A 109 ? 0.6649 0.6446 0.5245 -0.0815 -0.0052 0.1004  81 LYS A CE  
597 N  NZ  . LYS A 109 ? 0.6590 0.6441 0.5098 -0.0730 -0.0235 0.0962  81 LYS A NZ  
598 N  N   . ILE A 110 ? 0.4621 0.5180 0.5551 -0.0674 0.0295  0.0332  82 ILE A N   
599 C  CA  . ILE A 110 ? 0.4633 0.5283 0.6022 -0.0637 0.0242  0.0226  82 ILE A CA  
600 C  C   . ILE A 110 ? 0.4644 0.5345 0.6452 -0.0717 0.0424  0.0119  82 ILE A C   
601 O  O   . ILE A 110 ? 0.5074 0.5696 0.7174 -0.0783 0.0493  0.0173  82 ILE A O   
602 C  CB  . ILE A 110 ? 0.4314 0.5130 0.5763 -0.0500 0.0077  0.0034  82 ILE A CB  
603 C  CG1 . ILE A 110 ? 0.4496 0.5228 0.5627 -0.0447 -0.0045 0.0132  82 ILE A CG1 
604 C  CG2 . ILE A 110 ? 0.4496 0.5426 0.6395 -0.0468 0.0027  -0.0149 82 ILE A CG2 
605 C  CD1 . ILE A 110 ? 0.4606 0.5426 0.5640 -0.0337 -0.0151 -0.0036 82 ILE A CD1 
606 N  N   . LEU A 111 ? 0.4598 0.5436 0.6531 -0.0709 0.0503  -0.0054 83 LEU A N   
607 C  CA  . LEU A 111 ? 0.5027 0.5925 0.7468 -0.0797 0.0709  -0.0196 83 LEU A CA  
608 C  C   . LEU A 111 ? 0.5810 0.6444 0.8123 -0.0979 0.0985  0.0012  83 LEU A C   
609 O  O   . LEU A 111 ? 0.5599 0.6220 0.8369 -0.1064 0.1164  -0.0055 83 LEU A O   
610 C  CB  . LEU A 111 ? 0.5066 0.6132 0.7697 -0.0768 0.0762  -0.0416 83 LEU A CB  
611 C  CG  . LEU A 111 ? 0.4760 0.6054 0.7671 -0.0601 0.0496  -0.0658 83 LEU A CG  
612 C  CD1 . LEU A 111 ? 0.5122 0.6539 0.8244 -0.0579 0.0543  -0.0843 83 LEU A CD1 
613 C  CD2 . LEU A 111 ? 0.4805 0.6225 0.8301 -0.0573 0.0423  -0.0851 83 LEU A CD2 
614 N  N   . GLY A 112 ? 0.6637 0.7035 0.8307 -0.1042 0.1014  0.0262  84 GLY A N   
615 C  CA  . GLY A 112 ? 0.7571 0.7623 0.8920 -0.1218 0.1235  0.0508  84 GLY A CA  
616 C  C   . GLY A 112 ? 0.8580 0.8402 0.9816 -0.1219 0.1080  0.0772  84 GLY A C   
617 O  O   . GLY A 112 ? 0.8643 0.8116 0.9586 -0.1355 0.1215  0.1016  84 GLY A O   
618 N  N   . HIS A 113 ? 0.8293 0.8283 0.9774 -0.1074 0.0808  0.0714  85 HIS A N   
619 C  CA  . HIS A 113 ? 1.0243 1.0077 1.1782 -0.1043 0.0620  0.0900  85 HIS A CA  
620 C  C   . HIS A 113 ? 1.2926 1.2493 1.3864 -0.1045 0.0440  0.1179  85 HIS A C   
621 O  O   . HIS A 113 ? 1.1947 1.1360 1.2984 -0.1017 0.0256  0.1340  85 HIS A O   
622 C  CB  . HIS A 113 ? 1.0624 1.0310 1.2585 -0.1139 0.0773  0.0964  85 HIS A CB  
623 C  CG  . HIS A 113 ? 0.9771 0.9758 1.2429 -0.1107 0.0863  0.0649  85 HIS A CG  
624 N  ND1 . HIS A 113 ? 0.9063 0.9185 1.2274 -0.1038 0.0743  0.0521  85 HIS A ND1 
625 C  CD2 . HIS A 113 ? 1.0509 1.0709 1.3422 -0.1121 0.1024  0.0395  85 HIS A CD2 
626 C  CE1 . HIS A 113 ? 1.0691 1.1077 1.4416 -0.1016 0.0815  0.0214  85 HIS A CE1 
627 N  NE2 . HIS A 113 ? 1.1306 1.1746 1.4897 -0.1059 0.0971  0.0134  85 HIS A NE2 
# 
